data_7DD7
#
_entry.id   7DD7
#
_cell.length_a   1.00
_cell.length_b   1.00
_cell.length_c   1.00
_cell.angle_alpha   90.00
_cell.angle_beta   90.00
_cell.angle_gamma   90.00
#
_symmetry.space_group_name_H-M   'P 1'
#
loop_
_entity.id
_entity.type
_entity.pdbx_description
1 polymer 'Calcium-Sensing Receptor'
2 branched 2-acetamido-2-deoxy-beta-D-glucopyranose-(1-4)-2-acetamido-2-deoxy-beta-D-glucopyranose
3 non-polymer 'CHLORIDE ION'
4 non-polymer 'CALCIUM ION'
5 non-polymer 2-acetamido-2-deoxy-beta-D-glucopyranose
6 non-polymer TRYPTOPHAN
7 non-polymer '2-[4-[(3S)-3-[[(1R)-1-naphthalen-1-ylethyl]amino]pyrrolidin-1-yl]phenyl]ethanoic acid'
#
_entity_poly.entity_id   1
_entity_poly.type   'polypeptide(L)'
_entity_poly.pdbx_seq_one_letter_code
;MTLYSCCLILLLFTWNTAAYGPNQRAQKKGDIILGGLFPIHFGVAAKDQDLKSRPESVECIRYNFRGFRWLQAMIFAIEE
INNSPNLLPNMTLGYRIFDTCNTVSKALEATLSFVAQNKIDSLNLDEFCNCSEHIPSTIAVVGATGSGVSTAVANLLGLF
YIPQVSYASSSRLLSNKNQFKSFLRTIPNDEHQATAMADIIEYFRWNWVGTIAADDDYGRPGIEKFREEAEERDICIDFS
ELISQYSDEEEIQQVVEVIQNSTARVIVVFSSGPDLEPLIKEIVRRNITGKIWLASEAWASSSLIAMPEFFRVIGSTIGF
ALKAGQIPGFREFLQKVHPKKSANNGFAKEFWEETFNCYLPSESKNSPASASFHKAHEEGLGAGNGTAAFRPPCTGDENI
TSVETPYMDFTHLRISYNVYLAVYSIAHALQDIYTCTPGKGLFTNGSCADIKKVEAWQVLKHLRHLNFTSNMGEQVDFDE
FGDLVGNYSIINWHLSPEDGSVVFEEVGHYNVYAKKGERLFINENKILWSGFSKEVPFSNCSRDCLPGTRKGIIEGEPTC
CFECVDCPDGEYSDETDASACDKCPEDYWSNENHTSCIPKQIEFLSWTEPFGIALTLFAVLGIFLTSFVLGVFTKFRNTP
IVKATNRELSYLLLFSLLCCFSSSLFFIGEPQNWTCRLRQPAFGISFVLCISCILVKTNRVLLVFEAKIPTSLHRKWWGL
NLQFLLVFLCTFVQIVICVIWLYTAPPSSYRNHELEDEIIFITCHEGSLMALGFLIGYTCLLAAICFFFAFKSRKLPENF
NEAKFITFSMLIFFIVWISFIPAYASTYGKFVSAVEVIAILAASFGLLACIFFNKVYIILFKPSRNTIEEVRCSTAAHAF
KVAARATLRRSNVSRKRSNSLGGSTGSTPSSSISSKSNHEDPFPLPASAERQRQQQRGCKQKVSFGSGTVTLSLSFEEPQ
KNAMANRNAKRRNSLEAQNSDDSLMRHRALLALQNSESLSAEPGFQTASSPETSSQESVVGDNKEEVPNPEAEPSLPSAN
SRNFIGTGGSSVTENTVHSLESALEVLFQ
;
_entity_poly.pdbx_strand_id   A,B
#
# COMPACT_ATOMS: atom_id res chain seq x y z
N TYR A 20 46.27 -35.58 -22.78
CA TYR A 20 47.18 -34.50 -23.15
C TYR A 20 46.44 -33.20 -23.37
N GLY A 21 45.13 -33.21 -23.16
CA GLY A 21 44.30 -32.04 -23.34
C GLY A 21 44.27 -31.59 -24.78
N PRO A 22 43.91 -30.33 -25.00
CA PRO A 22 43.84 -29.80 -26.37
C PRO A 22 45.21 -29.72 -27.02
N ASN A 23 45.22 -29.27 -28.27
CA ASN A 23 46.46 -29.04 -28.98
C ASN A 23 46.82 -27.57 -29.12
N GLN A 24 45.82 -26.68 -29.09
CA GLN A 24 46.08 -25.25 -29.08
C GLN A 24 46.27 -24.79 -27.64
N ARG A 25 47.50 -24.39 -27.30
CA ARG A 25 47.84 -24.12 -25.91
C ARG A 25 49.13 -23.31 -25.87
N ALA A 26 49.44 -22.81 -24.68
CA ALA A 26 50.73 -22.20 -24.40
C ALA A 26 51.46 -23.08 -23.40
N GLN A 27 52.73 -23.35 -23.65
CA GLN A 27 53.46 -24.31 -22.84
C GLN A 27 54.91 -23.88 -22.70
N LYS A 28 55.45 -24.05 -21.50
CA LYS A 28 56.86 -23.79 -21.25
C LYS A 28 57.30 -24.61 -20.04
N LYS A 29 58.47 -25.23 -20.17
CA LYS A 29 58.97 -26.17 -19.19
C LYS A 29 59.51 -25.43 -17.96
N GLY A 30 59.89 -26.21 -16.96
CA GLY A 30 60.44 -25.65 -15.73
C GLY A 30 60.30 -26.64 -14.61
N ASP A 31 61.00 -26.33 -13.51
CA ASP A 31 60.92 -27.18 -12.32
C ASP A 31 59.53 -27.14 -11.71
N ILE A 32 58.83 -26.03 -11.85
CA ILE A 32 57.50 -25.84 -11.28
C ILE A 32 56.57 -25.35 -12.39
N ILE A 33 55.39 -25.93 -12.47
CA ILE A 33 54.44 -25.67 -13.55
C ILE A 33 53.17 -25.09 -12.96
N LEU A 34 52.70 -23.99 -13.53
CA LEU A 34 51.44 -23.36 -13.14
C LEU A 34 50.42 -23.55 -14.24
N GLY A 35 49.15 -23.72 -13.83
CA GLY A 35 48.08 -23.81 -14.78
C GLY A 35 47.57 -22.44 -15.18
N GLY A 36 46.65 -22.43 -16.15
CA GLY A 36 46.08 -21.19 -16.61
C GLY A 36 44.90 -21.37 -17.53
N LEU A 37 43.78 -20.71 -17.20
CA LEU A 37 42.54 -20.83 -17.97
C LEU A 37 42.07 -19.43 -18.31
N PHE A 38 42.04 -19.10 -19.60
CA PHE A 38 41.65 -17.77 -20.05
C PHE A 38 40.59 -17.87 -21.13
N PRO A 39 39.72 -16.88 -21.24
CA PRO A 39 38.65 -16.88 -22.25
C PRO A 39 39.11 -16.26 -23.57
N ILE A 40 39.99 -16.96 -24.27
CA ILE A 40 40.52 -16.45 -25.53
C ILE A 40 39.39 -16.24 -26.53
N HIS A 41 38.40 -17.12 -26.53
CA HIS A 41 37.21 -16.98 -27.35
C HIS A 41 36.05 -16.50 -26.48
N PHE A 42 34.86 -16.43 -27.07
CA PHE A 42 33.67 -15.99 -26.35
C PHE A 42 32.63 -17.07 -26.17
N GLY A 43 32.60 -18.07 -27.03
CA GLY A 43 31.62 -19.13 -26.90
C GLY A 43 31.80 -20.12 -28.03
N VAL A 44 30.96 -21.15 -28.02
CA VAL A 44 31.12 -22.26 -28.94
C VAL A 44 30.08 -22.17 -30.05
N ALA A 45 30.36 -22.85 -31.16
CA ALA A 45 29.42 -22.89 -32.26
C ALA A 45 28.18 -23.67 -31.84
N ALA A 46 27.01 -23.02 -31.93
CA ALA A 46 25.76 -23.59 -31.45
C ALA A 46 25.16 -24.50 -32.50
N LYS A 47 25.75 -25.70 -32.61
CA LYS A 47 25.24 -26.75 -33.47
C LYS A 47 24.78 -27.91 -32.58
N ASP A 48 23.49 -27.97 -32.30
CA ASP A 48 22.93 -28.99 -31.43
C ASP A 48 23.11 -30.35 -32.10
N GLN A 49 24.02 -31.15 -31.58
CA GLN A 49 24.21 -32.50 -32.10
C GLN A 49 22.94 -33.32 -31.91
N ASP A 50 22.31 -33.68 -33.02
CA ASP A 50 21.18 -34.60 -33.00
C ASP A 50 21.61 -36.03 -32.76
N LEU A 51 22.90 -36.28 -32.60
CA LEU A 51 23.48 -37.57 -32.28
C LEU A 51 23.21 -38.62 -33.35
N LYS A 52 22.90 -38.20 -34.58
CA LYS A 52 22.82 -39.15 -35.68
C LYS A 52 24.17 -39.71 -36.03
N SER A 53 25.24 -39.03 -35.64
CA SER A 53 26.60 -39.52 -35.82
C SER A 53 27.36 -39.33 -34.52
N ARG A 54 28.57 -39.90 -34.47
CA ARG A 54 29.43 -39.74 -33.32
C ARG A 54 29.69 -38.26 -33.05
N PRO A 55 29.38 -37.77 -31.86
CA PRO A 55 29.65 -36.35 -31.55
C PRO A 55 31.14 -36.10 -31.48
N GLU A 56 31.59 -35.07 -32.19
CA GLU A 56 32.99 -34.70 -32.22
C GLU A 56 33.24 -33.51 -31.31
N SER A 57 34.51 -33.09 -31.21
CA SER A 57 34.88 -31.98 -30.36
C SER A 57 34.32 -30.68 -30.92
N VAL A 58 33.52 -29.98 -30.10
CA VAL A 58 32.91 -28.73 -30.54
C VAL A 58 33.98 -27.66 -30.71
N GLU A 59 33.63 -26.60 -31.44
CA GLU A 59 34.55 -25.51 -31.72
C GLU A 59 33.98 -24.20 -31.17
N CYS A 60 34.87 -23.35 -30.66
CA CYS A 60 34.48 -22.01 -30.28
C CYS A 60 34.74 -21.03 -31.42
N ILE A 61 34.04 -19.90 -31.39
CA ILE A 61 33.86 -19.12 -32.61
C ILE A 61 34.44 -17.71 -32.53
N ARG A 62 33.94 -16.89 -31.61
CA ARG A 62 34.35 -15.50 -31.58
C ARG A 62 35.73 -15.38 -30.95
N TYR A 63 36.33 -14.19 -31.10
CA TYR A 63 37.65 -13.92 -30.56
C TYR A 63 37.56 -12.81 -29.53
N ASN A 64 38.50 -12.83 -28.57
CA ASN A 64 38.49 -11.92 -27.43
C ASN A 64 39.91 -11.40 -27.21
N PHE A 65 40.17 -10.18 -27.65
CA PHE A 65 41.50 -9.61 -27.48
C PHE A 65 41.82 -9.30 -26.03
N ARG A 66 40.80 -8.99 -25.22
CA ARG A 66 41.02 -8.77 -23.81
C ARG A 66 41.55 -10.04 -23.13
N GLY A 67 41.00 -11.20 -23.50
CA GLY A 67 41.50 -12.45 -22.95
C GLY A 67 42.96 -12.69 -23.31
N PHE A 68 43.35 -12.35 -24.53
CA PHE A 68 44.75 -12.50 -24.90
C PHE A 68 45.63 -11.50 -24.17
N ARG A 69 45.12 -10.29 -23.91
CA ARG A 69 45.85 -9.37 -23.06
C ARG A 69 46.08 -9.97 -21.67
N TRP A 70 45.06 -10.60 -21.11
CA TRP A 70 45.20 -11.24 -19.80
C TRP A 70 46.27 -12.34 -19.84
N LEU A 71 46.20 -13.21 -20.84
CA LEU A 71 47.18 -14.28 -20.96
C LEU A 71 48.59 -13.72 -21.10
N GLN A 72 48.75 -12.66 -21.89
CA GLN A 72 50.03 -12.00 -22.01
C GLN A 72 50.50 -11.44 -20.68
N ALA A 73 49.58 -10.93 -19.88
CA ALA A 73 49.94 -10.44 -18.55
C ALA A 73 50.49 -11.56 -17.68
N MET A 74 49.83 -12.72 -17.71
CA MET A 74 50.33 -13.85 -16.91
C MET A 74 51.70 -14.29 -17.39
N ILE A 75 51.90 -14.37 -18.70
CA ILE A 75 53.19 -14.79 -19.24
C ILE A 75 54.27 -13.79 -18.84
N PHE A 76 53.96 -12.50 -18.93
CA PHE A 76 54.90 -11.46 -18.50
C PHE A 76 55.27 -11.61 -17.04
N ALA A 77 54.26 -11.89 -16.20
CA ALA A 77 54.53 -12.07 -14.77
C ALA A 77 55.48 -13.23 -14.54
N ILE A 78 55.21 -14.36 -15.20
CA ILE A 78 56.08 -15.53 -15.01
C ILE A 78 57.50 -15.24 -15.48
N GLU A 79 57.63 -14.56 -16.62
CA GLU A 79 58.95 -14.23 -17.12
C GLU A 79 59.70 -13.30 -16.18
N GLU A 80 59.01 -12.28 -15.66
CA GLU A 80 59.62 -11.37 -14.71
C GLU A 80 60.03 -12.09 -13.43
N ILE A 81 59.24 -13.05 -12.98
CA ILE A 81 59.61 -13.86 -11.82
C ILE A 81 60.89 -14.62 -12.12
N ASN A 82 60.95 -15.29 -13.28
CA ASN A 82 62.13 -16.06 -13.64
C ASN A 82 63.36 -15.17 -13.81
N ASN A 83 63.16 -13.88 -14.12
CA ASN A 83 64.29 -12.99 -14.33
C ASN A 83 64.81 -12.38 -13.03
N SER A 84 63.94 -12.18 -12.04
CA SER A 84 64.37 -11.58 -10.78
C SER A 84 65.25 -12.58 -10.02
N PRO A 85 66.40 -12.15 -9.49
CA PRO A 85 67.34 -13.12 -8.91
C PRO A 85 67.04 -13.50 -7.47
N ASN A 86 66.20 -12.71 -6.79
CA ASN A 86 65.93 -12.97 -5.39
C ASN A 86 64.80 -13.97 -5.19
N LEU A 87 63.66 -13.75 -5.83
CA LEU A 87 62.51 -14.64 -5.68
C LEU A 87 62.80 -15.96 -6.38
N LEU A 88 62.93 -17.03 -5.60
CA LEU A 88 63.21 -18.37 -6.10
C LEU A 88 64.44 -18.40 -7.00
N PRO A 89 65.64 -18.21 -6.44
CA PRO A 89 66.84 -18.31 -7.26
C PRO A 89 67.18 -19.76 -7.58
N ASN A 90 67.90 -19.95 -8.68
CA ASN A 90 68.31 -21.28 -9.15
C ASN A 90 67.10 -22.18 -9.38
N MET A 91 65.96 -21.59 -9.71
CA MET A 91 64.76 -22.35 -10.02
C MET A 91 63.94 -21.56 -11.04
N THR A 92 63.29 -22.28 -11.95
CA THR A 92 62.56 -21.67 -13.03
C THR A 92 61.08 -22.04 -12.95
N LEU A 93 60.24 -21.11 -13.37
CA LEU A 93 58.80 -21.33 -13.41
C LEU A 93 58.36 -21.65 -14.83
N GLY A 94 57.54 -22.68 -14.97
CA GLY A 94 56.95 -23.04 -16.24
C GLY A 94 55.44 -22.96 -16.15
N TYR A 95 54.79 -23.19 -17.29
CA TYR A 95 53.34 -23.07 -17.33
C TYR A 95 52.76 -23.96 -18.42
N ARG A 96 51.48 -24.29 -18.24
CA ARG A 96 50.68 -25.00 -19.23
C ARG A 96 49.33 -24.30 -19.24
N ILE A 97 49.21 -23.28 -20.09
CA ILE A 97 48.02 -22.44 -20.15
C ILE A 97 47.14 -22.89 -21.29
N PHE A 98 45.85 -23.03 -21.01
CA PHE A 98 44.85 -23.52 -21.95
C PHE A 98 43.80 -22.44 -22.20
N ASP A 99 42.79 -22.80 -22.97
CA ASP A 99 41.72 -21.89 -23.34
C ASP A 99 40.39 -22.47 -22.88
N THR A 100 39.48 -21.59 -22.46
CA THR A 100 38.18 -22.01 -21.95
C THR A 100 37.04 -21.78 -22.91
N CYS A 101 37.16 -20.81 -23.81
CA CYS A 101 36.07 -20.41 -24.71
C CYS A 101 34.78 -20.16 -23.92
N ASN A 102 34.92 -19.78 -22.65
CA ASN A 102 33.83 -19.39 -21.76
C ASN A 102 32.81 -20.50 -21.53
N THR A 103 33.17 -21.75 -21.80
CA THR A 103 32.26 -22.87 -21.59
C THR A 103 32.86 -23.84 -20.57
N VAL A 104 31.99 -24.69 -20.01
CA VAL A 104 32.44 -25.60 -18.97
C VAL A 104 33.16 -26.82 -19.55
N SER A 105 32.80 -27.24 -20.75
CA SER A 105 33.42 -28.43 -21.34
C SER A 105 34.92 -28.22 -21.54
N LYS A 106 35.30 -27.08 -22.12
CA LYS A 106 36.71 -26.83 -22.39
C LYS A 106 37.50 -26.73 -21.09
N ALA A 107 36.99 -25.99 -20.12
CA ALA A 107 37.69 -25.89 -18.84
C ALA A 107 37.82 -27.25 -18.19
N LEU A 108 36.80 -28.10 -18.32
CA LEU A 108 36.86 -29.40 -17.65
C LEU A 108 37.86 -30.33 -18.31
N GLU A 109 37.92 -30.35 -19.65
CA GLU A 109 38.94 -31.17 -20.29
C GLU A 109 40.34 -30.65 -19.95
N ALA A 110 40.50 -29.32 -19.89
CA ALA A 110 41.79 -28.76 -19.49
C ALA A 110 42.18 -29.21 -18.09
N THR A 111 41.26 -29.10 -17.13
CA THR A 111 41.59 -29.49 -15.75
C THR A 111 41.83 -30.98 -15.65
N LEU A 112 41.10 -31.79 -16.43
CA LEU A 112 41.40 -33.21 -16.49
C LEU A 112 42.82 -33.45 -16.97
N SER A 113 43.29 -32.64 -17.92
CA SER A 113 44.69 -32.70 -18.31
C SER A 113 45.60 -32.23 -17.19
N PHE A 114 45.10 -31.38 -16.29
CA PHE A 114 45.91 -30.91 -15.17
C PHE A 114 46.18 -32.02 -14.17
N VAL A 115 45.12 -32.65 -13.65
CA VAL A 115 45.22 -33.54 -12.50
C VAL A 115 45.60 -34.95 -12.92
N ALA A 116 45.98 -35.11 -14.19
CA ALA A 116 46.25 -36.44 -14.73
C ALA A 116 47.24 -37.22 -13.89
N GLN A 117 48.39 -36.62 -13.58
CA GLN A 117 49.47 -37.36 -12.93
C GLN A 117 49.18 -37.70 -11.47
N ASN A 118 48.15 -37.10 -10.88
CA ASN A 118 47.82 -37.40 -9.49
C ASN A 118 47.42 -38.87 -9.34
N LYS A 119 46.33 -39.26 -9.97
CA LYS A 119 45.89 -40.66 -9.94
C LYS A 119 45.32 -41.08 -11.28
N HIS A 134 56.14 -39.07 -16.28
CA HIS A 134 56.65 -38.45 -17.49
C HIS A 134 55.88 -37.18 -17.83
N ILE A 135 54.72 -37.02 -17.22
CA ILE A 135 53.86 -35.85 -17.41
C ILE A 135 54.11 -34.89 -16.26
N PRO A 136 54.32 -33.60 -16.54
CA PRO A 136 54.56 -32.65 -15.44
C PRO A 136 53.33 -32.52 -14.55
N SER A 137 53.58 -32.29 -13.27
CA SER A 137 52.54 -32.17 -12.26
C SER A 137 52.36 -30.69 -11.94
N THR A 138 51.26 -30.11 -12.42
CA THR A 138 50.96 -28.71 -12.14
C THR A 138 50.74 -28.52 -10.65
N ILE A 139 51.26 -27.39 -10.12
CA ILE A 139 51.18 -27.11 -8.70
C ILE A 139 50.14 -26.05 -8.37
N ALA A 140 49.71 -25.25 -9.34
CA ALA A 140 48.75 -24.19 -9.07
C ALA A 140 48.04 -23.81 -10.36
N VAL A 141 46.81 -23.33 -10.24
CA VAL A 141 45.96 -23.00 -11.38
C VAL A 141 45.48 -21.57 -11.23
N VAL A 142 45.85 -20.73 -12.19
CA VAL A 142 45.43 -19.33 -12.23
C VAL A 142 44.50 -19.19 -13.41
N GLY A 143 43.22 -19.02 -13.16
CA GLY A 143 42.27 -18.82 -14.24
C GLY A 143 40.84 -19.04 -13.77
N ALA A 144 40.04 -19.61 -14.68
CA ALA A 144 38.62 -19.81 -14.46
C ALA A 144 37.91 -18.47 -14.22
N THR A 145 37.89 -17.62 -15.25
CA THR A 145 37.37 -16.27 -15.17
C THR A 145 35.85 -16.21 -15.09
N GLY A 146 35.17 -17.34 -15.05
CA GLY A 146 33.73 -17.36 -14.95
C GLY A 146 33.30 -18.09 -13.70
N SER A 147 32.39 -17.47 -12.95
CA SER A 147 31.93 -18.04 -11.69
C SER A 147 31.18 -19.34 -11.87
N GLY A 148 30.63 -19.59 -13.06
CA GLY A 148 30.06 -20.89 -13.35
C GLY A 148 31.15 -21.86 -13.75
N VAL A 149 32.11 -21.35 -14.51
CA VAL A 149 33.26 -22.15 -14.91
C VAL A 149 34.13 -22.48 -13.71
N SER A 150 34.43 -21.47 -12.89
CA SER A 150 35.33 -21.68 -11.75
C SER A 150 34.71 -22.61 -10.73
N THR A 151 33.38 -22.60 -10.58
CA THR A 151 32.73 -23.53 -9.68
C THR A 151 33.01 -24.97 -10.10
N ALA A 152 32.76 -25.28 -11.36
CA ALA A 152 32.97 -26.64 -11.85
C ALA A 152 34.45 -27.02 -11.84
N VAL A 153 35.33 -26.04 -12.01
CA VAL A 153 36.75 -26.35 -11.94
C VAL A 153 37.18 -26.63 -10.50
N ALA A 154 36.73 -25.80 -9.55
CA ALA A 154 37.11 -25.95 -8.15
C ALA A 154 36.55 -27.23 -7.56
N ASN A 155 35.38 -27.67 -8.02
CA ASN A 155 34.85 -28.96 -7.57
C ASN A 155 35.86 -30.07 -7.84
N LEU A 156 36.56 -30.01 -8.97
CA LEU A 156 37.48 -31.06 -9.36
C LEU A 156 38.88 -30.84 -8.81
N LEU A 157 39.33 -29.59 -8.71
CA LEU A 157 40.68 -29.34 -8.20
C LEU A 157 40.76 -29.60 -6.70
N GLY A 158 39.79 -29.08 -5.94
CA GLY A 158 39.80 -29.26 -4.50
C GLY A 158 39.79 -30.70 -4.04
N LEU A 159 39.41 -31.64 -4.92
CA LEU A 159 39.46 -33.05 -4.57
C LEU A 159 40.90 -33.51 -4.37
N PHE A 160 41.85 -32.87 -5.03
CA PHE A 160 43.27 -33.16 -4.87
C PHE A 160 44.00 -32.11 -4.06
N TYR A 161 43.28 -31.15 -3.50
CA TYR A 161 43.88 -30.05 -2.74
C TYR A 161 44.93 -29.32 -3.57
N ILE A 162 44.51 -28.80 -4.72
CA ILE A 162 45.36 -28.00 -5.59
C ILE A 162 44.89 -26.55 -5.52
N PRO A 163 45.77 -25.60 -5.18
CA PRO A 163 45.32 -24.21 -5.03
C PRO A 163 44.91 -23.62 -6.37
N GLN A 164 43.76 -22.96 -6.38
CA GLN A 164 43.23 -22.29 -7.57
C GLN A 164 43.05 -20.83 -7.23
N VAL A 165 43.86 -19.96 -7.83
CA VAL A 165 43.82 -18.53 -7.55
C VAL A 165 43.18 -17.86 -8.76
N SER A 166 41.88 -17.60 -8.65
CA SER A 166 41.15 -16.95 -9.72
C SER A 166 41.34 -15.44 -9.65
N TYR A 167 41.02 -14.77 -10.75
CA TYR A 167 41.20 -13.33 -10.85
C TYR A 167 39.92 -12.56 -11.17
N ALA A 168 38.90 -13.22 -11.70
CA ALA A 168 37.70 -12.50 -12.12
C ALA A 168 36.39 -13.18 -11.76
N SER A 169 36.42 -14.34 -11.10
CA SER A 169 35.20 -14.97 -10.62
C SER A 169 34.87 -14.39 -9.25
N SER A 170 33.72 -13.73 -9.14
CA SER A 170 33.41 -12.97 -7.94
C SER A 170 32.08 -13.37 -7.33
N SER A 171 31.55 -14.54 -7.68
CA SER A 171 30.32 -15.00 -7.04
C SER A 171 30.56 -15.21 -5.55
N ARG A 172 29.49 -15.07 -4.77
CA ARG A 172 29.59 -15.29 -3.33
C ARG A 172 29.64 -16.77 -2.97
N LEU A 173 29.09 -17.64 -3.82
CA LEU A 173 29.05 -19.06 -3.51
C LEU A 173 30.44 -19.66 -3.36
N LEU A 174 31.46 -19.00 -3.91
CA LEU A 174 32.83 -19.47 -3.80
C LEU A 174 33.46 -19.12 -2.47
N SER A 175 32.69 -18.59 -1.51
CA SER A 175 33.17 -18.32 -0.18
C SER A 175 32.81 -19.42 0.81
N ASN A 176 32.15 -20.48 0.35
CA ASN A 176 31.78 -21.60 1.19
C ASN A 176 32.96 -22.56 1.25
N LYS A 177 33.86 -22.32 2.20
CA LYS A 177 35.09 -23.11 2.27
C LYS A 177 34.88 -24.53 2.74
N ASN A 178 33.65 -24.98 2.93
CA ASN A 178 33.40 -26.41 3.11
C ASN A 178 33.20 -27.12 1.78
N GLN A 179 32.89 -26.37 0.72
CA GLN A 179 32.76 -26.91 -0.63
C GLN A 179 34.07 -26.76 -1.42
N PHE A 180 34.56 -25.53 -1.53
CA PHE A 180 35.75 -25.24 -2.32
C PHE A 180 36.92 -25.02 -1.36
N LYS A 181 37.56 -26.12 -1.00
CA LYS A 181 38.61 -26.08 0.02
C LYS A 181 39.86 -25.37 -0.49
N SER A 182 40.07 -25.33 -1.80
CA SER A 182 41.33 -24.82 -2.33
C SER A 182 41.10 -23.72 -3.36
N PHE A 183 40.26 -22.74 -3.03
CA PHE A 183 39.93 -21.67 -3.95
C PHE A 183 40.21 -20.32 -3.29
N LEU A 184 41.12 -19.55 -3.88
CA LEU A 184 41.39 -18.19 -3.48
C LEU A 184 41.18 -17.29 -4.68
N ARG A 185 40.90 -16.01 -4.43
CA ARG A 185 40.70 -15.08 -5.53
C ARG A 185 41.26 -13.71 -5.18
N THR A 186 41.82 -13.05 -6.18
CA THR A 186 42.36 -11.72 -6.03
C THR A 186 41.35 -10.63 -6.35
N ILE A 187 40.10 -10.99 -6.60
CA ILE A 187 39.04 -10.03 -6.91
C ILE A 187 38.06 -9.99 -5.74
N PRO A 188 37.54 -8.84 -5.37
CA PRO A 188 36.60 -8.77 -4.25
C PRO A 188 35.33 -9.55 -4.52
N ASN A 189 34.70 -10.00 -3.42
CA ASN A 189 33.40 -10.65 -3.49
C ASN A 189 32.36 -9.66 -4.02
N ASP A 190 31.18 -10.19 -4.36
CA ASP A 190 30.14 -9.40 -4.99
C ASP A 190 29.02 -8.99 -4.03
N GLU A 191 29.25 -9.11 -2.73
CA GLU A 191 28.26 -8.61 -1.77
C GLU A 191 28.28 -7.09 -1.72
N HIS A 192 29.48 -6.53 -1.62
CA HIS A 192 29.61 -5.08 -1.57
C HIS A 192 29.12 -4.42 -2.85
N GLN A 193 29.17 -5.12 -3.98
CA GLN A 193 28.66 -4.53 -5.22
C GLN A 193 27.14 -4.36 -5.16
N ALA A 194 26.42 -5.37 -4.68
CA ALA A 194 24.98 -5.22 -4.53
C ALA A 194 24.63 -4.17 -3.49
N THR A 195 25.39 -4.14 -2.38
CA THR A 195 25.18 -3.09 -1.40
C THR A 195 25.37 -1.71 -2.02
N ALA A 196 26.40 -1.56 -2.85
CA ALA A 196 26.65 -0.28 -3.50
C ALA A 196 25.57 0.07 -4.51
N MET A 197 25.01 -0.92 -5.19
CA MET A 197 23.87 -0.67 -6.07
C MET A 197 22.71 -0.08 -5.28
N ALA A 198 22.38 -0.71 -4.15
CA ALA A 198 21.30 -0.19 -3.33
C ALA A 198 21.62 1.21 -2.82
N ASP A 199 22.88 1.46 -2.46
CA ASP A 199 23.26 2.78 -1.97
C ASP A 199 23.12 3.84 -3.06
N ILE A 200 23.53 3.52 -4.29
CA ILE A 200 23.39 4.46 -5.39
C ILE A 200 21.92 4.74 -5.65
N ILE A 201 21.09 3.69 -5.65
CA ILE A 201 19.67 3.89 -5.92
C ILE A 201 19.05 4.78 -4.86
N GLU A 202 19.43 4.58 -3.59
CA GLU A 202 18.87 5.42 -2.54
C GLU A 202 19.48 6.82 -2.54
N TYR A 203 20.64 7.01 -3.16
CA TYR A 203 21.29 8.32 -3.15
C TYR A 203 20.60 9.28 -4.11
N PHE A 204 20.25 8.82 -5.30
CA PHE A 204 19.51 9.65 -6.24
C PHE A 204 18.02 9.70 -5.93
N ARG A 205 17.59 9.07 -4.84
CA ARG A 205 16.20 9.08 -4.40
C ARG A 205 15.27 8.51 -5.47
N TRP A 206 15.50 7.25 -5.79
CA TRP A 206 14.58 6.46 -6.61
C TRP A 206 14.01 5.35 -5.75
N ASN A 207 12.77 4.94 -6.07
CA ASN A 207 12.17 3.83 -5.33
C ASN A 207 11.38 2.89 -6.24
N TRP A 208 11.68 2.87 -7.53
CA TRP A 208 10.91 2.04 -8.46
C TRP A 208 11.86 1.62 -9.58
N VAL A 209 12.40 0.40 -9.47
CA VAL A 209 13.42 -0.10 -10.37
C VAL A 209 13.01 -1.49 -10.86
N GLY A 210 13.77 -2.00 -11.81
CA GLY A 210 13.62 -3.37 -12.25
C GLY A 210 14.98 -4.01 -12.43
N THR A 211 15.03 -5.31 -12.20
CA THR A 211 16.29 -6.04 -12.14
C THR A 211 16.38 -7.04 -13.27
N ILE A 212 17.58 -7.18 -13.84
CA ILE A 212 17.88 -8.19 -14.85
C ILE A 212 19.16 -8.88 -14.45
N ALA A 213 19.16 -10.20 -14.49
CA ALA A 213 20.34 -10.98 -14.12
C ALA A 213 20.48 -12.17 -15.05
N ALA A 214 21.73 -12.51 -15.35
CA ALA A 214 22.02 -13.67 -16.16
C ALA A 214 21.72 -14.94 -15.37
N ASP A 215 21.02 -15.88 -16.00
CA ASP A 215 20.66 -17.10 -15.31
C ASP A 215 21.91 -17.96 -15.17
N ASP A 216 22.81 -17.56 -14.27
CA ASP A 216 24.09 -18.21 -14.06
C ASP A 216 24.41 -18.13 -12.58
N ASP A 217 25.62 -18.54 -12.21
CA ASP A 217 26.08 -18.44 -10.83
C ASP A 217 26.61 -17.07 -10.48
N TYR A 218 26.67 -16.16 -11.45
CA TYR A 218 27.12 -14.79 -11.21
C TYR A 218 25.98 -13.81 -10.98
N GLY A 219 24.86 -14.01 -11.66
CA GLY A 219 23.75 -13.09 -11.57
C GLY A 219 22.74 -13.43 -10.50
N ARG A 220 22.49 -14.73 -10.30
CA ARG A 220 21.46 -15.14 -9.35
C ARG A 220 21.79 -14.71 -7.92
N PRO A 221 22.92 -15.08 -7.32
CA PRO A 221 23.15 -14.67 -5.93
C PRO A 221 23.29 -13.17 -5.77
N GLY A 222 23.94 -12.50 -6.74
CA GLY A 222 24.04 -11.06 -6.68
C GLY A 222 22.68 -10.39 -6.69
N ILE A 223 21.78 -10.87 -7.55
CA ILE A 223 20.47 -10.23 -7.63
C ILE A 223 19.65 -10.55 -6.38
N GLU A 224 19.87 -11.71 -5.76
CA GLU A 224 19.16 -12.00 -4.51
C GLU A 224 19.63 -11.08 -3.39
N LYS A 225 20.96 -10.93 -3.28
CA LYS A 225 21.50 -10.02 -2.28
C LYS A 225 21.00 -8.60 -2.50
N PHE A 226 20.99 -8.14 -3.75
CA PHE A 226 20.49 -6.80 -4.03
C PHE A 226 19.01 -6.70 -3.70
N ARG A 227 18.24 -7.76 -3.95
CA ARG A 227 16.82 -7.72 -3.63
C ARG A 227 16.60 -7.51 -2.14
N GLU A 228 17.34 -8.25 -1.31
CA GLU A 228 17.15 -8.09 0.13
C GLU A 228 17.65 -6.73 0.61
N GLU A 229 18.82 -6.28 0.10
CA GLU A 229 19.36 -5.00 0.51
C GLU A 229 18.49 -3.83 0.07
N ALA A 230 17.77 -3.98 -1.04
CA ALA A 230 16.90 -2.91 -1.50
C ALA A 230 15.56 -2.94 -0.79
N GLU A 231 15.02 -4.13 -0.50
CA GLU A 231 13.78 -4.19 0.24
C GLU A 231 13.96 -3.68 1.67
N GLU A 232 15.16 -3.80 2.23
CA GLU A 232 15.37 -3.25 3.55
C GLU A 232 15.52 -1.73 3.53
N ARG A 233 15.76 -1.13 2.37
CA ARG A 233 15.89 0.32 2.24
C ARG A 233 14.62 0.97 1.72
N ASP A 234 13.50 0.25 1.75
CA ASP A 234 12.21 0.74 1.26
C ASP A 234 12.31 1.14 -0.22
N ILE A 235 12.71 0.17 -1.03
CA ILE A 235 12.76 0.31 -2.48
C ILE A 235 11.91 -0.80 -3.08
N CYS A 236 11.08 -0.44 -4.05
CA CYS A 236 10.14 -1.39 -4.66
C CYS A 236 10.69 -1.86 -5.99
N ILE A 237 10.59 -3.16 -6.24
CA ILE A 237 11.13 -3.78 -7.44
C ILE A 237 9.95 -4.17 -8.33
N ASP A 238 9.95 -3.66 -9.56
CA ASP A 238 8.81 -3.87 -10.45
C ASP A 238 8.84 -5.25 -11.08
N PHE A 239 9.88 -5.54 -11.85
CA PHE A 239 10.01 -6.81 -12.54
C PHE A 239 11.38 -7.42 -12.28
N SER A 240 11.52 -8.68 -12.68
CA SER A 240 12.76 -9.42 -12.45
C SER A 240 12.80 -10.55 -13.47
N GLU A 241 13.81 -10.54 -14.33
CA GLU A 241 13.90 -11.51 -15.41
C GLU A 241 15.28 -12.12 -15.44
N LEU A 242 15.38 -13.28 -16.11
CA LEU A 242 16.63 -13.99 -16.27
C LEU A 242 16.91 -14.20 -17.75
N ILE A 243 18.15 -13.97 -18.16
CA ILE A 243 18.56 -14.09 -19.56
C ILE A 243 19.82 -14.94 -19.62
N SER A 244 20.22 -15.25 -20.85
CA SER A 244 21.41 -16.04 -21.10
C SER A 244 21.71 -15.98 -22.59
N GLN A 245 22.95 -16.32 -22.94
CA GLN A 245 23.35 -16.29 -24.34
C GLN A 245 22.73 -17.43 -25.15
N TYR A 246 22.05 -18.37 -24.49
CA TYR A 246 21.37 -19.45 -25.18
C TYR A 246 19.86 -19.35 -25.07
N SER A 247 19.35 -18.20 -24.66
CA SER A 247 17.91 -18.01 -24.59
C SER A 247 17.34 -17.84 -25.99
N ASP A 248 16.19 -18.48 -26.23
CA ASP A 248 15.58 -18.44 -27.55
C ASP A 248 14.99 -17.05 -27.79
N GLU A 249 14.36 -16.88 -28.95
CA GLU A 249 13.90 -15.55 -29.36
C GLU A 249 12.62 -15.16 -28.62
N GLU A 250 11.74 -16.13 -28.36
CA GLU A 250 10.47 -15.81 -27.73
C GLU A 250 10.66 -15.36 -26.28
N GLU A 251 11.63 -15.93 -25.58
CA GLU A 251 11.87 -15.49 -24.21
C GLU A 251 12.44 -14.09 -24.18
N ILE A 252 13.33 -13.77 -25.11
CA ILE A 252 13.82 -12.40 -25.23
C ILE A 252 12.67 -11.47 -25.56
N GLN A 253 11.71 -11.94 -26.37
CA GLN A 253 10.52 -11.14 -26.64
C GLN A 253 9.74 -10.87 -25.37
N GLN A 254 9.54 -11.90 -24.56
CA GLN A 254 8.82 -11.73 -23.30
C GLN A 254 9.52 -10.73 -22.40
N VAL A 255 10.84 -10.79 -22.33
CA VAL A 255 11.60 -9.88 -21.48
C VAL A 255 11.47 -8.45 -21.99
N VAL A 256 11.60 -8.25 -23.31
CA VAL A 256 11.47 -6.90 -23.86
C VAL A 256 10.05 -6.38 -23.62
N GLU A 257 9.05 -7.24 -23.73
CA GLU A 257 7.68 -6.83 -23.46
C GLU A 257 7.52 -6.35 -22.02
N VAL A 258 7.98 -7.15 -21.06
CA VAL A 258 7.81 -6.76 -19.66
C VAL A 258 8.62 -5.50 -19.35
N ILE A 259 9.74 -5.30 -20.06
CA ILE A 259 10.48 -4.06 -19.90
C ILE A 259 9.68 -2.88 -20.42
N GLN A 260 9.03 -3.04 -21.58
CA GLN A 260 8.31 -1.94 -22.20
C GLN A 260 7.02 -1.63 -21.44
N ASN A 261 6.29 -2.67 -21.05
CA ASN A 261 5.01 -2.50 -20.38
C ASN A 261 5.15 -1.96 -18.96
N SER A 262 6.32 -1.58 -18.48
CA SER A 262 6.48 -1.11 -17.12
C SER A 262 6.84 0.37 -17.09
N THR A 263 6.65 0.97 -15.92
CA THR A 263 6.92 2.39 -15.73
C THR A 263 8.26 2.64 -15.05
N ALA A 264 8.97 1.60 -14.63
CA ALA A 264 10.27 1.78 -14.01
C ALA A 264 11.28 2.30 -15.02
N ARG A 265 12.08 3.28 -14.61
CA ARG A 265 13.09 3.86 -15.46
C ARG A 265 14.49 3.31 -15.20
N VAL A 266 14.76 2.88 -13.98
CA VAL A 266 16.07 2.37 -13.61
C VAL A 266 16.07 0.86 -13.73
N ILE A 267 17.07 0.32 -14.41
CA ILE A 267 17.21 -1.12 -14.60
C ILE A 267 18.58 -1.53 -14.06
N VAL A 268 18.57 -2.43 -13.08
CA VAL A 268 19.80 -2.93 -12.47
C VAL A 268 20.17 -4.23 -13.16
N VAL A 269 21.25 -4.22 -13.93
CA VAL A 269 21.67 -5.38 -14.70
C VAL A 269 22.83 -6.04 -13.99
N PHE A 270 22.70 -7.34 -13.74
CA PHE A 270 23.74 -8.14 -13.09
C PHE A 270 24.08 -9.28 -14.03
N SER A 271 25.01 -9.04 -14.94
CA SER A 271 25.35 -10.04 -15.95
C SER A 271 26.69 -9.67 -16.58
N SER A 272 27.12 -10.48 -17.53
CA SER A 272 28.35 -10.27 -18.26
C SER A 272 28.03 -9.87 -19.69
N GLY A 273 29.08 -9.59 -20.46
CA GLY A 273 28.92 -9.12 -21.82
C GLY A 273 28.18 -10.09 -22.72
N PRO A 274 28.77 -11.27 -22.95
CA PRO A 274 28.14 -12.24 -23.85
C PRO A 274 26.73 -12.62 -23.47
N ASP A 275 26.48 -12.95 -22.20
CA ASP A 275 25.12 -13.30 -21.78
C ASP A 275 24.17 -12.12 -21.79
N LEU A 276 24.62 -10.94 -22.18
CA LEU A 276 23.76 -9.78 -22.30
C LEU A 276 23.58 -9.30 -23.73
N GLU A 277 24.51 -9.60 -24.63
CA GLU A 277 24.45 -9.12 -26.00
C GLU A 277 23.11 -9.37 -26.70
N PRO A 278 22.47 -10.54 -26.59
CA PRO A 278 21.18 -10.72 -27.28
C PRO A 278 20.11 -9.73 -26.84
N LEU A 279 19.96 -9.53 -25.54
CA LEU A 279 18.95 -8.58 -25.05
C LEU A 279 19.23 -7.18 -25.57
N ILE A 280 20.49 -6.78 -25.63
CA ILE A 280 20.83 -5.46 -26.14
C ILE A 280 20.50 -5.34 -27.61
N LYS A 281 20.80 -6.40 -28.39
CA LYS A 281 20.45 -6.37 -29.80
C LYS A 281 18.96 -6.22 -30.00
N GLU A 282 18.17 -6.99 -29.23
CA GLU A 282 16.71 -6.89 -29.38
C GLU A 282 16.19 -5.53 -28.93
N ILE A 283 16.78 -4.95 -27.89
CA ILE A 283 16.32 -3.65 -27.42
C ILE A 283 16.65 -2.57 -28.43
N VAL A 284 17.82 -2.67 -29.07
CA VAL A 284 18.17 -1.72 -30.12
C VAL A 284 17.24 -1.88 -31.31
N ARG A 285 16.88 -3.12 -31.65
CA ARG A 285 15.97 -3.34 -32.76
C ARG A 285 14.57 -2.80 -32.46
N ARG A 286 14.11 -2.91 -31.23
CA ARG A 286 12.81 -2.37 -30.84
C ARG A 286 12.87 -0.92 -30.40
N ASN A 287 14.08 -0.37 -30.22
CA ASN A 287 14.28 1.06 -29.96
C ASN A 287 13.53 1.52 -28.69
N ILE A 288 13.99 0.98 -27.57
CA ILE A 288 13.54 1.41 -26.25
C ILE A 288 14.60 2.36 -25.69
N THR A 289 14.21 3.61 -25.42
CA THR A 289 15.18 4.68 -25.19
C THR A 289 15.11 5.34 -23.82
N GLY A 290 14.03 5.15 -23.07
CA GLY A 290 13.84 5.96 -21.86
C GLY A 290 14.61 5.52 -20.65
N LYS A 291 15.05 4.26 -20.60
CA LYS A 291 15.51 3.67 -19.36
C LYS A 291 16.90 4.16 -18.98
N ILE A 292 17.30 3.80 -17.77
CA ILE A 292 18.64 4.06 -17.24
C ILE A 292 19.22 2.73 -16.78
N TRP A 293 20.46 2.45 -17.16
CA TRP A 293 21.09 1.17 -16.88
C TRP A 293 22.12 1.33 -15.78
N LEU A 294 21.98 0.56 -14.72
CA LEU A 294 22.96 0.48 -13.64
C LEU A 294 23.79 -0.77 -13.88
N ALA A 295 24.94 -0.60 -14.51
CA ALA A 295 25.75 -1.72 -14.95
C ALA A 295 26.51 -2.35 -13.79
N SER A 296 26.54 -3.68 -13.78
CA SER A 296 27.44 -4.39 -12.88
C SER A 296 28.86 -4.33 -13.44
N GLU A 297 29.81 -4.82 -12.67
CA GLU A 297 31.21 -4.72 -13.07
C GLU A 297 31.52 -5.55 -14.29
N ALA A 298 30.85 -6.69 -14.48
CA ALA A 298 31.23 -7.61 -15.54
C ALA A 298 31.08 -6.98 -16.92
N TRP A 299 30.03 -6.21 -17.14
CA TRP A 299 29.76 -5.66 -18.46
C TRP A 299 29.85 -4.14 -18.51
N ALA A 300 30.18 -3.47 -17.40
CA ALA A 300 30.27 -2.02 -17.42
C ALA A 300 31.40 -1.52 -18.30
N SER A 301 32.33 -2.39 -18.69
CA SER A 301 33.46 -1.99 -19.52
C SER A 301 33.67 -2.98 -20.66
N SER A 302 32.61 -3.69 -21.05
CA SER A 302 32.71 -4.71 -22.08
C SER A 302 32.61 -4.08 -23.46
N SER A 303 33.53 -4.47 -24.34
CA SER A 303 33.49 -3.99 -25.72
C SER A 303 32.33 -4.56 -26.51
N LEU A 304 31.73 -5.66 -26.05
CA LEU A 304 30.59 -6.22 -26.75
C LEU A 304 29.37 -5.30 -26.66
N ILE A 305 29.28 -4.51 -25.59
CA ILE A 305 28.14 -3.65 -25.37
C ILE A 305 28.47 -2.18 -25.63
N ALA A 306 29.65 -1.74 -25.19
CA ALA A 306 30.05 -0.33 -25.29
C ALA A 306 30.44 -0.01 -26.74
N MET A 307 29.42 0.11 -27.58
CA MET A 307 29.59 0.54 -28.95
C MET A 307 28.52 1.56 -29.29
N PRO A 308 28.78 2.45 -30.25
CA PRO A 308 27.89 3.61 -30.44
C PRO A 308 26.46 3.26 -30.82
N GLU A 309 26.26 2.28 -31.70
CA GLU A 309 24.91 1.97 -32.15
C GLU A 309 24.05 1.42 -31.02
N PHE A 310 24.67 0.76 -30.04
CA PHE A 310 23.94 0.39 -28.84
C PHE A 310 23.85 1.55 -27.85
N PHE A 311 24.83 2.45 -27.90
CA PHE A 311 24.87 3.56 -26.96
C PHE A 311 23.75 4.56 -27.22
N ARG A 312 23.46 4.85 -28.48
CA ARG A 312 22.38 5.79 -28.80
C ARG A 312 21.05 5.35 -28.21
N VAL A 313 20.86 4.06 -27.99
CA VAL A 313 19.61 3.51 -27.51
C VAL A 313 19.62 3.32 -26.00
N ILE A 314 20.72 2.78 -25.45
CA ILE A 314 20.75 2.56 -24.01
C ILE A 314 20.94 3.85 -23.24
N GLY A 315 21.47 4.89 -23.87
CA GLY A 315 21.54 6.19 -23.22
C GLY A 315 22.52 6.29 -22.07
N SER A 316 22.01 6.40 -20.85
CA SER A 316 22.82 6.69 -19.68
C SER A 316 23.09 5.42 -18.89
N THR A 317 24.37 5.13 -18.66
CA THR A 317 24.77 4.00 -17.85
C THR A 317 25.77 4.43 -16.80
N ILE A 318 25.50 4.05 -15.56
CA ILE A 318 26.40 4.28 -14.43
C ILE A 318 26.78 2.91 -13.89
N GLY A 319 28.06 2.56 -14.00
CA GLY A 319 28.52 1.24 -13.65
C GLY A 319 29.70 1.29 -12.70
N PHE A 320 30.08 0.12 -12.22
CA PHE A 320 31.20 -0.03 -11.31
C PHE A 320 32.44 -0.49 -12.07
N ALA A 321 33.58 -0.40 -11.39
CA ALA A 321 34.83 -0.88 -11.96
C ALA A 321 35.81 -1.11 -10.83
N LEU A 322 36.68 -2.10 -11.00
CA LEU A 322 37.72 -2.34 -10.02
C LEU A 322 38.74 -1.22 -10.06
N LYS A 323 39.62 -1.19 -9.08
CA LYS A 323 40.63 -0.15 -8.99
C LYS A 323 41.77 -0.47 -9.94
N ALA A 324 42.31 0.57 -10.58
CA ALA A 324 43.33 0.39 -11.59
C ALA A 324 44.60 -0.20 -10.98
N GLY A 325 45.53 -0.59 -11.84
CA GLY A 325 46.78 -1.16 -11.42
C GLY A 325 47.94 -0.50 -12.15
N GLN A 326 49.15 -0.93 -11.79
CA GLN A 326 50.39 -0.39 -12.34
C GLN A 326 51.36 -1.53 -12.59
N ILE A 327 51.41 -2.00 -13.83
CA ILE A 327 52.41 -2.99 -14.23
C ILE A 327 53.46 -2.30 -15.07
N PRO A 328 54.57 -1.86 -14.48
CA PRO A 328 55.55 -1.07 -15.24
C PRO A 328 56.26 -1.91 -16.30
N GLY A 329 56.33 -1.36 -17.50
CA GLY A 329 57.00 -2.05 -18.60
C GLY A 329 56.15 -3.10 -19.27
N PHE A 330 54.83 -2.98 -19.22
CA PHE A 330 53.95 -3.99 -19.78
C PHE A 330 53.64 -3.74 -21.25
N ARG A 331 53.40 -2.49 -21.63
CA ARG A 331 53.09 -2.18 -23.02
C ARG A 331 54.19 -2.66 -23.96
N GLU A 332 55.45 -2.44 -23.59
CA GLU A 332 56.56 -2.88 -24.42
C GLU A 332 56.62 -4.38 -24.55
N PHE A 333 55.98 -5.12 -23.64
CA PHE A 333 55.88 -6.56 -23.81
C PHE A 333 54.73 -6.95 -24.72
N LEU A 334 53.61 -6.21 -24.64
CA LEU A 334 52.51 -6.45 -25.55
C LEU A 334 52.88 -6.17 -27.00
N GLN A 335 53.71 -5.15 -27.23
CA GLN A 335 54.06 -4.76 -28.59
C GLN A 335 55.04 -5.70 -29.26
N LYS A 336 55.44 -6.79 -28.61
CA LYS A 336 56.43 -7.70 -29.17
C LYS A 336 55.84 -9.05 -29.56
N VAL A 337 54.53 -9.22 -29.47
CA VAL A 337 53.92 -10.49 -29.86
C VAL A 337 54.14 -10.70 -31.36
N HIS A 338 54.55 -11.91 -31.73
CA HIS A 338 54.89 -12.25 -33.14
C HIS A 338 54.53 -13.69 -33.38
N PRO A 339 53.96 -14.08 -34.53
CA PRO A 339 53.55 -15.48 -34.74
C PRO A 339 54.71 -16.45 -34.84
N LYS A 340 55.84 -16.04 -35.40
CA LYS A 340 56.98 -16.93 -35.57
C LYS A 340 57.94 -16.90 -34.38
N LYS A 341 58.05 -15.77 -33.70
CA LYS A 341 58.90 -15.63 -32.53
C LYS A 341 58.23 -16.14 -31.25
N SER A 342 57.18 -16.95 -31.38
CA SER A 342 56.44 -17.48 -30.24
C SER A 342 56.26 -18.98 -30.43
N ALA A 343 57.23 -19.75 -29.94
CA ALA A 343 57.09 -21.20 -29.92
C ALA A 343 56.39 -21.67 -28.65
N ASN A 344 56.63 -21.00 -27.52
CA ASN A 344 55.95 -21.33 -26.28
C ASN A 344 54.46 -21.00 -26.39
N ASN A 345 54.20 -19.77 -26.81
CA ASN A 345 52.82 -19.22 -27.01
C ASN A 345 52.20 -19.82 -28.27
N GLY A 346 51.03 -20.45 -28.19
CA GLY A 346 50.45 -21.05 -29.37
C GLY A 346 49.28 -20.26 -29.93
N PHE A 347 48.61 -19.49 -29.08
CA PHE A 347 47.50 -18.67 -29.52
C PHE A 347 47.94 -17.44 -30.31
N ALA A 348 49.24 -17.18 -30.40
CA ALA A 348 49.70 -16.02 -31.13
C ALA A 348 49.38 -16.12 -32.62
N LYS A 349 49.39 -17.34 -33.18
CA LYS A 349 49.04 -17.50 -34.58
C LYS A 349 47.61 -17.08 -34.84
N GLU A 350 46.66 -17.63 -34.07
CA GLU A 350 45.26 -17.26 -34.24
C GLU A 350 45.04 -15.79 -33.94
N PHE A 351 45.80 -15.23 -33.01
CA PHE A 351 45.72 -13.79 -32.74
C PHE A 351 46.10 -13.00 -33.99
N TRP A 352 47.24 -13.34 -34.59
CA TRP A 352 47.66 -12.70 -35.83
C TRP A 352 46.59 -12.81 -36.91
N GLU A 353 46.02 -14.00 -37.06
CA GLU A 353 44.97 -14.20 -38.06
C GLU A 353 43.79 -13.25 -37.80
N GLU A 354 43.24 -13.30 -36.59
CA GLU A 354 42.05 -12.52 -36.29
C GLU A 354 42.31 -11.02 -36.33
N THR A 355 43.57 -10.60 -36.14
CA THR A 355 43.85 -9.17 -36.18
C THR A 355 44.24 -8.68 -37.57
N PHE A 356 44.65 -9.57 -38.48
CA PHE A 356 45.09 -9.15 -39.80
C PHE A 356 44.42 -9.89 -40.95
N ASN A 357 43.64 -10.94 -40.68
CA ASN A 357 42.99 -11.74 -41.72
C ASN A 357 44.02 -12.33 -42.69
N CYS A 358 44.87 -13.19 -42.15
CA CYS A 358 45.97 -13.78 -42.89
C CYS A 358 45.71 -15.26 -43.18
N TYR A 359 46.69 -15.89 -43.79
CA TYR A 359 46.64 -17.32 -44.15
C TYR A 359 45.44 -17.63 -45.03
N PRO A 392 43.09 -14.77 -47.41
CA PRO A 392 44.05 -13.76 -47.87
C PRO A 392 45.39 -13.88 -47.15
N PRO A 393 46.30 -14.67 -47.69
CA PRO A 393 47.61 -14.84 -47.05
C PRO A 393 48.34 -13.50 -46.96
N CYS A 394 49.17 -13.36 -45.93
CA CYS A 394 49.87 -12.12 -45.67
C CYS A 394 51.32 -12.42 -45.34
N THR A 395 52.02 -11.39 -44.87
CA THR A 395 53.48 -11.44 -44.69
C THR A 395 53.89 -11.93 -43.32
N GLY A 396 53.24 -11.47 -42.26
CA GLY A 396 53.71 -11.74 -40.91
C GLY A 396 54.69 -10.73 -40.37
N ASP A 397 54.80 -9.55 -41.00
CA ASP A 397 55.68 -8.49 -40.54
C ASP A 397 54.94 -7.16 -40.43
N GLU A 398 53.63 -7.19 -40.20
CA GLU A 398 52.86 -5.98 -39.99
C GLU A 398 53.16 -5.40 -38.62
N ASN A 399 52.45 -4.34 -38.27
CA ASN A 399 52.60 -3.71 -36.95
C ASN A 399 51.29 -3.83 -36.19
N ILE A 400 51.38 -4.28 -34.94
CA ILE A 400 50.19 -4.40 -34.10
C ILE A 400 49.62 -3.04 -33.74
N THR A 401 50.44 -1.99 -33.77
CA THR A 401 49.99 -0.65 -33.44
C THR A 401 49.16 -0.01 -34.55
N SER A 402 49.12 -0.60 -35.74
CA SER A 402 48.43 0.02 -36.86
C SER A 402 46.92 -0.18 -36.83
N VAL A 403 46.43 -1.18 -36.12
CA VAL A 403 45.00 -1.47 -36.04
C VAL A 403 44.56 -1.29 -34.58
N GLU A 404 43.33 -0.83 -34.39
CA GLU A 404 42.81 -0.48 -33.06
C GLU A 404 41.89 -1.60 -32.59
N THR A 405 42.36 -2.36 -31.61
CA THR A 405 41.63 -3.44 -30.98
C THR A 405 41.76 -3.30 -29.47
N PRO A 406 40.87 -3.94 -28.70
CA PRO A 406 40.99 -3.90 -27.23
C PRO A 406 42.33 -4.41 -26.71
N TYR A 407 43.17 -4.94 -27.59
CA TYR A 407 44.47 -5.47 -27.19
C TYR A 407 45.30 -4.40 -26.47
N MET A 408 45.63 -3.32 -27.18
CA MET A 408 46.42 -2.25 -26.59
C MET A 408 45.64 -0.95 -26.45
N ASP A 409 44.36 -0.93 -26.85
CA ASP A 409 43.52 0.25 -26.64
C ASP A 409 43.00 0.18 -25.20
N PHE A 410 43.87 0.51 -24.26
CA PHE A 410 43.52 0.51 -22.85
C PHE A 410 44.24 1.64 -22.16
N THR A 411 43.68 2.09 -21.04
CA THR A 411 44.28 3.09 -20.18
C THR A 411 44.48 2.61 -18.75
N HIS A 412 43.58 1.77 -18.26
CA HIS A 412 43.65 1.25 -16.90
C HIS A 412 43.59 -0.27 -16.95
N LEU A 413 44.58 -0.91 -16.33
CA LEU A 413 44.63 -2.36 -16.23
C LEU A 413 43.95 -2.78 -14.93
N ARG A 414 42.82 -3.48 -15.03
CA ARG A 414 42.09 -3.91 -13.85
C ARG A 414 42.13 -5.42 -13.65
N ILE A 415 41.71 -6.21 -14.64
CA ILE A 415 41.79 -7.65 -14.48
C ILE A 415 43.18 -8.16 -14.79
N SER A 416 43.89 -7.53 -15.73
CA SER A 416 45.27 -7.89 -15.99
C SER A 416 46.12 -7.72 -14.73
N TYR A 417 45.84 -6.68 -13.95
CA TYR A 417 46.52 -6.50 -12.68
C TYR A 417 46.20 -7.64 -11.72
N ASN A 418 44.95 -8.11 -11.73
CA ASN A 418 44.60 -9.24 -10.88
C ASN A 418 45.36 -10.50 -11.27
N VAL A 419 45.53 -10.73 -12.57
CA VAL A 419 46.31 -11.88 -13.03
C VAL A 419 47.76 -11.76 -12.57
N TYR A 420 48.34 -10.58 -12.79
CA TYR A 420 49.69 -10.29 -12.32
C TYR A 420 49.82 -10.59 -10.83
N LEU A 421 48.86 -10.12 -10.04
CA LEU A 421 48.91 -10.28 -8.59
C LEU A 421 48.79 -11.75 -8.21
N ALA A 422 47.94 -12.50 -8.90
CA ALA A 422 47.79 -13.92 -8.59
C ALA A 422 49.09 -14.68 -8.84
N VAL A 423 49.72 -14.43 -9.99
CA VAL A 423 50.98 -15.10 -10.28
C VAL A 423 52.03 -14.72 -9.24
N TYR A 424 52.10 -13.44 -8.89
CA TYR A 424 53.09 -13.01 -7.91
C TYR A 424 52.82 -13.60 -6.53
N SER A 425 51.54 -13.77 -6.16
CA SER A 425 51.22 -14.35 -4.87
C SER A 425 51.64 -15.82 -4.81
N ILE A 426 51.40 -16.57 -5.88
CA ILE A 426 51.84 -17.96 -5.89
C ILE A 426 53.37 -18.04 -5.84
N ALA A 427 54.05 -17.15 -6.55
CA ALA A 427 55.51 -17.13 -6.49
C ALA A 427 55.99 -16.78 -5.09
N HIS A 428 55.28 -15.90 -4.39
CA HIS A 428 55.68 -15.54 -3.02
C HIS A 428 55.43 -16.69 -2.05
N ALA A 429 54.36 -17.44 -2.25
CA ALA A 429 54.15 -18.63 -1.42
C ALA A 429 55.26 -19.64 -1.64
N LEU A 430 55.66 -19.83 -2.90
CA LEU A 430 56.78 -20.72 -3.19
C LEU A 430 58.05 -20.23 -2.51
N GLN A 431 58.33 -18.93 -2.60
CA GLN A 431 59.49 -18.36 -1.91
C GLN A 431 59.41 -18.61 -0.41
N ASP A 432 58.23 -18.38 0.18
CA ASP A 432 58.02 -18.65 1.60
C ASP A 432 58.43 -20.07 1.95
N ILE A 433 57.99 -21.04 1.15
CA ILE A 433 58.43 -22.41 1.37
C ILE A 433 59.94 -22.53 1.20
N TYR A 434 60.52 -21.69 0.33
CA TYR A 434 61.95 -21.80 0.04
C TYR A 434 62.81 -21.25 1.18
N THR A 435 62.37 -20.17 1.83
CA THR A 435 63.19 -19.49 2.82
C THR A 435 62.90 -19.99 4.23
N CYS A 436 62.60 -21.27 4.37
CA CYS A 436 62.19 -21.82 5.65
C CYS A 436 63.36 -21.96 6.61
N THR A 437 63.04 -21.94 7.89
CA THR A 437 63.97 -22.29 8.97
C THR A 437 63.50 -23.59 9.61
N PRO A 438 64.39 -24.57 9.74
CA PRO A 438 63.95 -25.93 10.06
C PRO A 438 63.26 -26.09 11.41
N GLY A 439 63.12 -25.01 12.17
CA GLY A 439 62.51 -25.10 13.48
C GLY A 439 61.14 -24.47 13.58
N LYS A 440 60.87 -23.49 12.71
CA LYS A 440 59.65 -22.69 12.77
C LYS A 440 58.77 -22.90 11.54
N GLY A 441 58.68 -24.13 11.06
CA GLY A 441 57.83 -24.42 9.92
C GLY A 441 56.36 -24.45 10.28
N LEU A 442 55.53 -24.39 9.24
CA LEU A 442 54.08 -24.38 9.42
C LEU A 442 53.48 -25.77 9.55
N PHE A 443 54.27 -26.83 9.36
CA PHE A 443 53.74 -28.18 9.35
C PHE A 443 53.93 -28.84 10.72
N THR A 444 53.58 -30.12 10.79
CA THR A 444 53.51 -30.82 12.07
C THR A 444 54.86 -30.84 12.77
N ASN A 445 54.81 -30.87 14.10
CA ASN A 445 56.00 -30.89 14.95
C ASN A 445 56.95 -29.75 14.61
N GLY A 446 56.41 -28.61 14.20
CA GLY A 446 57.20 -27.49 13.77
C GLY A 446 58.01 -27.71 12.50
N SER A 447 57.93 -28.89 11.90
CA SER A 447 58.72 -29.19 10.72
C SER A 447 58.27 -28.35 9.53
N CYS A 448 59.05 -28.43 8.46
CA CYS A 448 58.79 -27.64 7.27
C CYS A 448 59.07 -28.47 6.04
N ALA A 449 58.59 -27.99 4.89
CA ALA A 449 58.69 -28.74 3.64
C ALA A 449 59.90 -28.27 2.84
N ASP A 450 60.29 -29.11 1.88
CA ASP A 450 61.41 -28.83 0.98
C ASP A 450 60.88 -28.46 -0.40
N ILE A 451 61.56 -27.51 -1.04
CA ILE A 451 61.11 -27.00 -2.32
C ILE A 451 61.46 -27.94 -3.49
N LYS A 452 62.36 -28.90 -3.27
CA LYS A 452 62.71 -29.80 -4.36
C LYS A 452 61.64 -30.85 -4.60
N LYS A 453 60.85 -31.19 -3.59
CA LYS A 453 59.77 -32.14 -3.74
C LYS A 453 58.47 -31.54 -3.24
N VAL A 454 58.22 -30.27 -3.57
CA VAL A 454 57.04 -29.57 -3.07
C VAL A 454 55.79 -30.18 -3.67
N GLU A 455 54.73 -30.24 -2.87
CA GLU A 455 53.44 -30.72 -3.32
C GLU A 455 52.40 -29.61 -3.20
N ALA A 456 51.24 -29.84 -3.81
CA ALA A 456 50.25 -28.78 -3.95
C ALA A 456 49.63 -28.39 -2.61
N TRP A 457 49.35 -29.37 -1.75
CA TRP A 457 48.70 -29.05 -0.49
C TRP A 457 49.58 -28.19 0.41
N GLN A 458 50.90 -28.38 0.34
CA GLN A 458 51.80 -27.51 1.09
C GLN A 458 51.73 -26.08 0.58
N VAL A 459 51.65 -25.91 -0.73
CA VAL A 459 51.50 -24.58 -1.30
C VAL A 459 50.17 -23.96 -0.88
N LEU A 460 49.12 -24.78 -0.79
CA LEU A 460 47.85 -24.27 -0.30
C LEU A 460 47.97 -23.80 1.16
N LYS A 461 48.63 -24.62 1.99
CA LYS A 461 48.87 -24.24 3.38
C LYS A 461 49.59 -22.90 3.46
N HIS A 462 50.66 -22.73 2.70
CA HIS A 462 51.41 -21.48 2.74
C HIS A 462 50.61 -20.32 2.15
N LEU A 463 49.70 -20.61 1.22
CA LEU A 463 48.89 -19.53 0.65
C LEU A 463 47.86 -19.03 1.65
N ARG A 464 47.28 -19.94 2.44
CA ARG A 464 46.32 -19.52 3.46
C ARG A 464 46.93 -18.52 4.43
N HIS A 465 48.23 -18.65 4.73
CA HIS A 465 48.92 -17.77 5.65
C HIS A 465 49.84 -16.78 4.93
N LEU A 466 49.66 -16.60 3.63
CA LEU A 466 50.50 -15.68 2.89
C LEU A 466 50.12 -14.24 3.22
N ASN A 467 51.13 -13.39 3.38
CA ASN A 467 50.91 -12.00 3.72
C ASN A 467 52.16 -11.24 3.26
N PHE A 468 52.05 -10.56 2.11
CA PHE A 468 53.22 -9.95 1.50
C PHE A 468 52.86 -8.55 1.01
N THR A 469 53.83 -7.90 0.37
CA THR A 469 53.72 -6.50 -0.03
C THR A 469 53.73 -6.40 -1.55
N SER A 470 52.65 -5.87 -2.10
CA SER A 470 52.56 -5.58 -3.52
C SER A 470 53.39 -4.36 -3.88
N ASN A 471 54.06 -4.45 -5.05
CA ASN A 471 55.01 -3.44 -5.51
C ASN A 471 54.43 -2.03 -5.54
N MET A 472 53.10 -1.91 -5.55
CA MET A 472 52.47 -0.61 -5.36
C MET A 472 52.49 -0.17 -3.91
N GLY A 473 53.29 -0.84 -3.07
CA GLY A 473 53.32 -0.52 -1.66
C GLY A 473 52.06 -0.93 -0.92
N GLU A 474 51.48 -2.07 -1.25
CA GLU A 474 50.22 -2.50 -0.64
C GLU A 474 50.42 -3.79 0.15
N GLN A 475 49.42 -4.13 0.94
CA GLN A 475 49.42 -5.36 1.73
C GLN A 475 48.44 -6.35 1.10
N VAL A 476 48.97 -7.50 0.69
CA VAL A 476 48.17 -8.55 0.07
C VAL A 476 48.15 -9.75 1.01
N ASP A 477 46.96 -10.15 1.43
CA ASP A 477 46.77 -11.29 2.30
C ASP A 477 45.31 -11.68 2.26
N PHE A 478 45.04 -12.96 1.99
CA PHE A 478 43.67 -13.41 1.79
C PHE A 478 42.97 -13.66 3.12
N ASP A 479 41.66 -13.49 3.12
CA ASP A 479 40.83 -13.64 4.31
C ASP A 479 40.70 -15.12 4.66
N GLU A 480 39.90 -15.42 5.68
CA GLU A 480 39.55 -16.81 5.96
C GLU A 480 38.56 -17.36 4.96
N PHE A 481 38.04 -16.52 4.06
CA PHE A 481 37.20 -16.97 2.96
C PHE A 481 37.93 -16.90 1.63
N GLY A 482 39.25 -16.75 1.66
CA GLY A 482 40.06 -16.84 0.47
C GLY A 482 40.08 -15.62 -0.42
N ASP A 483 39.22 -14.64 -0.15
CA ASP A 483 39.10 -13.50 -1.04
C ASP A 483 39.86 -12.29 -0.52
N LEU A 484 40.17 -11.37 -1.43
CA LEU A 484 40.72 -10.08 -1.09
C LEU A 484 39.57 -9.08 -0.94
N VAL A 485 39.91 -7.80 -0.79
CA VAL A 485 38.92 -6.73 -0.73
C VAL A 485 39.51 -5.48 -1.37
N GLY A 486 38.65 -4.71 -2.03
CA GLY A 486 39.08 -3.50 -2.71
C GLY A 486 37.96 -2.48 -2.75
N ASN A 487 38.30 -1.28 -3.19
CA ASN A 487 37.37 -0.15 -3.17
C ASN A 487 37.07 0.28 -4.59
N TYR A 488 35.79 0.29 -4.95
CA TYR A 488 35.37 0.40 -6.33
C TYR A 488 35.45 1.83 -6.84
N SER A 489 35.71 1.97 -8.14
CA SER A 489 35.49 3.22 -8.83
C SER A 489 34.14 3.15 -9.54
N ILE A 490 33.52 4.31 -9.74
CA ILE A 490 32.19 4.39 -10.34
C ILE A 490 32.31 5.22 -11.59
N ILE A 491 32.06 4.60 -12.74
CA ILE A 491 32.22 5.23 -14.02
C ILE A 491 30.85 5.45 -14.65
N ASN A 492 30.80 6.35 -15.62
CA ASN A 492 29.57 6.69 -16.32
C ASN A 492 29.89 6.82 -17.80
N TRP A 493 29.06 6.21 -18.64
CA TRP A 493 29.40 6.10 -20.06
C TRP A 493 29.29 7.46 -20.74
N HIS A 494 30.36 7.84 -21.44
CA HIS A 494 30.39 9.07 -22.22
C HIS A 494 30.72 8.75 -23.66
N LEU A 495 30.31 9.64 -24.55
CA LEU A 495 30.62 9.52 -25.97
C LEU A 495 31.77 10.47 -26.29
N SER A 496 32.87 9.91 -26.75
CA SER A 496 34.03 10.73 -27.08
C SER A 496 33.71 11.62 -28.27
N PRO A 497 33.76 12.94 -28.13
CA PRO A 497 33.47 13.82 -29.28
C PRO A 497 34.52 13.79 -30.36
N GLU A 498 35.62 13.07 -30.15
CA GLU A 498 36.68 12.98 -31.15
C GLU A 498 36.52 11.76 -32.05
N ASP A 499 36.15 10.63 -31.48
CA ASP A 499 36.08 9.36 -32.21
C ASP A 499 34.67 8.91 -32.51
N GLY A 500 33.77 9.06 -31.55
CA GLY A 500 32.46 8.43 -31.61
C GLY A 500 32.36 7.21 -30.73
N SER A 501 33.48 6.65 -30.28
CA SER A 501 33.48 5.50 -29.40
C SER A 501 33.04 5.89 -28.01
N VAL A 502 32.57 4.91 -27.26
CA VAL A 502 32.20 5.12 -25.87
C VAL A 502 33.48 5.12 -25.03
N VAL A 503 33.63 6.14 -24.19
CA VAL A 503 34.76 6.25 -23.28
C VAL A 503 34.23 6.32 -21.86
N PHE A 504 34.87 5.58 -20.96
CA PHE A 504 34.40 5.46 -19.59
C PHE A 504 35.12 6.49 -18.73
N GLU A 505 34.36 7.45 -18.23
CA GLU A 505 34.89 8.48 -17.34
C GLU A 505 34.46 8.18 -15.91
N GLU A 506 35.41 8.21 -14.99
CA GLU A 506 35.11 7.90 -13.59
C GLU A 506 34.51 9.13 -12.92
N VAL A 507 33.37 8.95 -12.26
CA VAL A 507 32.67 10.04 -11.60
C VAL A 507 32.49 9.82 -10.12
N GLY A 508 32.77 8.63 -9.59
CA GLY A 508 32.52 8.41 -8.19
C GLY A 508 33.42 7.35 -7.60
N HIS A 509 33.26 7.15 -6.29
CA HIS A 509 34.10 6.24 -5.55
C HIS A 509 33.26 5.52 -4.51
N TYR A 510 33.64 4.28 -4.22
CA TYR A 510 32.98 3.48 -3.20
C TYR A 510 34.08 2.87 -2.34
N ASN A 511 34.32 3.48 -1.18
CA ASN A 511 35.25 2.95 -0.19
C ASN A 511 34.48 2.04 0.76
N VAL A 512 34.87 0.77 0.82
CA VAL A 512 34.11 -0.21 1.58
C VAL A 512 34.56 -0.28 3.04
N TYR A 513 35.67 0.38 3.40
CA TYR A 513 36.12 0.38 4.78
C TYR A 513 35.35 1.35 5.66
N ALA A 514 34.77 2.41 5.09
CA ALA A 514 33.99 3.34 5.87
C ALA A 514 32.78 2.64 6.48
N LYS A 515 32.27 3.22 7.56
CA LYS A 515 31.15 2.61 8.25
C LYS A 515 29.89 2.72 7.42
N LYS A 516 28.95 1.80 7.67
CA LYS A 516 27.75 1.69 6.86
C LYS A 516 26.99 3.00 6.83
N GLY A 517 26.79 3.53 5.62
CA GLY A 517 26.08 4.77 5.41
C GLY A 517 26.94 5.92 4.93
N GLU A 518 28.26 5.78 4.97
CA GLU A 518 29.18 6.83 4.53
C GLU A 518 30.20 6.27 3.56
N ARG A 519 29.82 5.26 2.79
CA ARG A 519 30.75 4.57 1.91
C ARG A 519 30.78 5.15 0.51
N LEU A 520 29.65 5.68 0.04
CA LEU A 520 29.53 6.14 -1.34
C LEU A 520 29.90 7.61 -1.45
N PHE A 521 30.57 7.97 -2.54
CA PHE A 521 30.86 9.37 -2.84
C PHE A 521 30.70 9.58 -4.34
N ILE A 522 29.64 10.28 -4.74
CA ILE A 522 29.34 10.52 -6.15
C ILE A 522 29.49 12.00 -6.43
N ASN A 523 30.22 12.33 -7.49
CA ASN A 523 30.43 13.70 -7.94
C ASN A 523 29.43 13.98 -9.05
N GLU A 524 28.30 14.59 -8.70
CA GLU A 524 27.14 14.60 -9.59
C GLU A 524 27.32 15.49 -10.81
N ASN A 525 28.18 16.50 -10.76
CA ASN A 525 28.24 17.44 -11.88
C ASN A 525 28.91 16.85 -13.10
N LYS A 526 29.55 15.69 -12.99
CA LYS A 526 30.10 15.03 -14.17
C LYS A 526 29.14 14.06 -14.84
N ILE A 527 28.14 13.56 -14.10
CA ILE A 527 27.20 12.61 -14.68
C ILE A 527 26.40 13.29 -15.78
N LEU A 528 26.40 12.68 -16.97
CA LEU A 528 25.67 13.20 -18.12
C LEU A 528 24.40 12.38 -18.30
N TRP A 529 23.26 13.00 -18.04
CA TRP A 529 21.98 12.31 -18.00
C TRP A 529 21.37 12.27 -19.39
N SER A 530 21.08 11.07 -19.88
CA SER A 530 20.36 10.85 -21.14
C SER A 530 21.01 11.56 -22.32
N GLY A 531 22.28 11.95 -22.19
CA GLY A 531 23.03 12.58 -23.25
C GLY A 531 22.99 14.09 -23.31
N PHE A 532 21.85 14.69 -22.98
CA PHE A 532 21.69 16.14 -23.09
C PHE A 532 21.45 16.83 -21.75
N SER A 533 20.45 16.39 -20.99
CA SER A 533 20.01 17.14 -19.83
C SER A 533 20.96 16.94 -18.65
N LYS A 534 20.72 17.72 -17.59
CA LYS A 534 21.58 17.63 -16.41
C LYS A 534 20.78 17.75 -15.11
N GLU A 535 19.61 17.11 -15.03
CA GLU A 535 18.94 16.94 -13.75
C GLU A 535 18.52 15.48 -13.61
N VAL A 536 18.49 15.02 -12.37
CA VAL A 536 18.21 13.62 -12.05
C VAL A 536 16.83 13.24 -12.57
N PRO A 537 16.74 12.26 -13.48
CA PRO A 537 15.43 11.84 -13.97
C PRO A 537 14.56 11.29 -12.86
N PHE A 538 13.26 11.26 -13.13
CA PHE A 538 12.26 10.84 -12.15
C PHE A 538 11.92 9.37 -12.40
N SER A 539 12.13 8.53 -11.39
CA SER A 539 11.85 7.10 -11.53
C SER A 539 11.14 6.57 -10.30
N ASN A 540 10.20 7.35 -9.76
CA ASN A 540 9.34 6.87 -8.70
C ASN A 540 8.08 6.25 -9.31
N CYS A 541 7.37 5.47 -8.49
CA CYS A 541 6.17 4.80 -9.00
C CYS A 541 5.02 5.79 -9.14
N SER A 542 4.62 6.42 -8.04
CA SER A 542 3.54 7.37 -8.02
C SER A 542 4.08 8.73 -7.61
N ARG A 543 3.53 9.79 -8.20
CA ARG A 543 4.00 11.13 -7.91
C ARG A 543 3.73 11.48 -6.45
N ASP A 544 4.72 12.13 -5.83
CA ASP A 544 4.57 12.61 -4.46
C ASP A 544 3.75 13.88 -4.47
N CYS A 545 2.59 13.86 -3.81
CA CYS A 545 1.67 14.98 -3.87
C CYS A 545 1.67 15.78 -2.57
N LEU A 546 1.27 17.04 -2.69
CA LEU A 546 1.60 18.10 -1.74
C LEU A 546 0.87 17.92 -0.42
N PRO A 547 1.22 18.71 0.60
CA PRO A 547 0.42 18.76 1.82
C PRO A 547 -1.01 19.20 1.54
N GLY A 548 -1.89 18.89 2.49
CA GLY A 548 -3.30 18.98 2.25
C GLY A 548 -3.92 17.71 1.72
N THR A 549 -3.09 16.75 1.30
CA THR A 549 -3.54 15.47 0.80
C THR A 549 -2.94 14.35 1.64
N ARG A 550 -3.46 13.15 1.47
CA ARG A 550 -2.95 11.99 2.20
C ARG A 550 -2.85 10.81 1.25
N LYS A 551 -1.93 9.90 1.55
CA LYS A 551 -1.77 8.71 0.72
C LYS A 551 -3.02 7.84 0.76
N GLY A 552 -3.21 7.08 -0.30
CA GLY A 552 -4.36 6.21 -0.43
C GLY A 552 -4.00 4.91 -1.11
N ILE A 553 -4.37 3.79 -0.48
CA ILE A 553 -3.96 2.48 -0.93
C ILE A 553 -4.57 2.18 -2.29
N ILE A 554 -3.74 1.71 -3.22
CA ILE A 554 -4.18 1.09 -4.45
C ILE A 554 -3.96 -0.41 -4.29
N GLU A 555 -5.03 -1.13 -3.99
CA GLU A 555 -4.88 -2.54 -3.62
C GLU A 555 -4.38 -3.36 -4.81
N GLY A 556 -3.45 -4.26 -4.53
CA GLY A 556 -2.82 -5.05 -5.57
C GLY A 556 -1.43 -4.54 -5.88
N GLU A 557 -1.27 -3.23 -5.91
CA GLU A 557 0.02 -2.61 -6.16
C GLU A 557 0.89 -2.67 -4.90
N PRO A 558 2.20 -2.54 -5.05
CA PRO A 558 3.08 -2.57 -3.87
C PRO A 558 2.91 -1.35 -2.98
N THR A 559 3.69 -1.28 -1.92
CA THR A 559 3.59 -0.19 -0.95
C THR A 559 4.15 1.11 -1.46
N CYS A 560 4.76 1.15 -2.64
CA CYS A 560 5.35 2.38 -3.14
C CYS A 560 4.43 3.12 -4.11
N CYS A 561 3.37 2.48 -4.57
CA CYS A 561 2.44 3.05 -5.53
C CYS A 561 1.10 3.30 -4.85
N PHE A 562 0.64 4.55 -4.90
CA PHE A 562 -0.56 4.96 -4.19
C PHE A 562 -1.25 6.06 -4.97
N GLU A 563 -2.52 6.27 -4.66
CA GLU A 563 -3.19 7.50 -5.03
C GLU A 563 -3.05 8.47 -3.85
N CYS A 564 -3.61 9.67 -3.96
CA CYS A 564 -3.71 10.49 -2.76
C CYS A 564 -5.00 11.29 -2.78
N VAL A 565 -5.67 11.27 -1.65
CA VAL A 565 -7.02 11.79 -1.47
C VAL A 565 -6.96 13.06 -0.65
N ASP A 566 -7.85 14.00 -0.94
CA ASP A 566 -7.86 15.26 -0.23
C ASP A 566 -8.32 15.07 1.20
N CYS A 567 -7.82 15.92 2.09
CA CYS A 567 -8.29 15.80 3.46
C CYS A 567 -9.65 16.48 3.59
N PRO A 568 -10.56 15.92 4.39
CA PRO A 568 -11.86 16.57 4.58
C PRO A 568 -11.74 17.87 5.35
N ASP A 569 -12.81 18.65 5.42
CA ASP A 569 -12.76 19.90 6.16
C ASP A 569 -12.81 19.60 7.66
N GLY A 570 -12.02 20.34 8.43
CA GLY A 570 -11.80 20.03 9.82
C GLY A 570 -10.56 19.20 10.08
N GLU A 571 -9.87 18.77 9.02
CA GLU A 571 -8.62 18.04 9.12
C GLU A 571 -7.59 18.68 8.20
N TYR A 572 -6.33 18.61 8.60
CA TYR A 572 -5.26 19.25 7.85
C TYR A 572 -4.05 18.34 7.79
N SER A 573 -3.14 18.69 6.88
CA SER A 573 -1.89 17.95 6.70
C SER A 573 -0.85 18.90 6.14
N ASP A 574 0.15 19.23 6.94
CA ASP A 574 1.19 20.17 6.54
C ASP A 574 2.42 19.50 5.95
N GLU A 575 2.53 18.18 6.07
CA GLU A 575 3.70 17.45 5.60
C GLU A 575 3.46 16.89 4.21
N THR A 576 4.55 16.71 3.47
CA THR A 576 4.53 15.91 2.25
C THR A 576 4.70 14.44 2.62
N ASP A 577 4.06 13.57 1.84
CA ASP A 577 4.02 12.13 2.12
C ASP A 577 3.38 11.85 3.47
N ALA A 578 2.12 12.24 3.58
CA ALA A 578 1.37 12.09 4.83
C ALA A 578 0.64 10.76 4.85
N SER A 579 0.53 10.18 6.05
CA SER A 579 -0.18 8.92 6.19
C SER A 579 -1.64 9.11 6.57
N ALA A 580 -1.98 10.24 7.17
CA ALA A 580 -3.35 10.52 7.57
C ALA A 580 -3.44 11.99 7.94
N CYS A 581 -4.63 12.55 7.77
CA CYS A 581 -4.86 13.93 8.14
C CYS A 581 -5.02 14.01 9.66
N ASP A 582 -5.07 15.24 10.19
CA ASP A 582 -5.07 15.47 11.62
C ASP A 582 -6.20 16.42 12.01
N LYS A 583 -6.92 16.08 13.07
CA LYS A 583 -7.94 16.98 13.61
C LYS A 583 -7.30 17.97 14.57
N CYS A 584 -7.56 19.25 14.35
CA CYS A 584 -7.03 20.30 15.20
C CYS A 584 -7.98 20.61 16.35
N PRO A 585 -7.49 21.27 17.40
CA PRO A 585 -8.31 21.47 18.60
C PRO A 585 -9.57 22.27 18.32
N GLU A 586 -10.44 22.29 19.34
CA GLU A 586 -11.82 22.74 19.18
C GLU A 586 -11.90 24.16 18.62
N ASP A 587 -11.22 25.11 19.25
CA ASP A 587 -11.27 26.49 18.77
C ASP A 587 -10.39 26.71 17.55
N TYR A 588 -9.89 25.65 16.91
CA TYR A 588 -9.20 25.73 15.64
C TYR A 588 -9.96 24.96 14.58
N TRP A 589 -9.74 25.34 13.33
CA TRP A 589 -10.45 24.76 12.19
C TRP A 589 -9.52 24.77 10.99
N SER A 590 -9.54 23.68 10.22
CA SER A 590 -8.72 23.61 9.02
C SER A 590 -9.02 24.76 8.09
N ASN A 591 -7.96 25.32 7.49
CA ASN A 591 -8.13 26.45 6.59
C ASN A 591 -8.62 25.96 5.24
N GLU A 592 -8.62 26.85 4.25
CA GLU A 592 -9.17 26.53 2.94
C GLU A 592 -8.32 25.53 2.16
N ASN A 593 -7.04 25.38 2.49
CA ASN A 593 -6.20 24.38 1.84
C ASN A 593 -5.90 23.17 2.72
N HIS A 594 -6.48 23.10 3.92
CA HIS A 594 -6.24 21.97 4.82
C HIS A 594 -4.76 21.78 5.11
N THR A 595 -4.02 22.89 5.18
CA THR A 595 -2.60 22.82 5.48
C THR A 595 -2.24 23.30 6.88
N SER A 596 -3.09 24.12 7.50
CA SER A 596 -2.83 24.66 8.83
C SER A 596 -4.10 25.23 9.42
N CYS A 597 -4.44 24.77 10.61
CA CYS A 597 -5.64 25.18 11.32
C CYS A 597 -5.58 26.63 11.77
N ILE A 598 -6.23 27.49 11.01
CA ILE A 598 -6.26 28.87 11.37
C ILE A 598 -7.16 28.86 12.58
N PRO A 599 -6.75 29.59 13.64
CA PRO A 599 -7.44 29.78 14.92
C PRO A 599 -8.86 30.17 14.55
N LYS A 600 -9.87 29.64 15.25
CA LYS A 600 -11.29 29.80 14.82
C LYS A 600 -11.77 31.20 15.21
N GLN A 601 -12.99 31.56 14.76
CA GLN A 601 -13.57 32.90 15.07
C GLN A 601 -14.59 32.75 16.20
N ILE A 602 -14.88 33.83 16.93
CA ILE A 602 -15.82 33.72 18.09
C ILE A 602 -17.06 34.60 17.90
N GLU A 603 -18.24 33.98 18.02
CA GLU A 603 -19.53 34.66 17.96
C GLU A 603 -20.15 35.34 19.17
N PHE A 604 -20.35 36.66 19.06
CA PHE A 604 -20.99 37.46 20.09
C PHE A 604 -21.04 38.89 19.59
N LEU A 605 -21.90 39.69 20.22
CA LEU A 605 -22.01 41.09 19.84
C LEU A 605 -20.84 41.89 20.38
N SER A 606 -20.33 42.82 19.56
CA SER A 606 -19.20 43.64 19.92
C SER A 606 -19.60 45.11 19.93
N TRP A 607 -18.84 45.90 20.69
CA TRP A 607 -19.10 47.32 20.86
C TRP A 607 -18.66 48.15 19.68
N THR A 608 -17.50 47.86 19.10
CA THR A 608 -17.11 48.44 17.83
C THR A 608 -17.95 47.91 16.68
N GLU A 609 -18.77 46.89 16.93
CA GLU A 609 -19.62 46.32 15.90
C GLU A 609 -20.55 47.39 15.35
N PRO A 610 -20.81 47.41 14.05
CA PRO A 610 -21.67 48.44 13.48
C PRO A 610 -23.07 48.46 14.10
N PHE A 611 -23.78 47.33 14.00
CA PHE A 611 -25.13 47.29 14.55
C PHE A 611 -25.11 47.39 16.06
N GLY A 612 -24.08 46.85 16.71
CA GLY A 612 -23.88 47.17 18.11
C GLY A 612 -23.74 48.67 18.35
N ILE A 613 -23.08 49.35 17.42
CA ILE A 613 -22.97 50.80 17.50
C ILE A 613 -24.35 51.45 17.45
N ALA A 614 -25.17 51.03 16.49
CA ALA A 614 -26.52 51.56 16.39
C ALA A 614 -27.29 51.35 17.69
N LEU A 615 -27.25 50.13 18.21
CA LEU A 615 -27.94 49.84 19.46
C LEU A 615 -27.46 50.75 20.58
N THR A 616 -26.14 50.86 20.75
CA THR A 616 -25.61 51.63 21.87
C THR A 616 -25.96 53.10 21.74
N LEU A 617 -25.93 53.63 20.53
CA LEU A 617 -26.34 55.02 20.36
C LEU A 617 -27.82 55.19 20.69
N PHE A 618 -28.65 54.22 20.32
CA PHE A 618 -30.04 54.30 20.72
C PHE A 618 -30.18 54.36 22.23
N ALA A 619 -29.44 53.51 22.93
CA ALA A 619 -29.53 53.51 24.39
C ALA A 619 -29.11 54.87 24.95
N VAL A 620 -28.02 55.42 24.42
CA VAL A 620 -27.55 56.71 24.93
C VAL A 620 -28.58 57.79 24.66
N LEU A 621 -29.24 57.73 23.50
CA LEU A 621 -30.24 58.75 23.21
C LEU A 621 -31.42 58.63 24.16
N GLY A 622 -31.86 57.40 24.44
CA GLY A 622 -32.91 57.21 25.42
C GLY A 622 -32.56 57.86 26.74
N ILE A 623 -31.36 57.56 27.24
CA ILE A 623 -30.97 58.11 28.54
C ILE A 623 -30.90 59.62 28.47
N PHE A 624 -30.38 60.16 27.37
CA PHE A 624 -30.30 61.61 27.22
C PHE A 624 -31.68 62.24 27.33
N LEU A 625 -32.63 61.72 26.55
CA LEU A 625 -33.98 62.28 26.56
C LEU A 625 -34.55 62.25 27.96
N THR A 626 -34.47 61.09 28.61
CA THR A 626 -35.05 60.97 29.95
C THR A 626 -34.44 61.97 30.90
N SER A 627 -33.10 62.04 30.95
CA SER A 627 -32.45 62.93 31.91
C SER A 627 -32.72 64.39 31.61
N PHE A 628 -32.75 64.75 30.33
CA PHE A 628 -33.04 66.13 29.97
C PHE A 628 -34.45 66.52 30.40
N VAL A 629 -35.42 65.63 30.19
CA VAL A 629 -36.77 65.89 30.65
C VAL A 629 -36.80 66.00 32.17
N LEU A 630 -36.00 65.18 32.85
CA LEU A 630 -35.91 65.28 34.31
C LEU A 630 -35.45 66.67 34.72
N GLY A 631 -34.40 67.17 34.08
CA GLY A 631 -33.94 68.51 34.40
C GLY A 631 -34.98 69.58 34.10
N VAL A 632 -35.65 69.46 32.95
CA VAL A 632 -36.68 70.43 32.60
C VAL A 632 -37.76 70.49 33.67
N PHE A 633 -38.22 69.31 34.12
CA PHE A 633 -39.03 69.28 35.35
C PHE A 633 -38.34 70.08 36.45
N THR A 634 -37.07 69.77 36.70
CA THR A 634 -36.32 70.44 37.75
C THR A 634 -36.46 71.95 37.69
N LYS A 635 -36.65 72.51 36.50
CA LYS A 635 -37.06 73.91 36.41
C LYS A 635 -38.38 74.13 37.14
N PHE A 636 -39.45 73.46 36.69
CA PHE A 636 -40.74 73.54 37.34
C PHE A 636 -40.87 72.58 38.51
N ARG A 637 -39.75 72.06 39.01
CA ARG A 637 -39.80 70.95 39.96
C ARG A 637 -40.44 71.36 41.28
N ASN A 638 -40.60 72.65 41.51
CA ASN A 638 -41.28 73.14 42.71
C ASN A 638 -42.46 74.03 42.35
N THR A 639 -42.97 73.88 41.14
CA THR A 639 -44.20 74.52 40.73
C THR A 639 -45.28 73.45 40.64
N PRO A 640 -45.93 73.09 41.77
CA PRO A 640 -46.88 71.97 41.74
C PRO A 640 -48.06 72.23 40.82
N ILE A 641 -48.01 73.36 40.11
CA ILE A 641 -48.99 73.69 39.08
C ILE A 641 -49.29 72.44 38.28
N VAL A 642 -48.24 71.77 37.82
CA VAL A 642 -48.37 70.45 37.22
C VAL A 642 -48.14 69.35 38.24
N LYS A 643 -47.44 69.63 39.32
CA LYS A 643 -47.12 68.65 40.33
C LYS A 643 -48.28 68.35 41.23
N ALA A 644 -49.50 68.75 40.85
CA ALA A 644 -50.68 68.26 41.54
C ALA A 644 -50.66 66.74 41.63
N THR A 645 -49.89 66.08 40.78
CA THR A 645 -49.66 64.65 40.86
C THR A 645 -48.73 64.35 42.03
N ASN A 646 -48.29 63.09 42.13
CA ASN A 646 -47.37 62.68 43.19
C ASN A 646 -45.94 62.99 42.76
N ARG A 647 -45.32 63.96 43.42
CA ARG A 647 -43.92 64.29 43.14
C ARG A 647 -43.04 63.05 43.18
N GLU A 648 -42.99 62.41 44.35
CA GLU A 648 -42.04 61.32 44.57
C GLU A 648 -42.28 60.18 43.60
N LEU A 649 -43.54 59.83 43.35
CA LEU A 649 -43.81 58.83 42.32
C LEU A 649 -43.25 59.28 40.98
N SER A 650 -43.39 60.56 40.66
CA SER A 650 -42.82 61.06 39.42
C SER A 650 -41.33 60.77 39.34
N TYR A 651 -40.58 61.23 40.34
CA TYR A 651 -39.14 61.02 40.32
C TYR A 651 -38.81 59.53 40.26
N LEU A 652 -39.56 58.73 41.01
CA LEU A 652 -39.28 57.29 41.05
C LEU A 652 -39.45 56.68 39.68
N LEU A 653 -40.56 56.98 39.01
CA LEU A 653 -40.78 56.43 37.68
C LEU A 653 -39.68 56.87 36.72
N LEU A 654 -39.33 58.15 36.75
CA LEU A 654 -38.30 58.65 35.84
C LEU A 654 -36.99 57.92 36.05
N PHE A 655 -36.61 57.73 37.31
CA PHE A 655 -35.34 57.07 37.61
C PHE A 655 -35.40 55.60 37.21
N SER A 656 -36.53 54.94 37.46
CA SER A 656 -36.70 53.56 37.04
C SER A 656 -36.51 53.43 35.53
N LEU A 657 -37.06 54.38 34.77
CA LEU A 657 -36.90 54.31 33.32
C LEU A 657 -35.46 54.55 32.91
N LEU A 658 -34.81 55.55 33.50
CA LEU A 658 -33.41 55.76 33.18
C LEU A 658 -32.61 54.48 33.41
N CYS A 659 -32.86 53.80 34.53
CA CYS A 659 -32.07 52.63 34.86
C CYS A 659 -32.40 51.45 33.94
N CYS A 660 -33.69 51.24 33.64
CA CYS A 660 -34.04 50.17 32.71
C CYS A 660 -33.34 50.39 31.38
N PHE A 661 -33.44 51.59 30.81
CA PHE A 661 -32.66 51.89 29.62
C PHE A 661 -31.21 51.50 29.83
N SER A 662 -30.56 52.10 30.82
CA SER A 662 -29.16 51.81 31.08
C SER A 662 -28.89 50.31 31.08
N SER A 663 -29.90 49.51 31.43
CA SER A 663 -29.71 48.06 31.44
C SER A 663 -29.09 47.57 30.15
N SER A 664 -29.44 48.19 29.01
CA SER A 664 -28.91 47.75 27.72
C SER A 664 -27.39 47.66 27.72
N LEU A 665 -26.72 48.23 28.72
CA LEU A 665 -25.28 48.13 28.82
C LEU A 665 -24.79 46.69 28.69
N PHE A 666 -25.68 45.72 28.88
CA PHE A 666 -25.30 44.33 29.08
C PHE A 666 -25.48 43.45 27.85
N PHE A 667 -25.51 44.02 26.66
CA PHE A 667 -25.78 43.24 25.47
C PHE A 667 -24.88 43.65 24.33
N ILE A 668 -23.59 43.86 24.60
CA ILE A 668 -22.72 44.34 23.53
C ILE A 668 -21.40 43.59 23.48
N GLY A 669 -21.23 42.62 24.37
CA GLY A 669 -19.97 41.88 24.40
C GLY A 669 -20.06 40.51 25.03
N GLU A 670 -18.91 39.86 25.20
CA GLU A 670 -18.90 38.49 25.67
C GLU A 670 -19.52 38.42 27.07
N PRO A 671 -20.31 37.42 27.35
CA PRO A 671 -20.88 37.29 28.69
C PRO A 671 -19.97 36.55 29.66
N GLN A 672 -19.51 37.24 30.70
CA GLN A 672 -19.05 36.54 31.89
C GLN A 672 -20.22 36.38 32.83
N ASN A 673 -20.16 35.34 33.67
CA ASN A 673 -21.27 35.08 34.59
C ASN A 673 -21.82 36.37 35.17
N TRP A 674 -20.92 37.26 35.59
CA TRP A 674 -21.35 38.60 35.99
C TRP A 674 -22.35 39.17 35.00
N THR A 675 -21.90 39.35 33.75
CA THR A 675 -22.69 40.09 32.79
C THR A 675 -24.05 39.46 32.59
N CYS A 676 -24.09 38.18 32.24
CA CYS A 676 -25.38 37.56 31.92
C CYS A 676 -26.29 37.52 33.14
N ARG A 677 -25.82 36.89 34.22
CA ARG A 677 -26.66 36.68 35.37
C ARG A 677 -27.02 37.98 36.09
N LEU A 678 -26.40 39.10 35.72
CA LEU A 678 -26.85 40.40 36.19
C LEU A 678 -27.81 41.06 35.23
N ARG A 679 -27.42 41.20 33.97
CA ARG A 679 -28.25 41.86 32.96
C ARG A 679 -29.67 41.30 32.99
N GLN A 680 -29.82 39.99 32.85
CA GLN A 680 -31.19 39.50 32.68
C GLN A 680 -32.09 39.97 33.83
N PRO A 681 -31.84 39.50 35.05
CA PRO A 681 -32.60 40.01 36.19
C PRO A 681 -32.52 41.52 36.32
N ALA A 682 -31.47 42.13 35.77
CA ALA A 682 -31.40 43.58 35.76
C ALA A 682 -32.63 44.19 35.10
N PHE A 683 -32.85 43.83 33.84
CA PHE A 683 -34.09 44.26 33.20
C PHE A 683 -35.27 43.90 34.07
N GLY A 684 -35.29 42.66 34.56
CA GLY A 684 -36.42 42.27 35.36
C GLY A 684 -36.79 43.35 36.36
N ILE A 685 -35.88 43.62 37.29
CA ILE A 685 -36.21 44.51 38.40
C ILE A 685 -36.46 45.92 37.90
N SER A 686 -35.61 46.43 37.01
CA SER A 686 -35.78 47.82 36.61
C SER A 686 -37.16 48.03 36.02
N PHE A 687 -37.49 47.28 34.98
CA PHE A 687 -38.77 47.48 34.33
C PHE A 687 -39.92 47.20 35.28
N VAL A 688 -39.79 46.19 36.14
CA VAL A 688 -40.90 45.89 37.02
C VAL A 688 -41.16 47.05 37.96
N LEU A 689 -40.10 47.67 38.46
CA LEU A 689 -40.25 48.89 39.22
C LEU A 689 -40.99 49.94 38.43
N CYS A 690 -40.55 50.19 37.19
CA CYS A 690 -41.20 51.23 36.39
C CYS A 690 -42.69 50.95 36.24
N ILE A 691 -43.03 49.72 35.89
CA ILE A 691 -44.43 49.37 35.67
C ILE A 691 -45.23 49.60 36.93
N SER A 692 -44.77 49.04 38.04
CA SER A 692 -45.53 49.19 39.27
C SER A 692 -45.72 50.66 39.59
N CYS A 693 -44.70 51.48 39.34
CA CYS A 693 -44.82 52.90 39.65
C CYS A 693 -45.91 53.55 38.81
N ILE A 694 -45.78 53.48 37.49
CA ILE A 694 -46.81 54.10 36.66
C ILE A 694 -48.19 53.55 37.02
N LEU A 695 -48.26 52.25 37.32
CA LEU A 695 -49.54 51.65 37.66
C LEU A 695 -50.15 52.33 38.86
N VAL A 696 -49.45 52.29 40.00
CA VAL A 696 -49.95 52.95 41.20
C VAL A 696 -50.30 54.39 40.90
N LYS A 697 -49.80 54.89 39.77
CA LYS A 697 -50.09 56.28 39.33
C LYS A 697 -51.60 56.43 39.10
N THR A 698 -52.32 55.30 39.07
CA THR A 698 -53.80 55.23 38.83
C THR A 698 -54.61 55.75 40.02
N ASN A 699 -55.93 55.94 39.81
CA ASN A 699 -56.89 56.51 40.79
C ASN A 699 -56.93 55.68 42.08
N ARG A 700 -57.08 56.37 43.22
CA ARG A 700 -57.02 55.77 44.57
C ARG A 700 -58.32 55.06 44.96
N VAL A 701 -58.80 54.12 44.15
CA VAL A 701 -60.04 53.39 44.54
C VAL A 701 -59.79 52.57 45.82
N LEU A 702 -58.64 51.87 45.84
CA LEU A 702 -58.24 51.01 46.99
C LEU A 702 -58.01 51.90 48.21
N LEU A 703 -57.39 53.07 47.98
CA LEU A 703 -57.11 54.02 49.08
C LEU A 703 -58.45 54.49 49.66
N VAL A 704 -59.43 54.75 48.79
CA VAL A 704 -60.77 55.20 49.26
C VAL A 704 -61.37 54.07 50.10
N PHE A 705 -61.23 52.82 49.64
CA PHE A 705 -61.81 51.69 50.41
C PHE A 705 -61.16 51.62 51.80
N GLU A 706 -59.84 51.81 51.87
CA GLU A 706 -59.14 51.72 53.19
C GLU A 706 -58.93 53.13 53.76
N TRP A 718 -52.29 57.67 58.83
CA TRP A 718 -50.87 57.80 59.13
C TRP A 718 -50.05 57.95 57.86
N GLY A 719 -50.23 59.07 57.18
CA GLY A 719 -49.45 59.40 56.01
C GLY A 719 -49.77 58.48 54.83
N LEU A 720 -49.38 58.94 53.64
CA LEU A 720 -49.61 58.19 52.42
C LEU A 720 -48.61 57.06 52.21
N ASN A 721 -47.85 56.68 53.23
CA ASN A 721 -46.90 55.58 53.12
C ASN A 721 -47.50 54.44 52.30
N LEU A 722 -48.79 54.21 52.50
CA LEU A 722 -49.49 53.13 51.80
C LEU A 722 -49.02 53.00 50.36
N GLN A 723 -49.07 54.10 49.60
CA GLN A 723 -48.70 54.04 48.20
C GLN A 723 -47.35 53.36 48.03
N PHE A 724 -46.31 53.94 48.63
CA PHE A 724 -45.02 53.27 48.61
C PHE A 724 -45.16 51.81 49.01
N LEU A 725 -45.63 51.57 50.24
CA LEU A 725 -45.80 50.19 50.69
C LEU A 725 -46.43 49.33 49.63
N LEU A 726 -47.49 49.83 48.99
CA LEU A 726 -48.15 49.08 47.93
C LEU A 726 -47.12 48.49 46.98
N VAL A 727 -46.40 49.36 46.28
CA VAL A 727 -45.44 48.87 45.29
C VAL A 727 -44.47 47.91 45.95
N PHE A 728 -44.03 48.24 47.15
CA PHE A 728 -42.97 47.45 47.74
C PHE A 728 -43.43 46.15 48.23
N LEU A 729 -44.62 45.73 47.81
CA LEU A 729 -44.93 44.31 47.85
C LEU A 729 -44.56 43.64 46.52
N CYS A 730 -45.19 44.10 45.43
CA CYS A 730 -45.04 43.41 44.16
C CYS A 730 -43.58 43.17 43.82
N THR A 731 -42.78 44.24 43.88
CA THR A 731 -41.36 44.15 43.57
C THR A 731 -40.75 42.90 44.20
N PHE A 732 -40.88 42.78 45.53
CA PHE A 732 -40.19 41.70 46.22
C PHE A 732 -40.46 40.36 45.56
N VAL A 733 -41.71 40.13 45.16
CA VAL A 733 -42.09 38.85 44.55
C VAL A 733 -41.03 38.46 43.53
N GLN A 734 -40.79 39.35 42.57
CA GLN A 734 -39.83 39.02 41.51
C GLN A 734 -38.41 39.02 42.01
N ILE A 735 -38.05 39.94 42.90
CA ILE A 735 -36.77 39.81 43.58
C ILE A 735 -36.67 38.43 44.21
N VAL A 736 -37.79 37.93 44.75
CA VAL A 736 -37.82 36.57 45.24
C VAL A 736 -37.25 35.63 44.19
N ILE A 737 -37.87 35.62 43.01
CA ILE A 737 -37.42 34.69 41.97
C ILE A 737 -35.92 34.80 41.76
N CYS A 738 -35.40 36.02 41.74
CA CYS A 738 -33.97 36.16 41.49
C CYS A 738 -33.17 35.32 42.48
N VAL A 739 -33.42 35.53 43.77
CA VAL A 739 -32.64 34.84 44.78
C VAL A 739 -32.71 33.33 44.56
N ILE A 740 -33.84 32.83 44.06
CA ILE A 740 -33.95 31.39 43.83
C ILE A 740 -32.81 30.92 42.95
N TRP A 741 -32.67 31.52 41.77
CA TRP A 741 -31.57 31.10 40.90
C TRP A 741 -30.23 31.49 41.50
N LEU A 742 -30.23 32.49 42.38
CA LEU A 742 -29.01 32.79 43.10
C LEU A 742 -28.44 31.56 43.78
N TYR A 743 -29.30 30.59 44.13
CA TYR A 743 -28.81 29.40 44.81
C TYR A 743 -29.50 28.12 44.35
N THR A 744 -30.23 28.14 43.24
CA THR A 744 -30.80 26.90 42.69
C THR A 744 -30.21 26.56 41.33
N ALA A 745 -30.28 27.47 40.37
CA ALA A 745 -29.72 27.24 39.05
C ALA A 745 -29.54 28.57 38.31
N PRO A 746 -28.53 29.34 38.65
CA PRO A 746 -28.30 30.61 37.95
C PRO A 746 -27.84 30.36 36.52
N PRO A 747 -28.20 31.23 35.58
CA PRO A 747 -27.88 30.98 34.18
C PRO A 747 -26.38 30.82 33.97
N SER A 748 -26.02 30.08 32.93
CA SER A 748 -24.65 29.68 32.67
C SER A 748 -24.15 30.32 31.39
N SER A 749 -23.16 31.21 31.51
CA SER A 749 -22.55 31.86 30.35
C SER A 749 -21.43 30.95 29.84
N TYR A 750 -21.71 30.23 28.75
CA TYR A 750 -20.77 29.23 28.26
C TYR A 750 -20.68 29.31 26.74
N ARG A 751 -19.73 28.54 26.21
CA ARG A 751 -19.50 28.48 24.77
C ARG A 751 -20.30 27.34 24.15
N ASN A 752 -20.91 27.63 23.01
CA ASN A 752 -21.64 26.63 22.25
C ASN A 752 -21.29 26.76 20.80
N HIS A 753 -21.02 25.64 20.16
CA HIS A 753 -20.67 25.60 18.74
C HIS A 753 -21.35 24.48 17.98
N GLU A 754 -21.89 23.47 18.65
CA GLU A 754 -22.41 22.28 17.99
C GLU A 754 -23.38 22.61 16.88
N LEU A 755 -23.98 23.78 16.91
CA LEU A 755 -24.88 24.19 15.84
C LEU A 755 -24.17 24.96 14.74
N GLU A 756 -22.88 25.18 14.86
CA GLU A 756 -22.19 25.82 13.75
C GLU A 756 -20.97 25.06 13.27
N ASP A 757 -20.21 24.47 14.20
CA ASP A 757 -19.06 23.62 13.90
C ASP A 757 -17.90 24.41 13.29
N GLU A 758 -18.08 25.68 13.01
CA GLU A 758 -17.04 26.50 12.44
C GLU A 758 -16.71 27.71 13.29
N ILE A 759 -17.74 28.35 13.87
CA ILE A 759 -17.58 29.49 14.77
C ILE A 759 -18.27 29.16 16.08
N ILE A 760 -17.63 29.50 17.19
CA ILE A 760 -18.15 29.19 18.51
C ILE A 760 -18.94 30.39 19.01
N PHE A 761 -20.25 30.25 19.08
CA PHE A 761 -21.06 31.23 19.79
C PHE A 761 -20.67 31.22 21.26
N ILE A 762 -20.83 32.37 21.92
CA ILE A 762 -20.69 32.44 23.37
C ILE A 762 -22.04 32.84 23.93
N THR A 763 -22.82 31.86 24.33
CA THR A 763 -24.21 32.07 24.71
C THR A 763 -24.36 31.95 26.22
N CYS A 764 -25.61 32.03 26.69
CA CYS A 764 -25.90 31.95 28.12
C CYS A 764 -27.15 31.10 28.30
N HIS A 765 -26.96 29.84 28.64
CA HIS A 765 -28.08 28.94 28.88
C HIS A 765 -28.87 29.42 30.10
N GLU A 766 -30.19 29.42 29.97
CA GLU A 766 -31.05 29.88 31.05
C GLU A 766 -30.89 29.00 32.28
N GLY A 767 -30.79 29.63 33.46
CA GLY A 767 -30.59 28.88 34.68
C GLY A 767 -31.75 27.97 35.01
N SER A 768 -32.97 28.50 34.96
CA SER A 768 -34.18 27.70 35.24
C SER A 768 -35.32 28.27 34.40
N LEU A 769 -35.65 27.56 33.32
CA LEU A 769 -36.59 28.08 32.33
C LEU A 769 -37.94 28.41 32.96
N MET A 770 -38.64 27.39 33.48
CA MET A 770 -39.98 27.62 33.99
C MET A 770 -40.02 28.76 35.01
N ALA A 771 -38.90 29.01 35.69
CA ALA A 771 -38.88 30.12 36.64
C ALA A 771 -38.78 31.47 35.93
N LEU A 772 -38.03 31.54 34.84
CA LEU A 772 -38.13 32.71 33.97
C LEU A 772 -39.56 32.90 33.51
N GLY A 773 -40.23 31.81 33.14
CA GLY A 773 -41.63 31.92 32.75
C GLY A 773 -42.46 32.52 33.87
N PHE A 774 -42.25 32.05 35.09
CA PHE A 774 -42.98 32.59 36.24
C PHE A 774 -42.71 34.08 36.40
N LEU A 775 -41.44 34.48 36.34
CA LEU A 775 -41.08 35.89 36.45
C LEU A 775 -41.79 36.73 35.39
N ILE A 776 -41.61 36.35 34.12
CA ILE A 776 -42.20 37.11 33.03
C ILE A 776 -43.71 37.16 33.18
N GLY A 777 -44.31 36.06 33.63
CA GLY A 777 -45.75 36.03 33.80
C GLY A 777 -46.21 36.97 34.89
N TYR A 778 -45.49 36.99 36.01
CA TYR A 778 -45.84 37.93 37.07
C TYR A 778 -45.81 39.34 36.54
N THR A 779 -44.73 39.68 35.84
CA THR A 779 -44.60 41.04 35.31
C THR A 779 -45.73 41.34 34.33
N CYS A 780 -46.05 40.38 33.46
CA CYS A 780 -47.08 40.63 32.47
C CYS A 780 -48.46 40.73 33.10
N LEU A 781 -48.69 40.03 34.20
CA LEU A 781 -49.99 40.15 34.87
C LEU A 781 -50.12 41.49 35.57
N LEU A 782 -49.04 41.97 36.18
CA LEU A 782 -49.06 43.35 36.68
C LEU A 782 -49.43 44.30 35.56
N ALA A 783 -48.71 44.22 34.44
CA ALA A 783 -49.02 45.07 33.30
C ALA A 783 -50.47 44.91 32.85
N ALA A 784 -50.98 43.69 32.89
CA ALA A 784 -52.30 43.41 32.36
C ALA A 784 -53.38 44.02 33.26
N ILE A 785 -53.21 43.93 34.57
CA ILE A 785 -54.15 44.58 35.47
C ILE A 785 -54.10 46.09 35.26
N CYS A 786 -52.90 46.64 35.09
CA CYS A 786 -52.80 48.06 34.77
C CYS A 786 -53.59 48.39 33.53
N PHE A 787 -53.51 47.52 32.52
CA PHE A 787 -54.21 47.74 31.26
C PHE A 787 -55.72 47.71 31.46
N PHE A 788 -56.22 46.66 32.08
CA PHE A 788 -57.66 46.54 32.30
C PHE A 788 -58.19 47.75 33.05
N PHE A 789 -57.54 48.13 34.15
CA PHE A 789 -58.04 49.23 34.95
C PHE A 789 -57.86 50.59 34.28
N ALA A 790 -56.88 50.72 33.40
CA ALA A 790 -56.75 51.99 32.70
C ALA A 790 -57.80 52.14 31.62
N PHE A 791 -58.15 51.04 30.95
CA PHE A 791 -59.18 51.15 29.91
C PHE A 791 -60.56 51.29 30.52
N LYS A 792 -60.99 50.28 31.31
CA LYS A 792 -62.35 50.28 31.83
C LYS A 792 -62.74 51.66 32.35
N SER A 793 -61.81 52.36 32.97
CA SER A 793 -61.99 53.76 33.33
C SER A 793 -61.24 54.69 32.38
N ARG A 794 -60.83 54.20 31.21
CA ARG A 794 -60.11 55.04 30.27
C ARG A 794 -60.93 56.19 29.73
N LYS A 795 -62.18 56.32 30.16
CA LYS A 795 -63.09 57.34 29.68
C LYS A 795 -63.49 58.29 30.80
N LEU A 796 -62.54 58.56 31.69
CA LEU A 796 -62.70 59.47 32.81
C LEU A 796 -61.66 60.57 32.65
N PRO A 797 -61.91 61.53 31.78
CA PRO A 797 -60.83 62.46 31.37
C PRO A 797 -60.39 63.39 32.49
N GLU A 798 -59.57 62.87 33.40
CA GLU A 798 -58.88 63.68 34.39
C GLU A 798 -57.51 64.06 33.85
N ASN A 799 -57.25 65.35 33.73
CA ASN A 799 -55.96 65.84 33.27
C ASN A 799 -55.51 65.07 32.03
N PHE A 800 -56.38 65.10 31.02
CA PHE A 800 -56.17 64.47 29.72
C PHE A 800 -56.32 62.95 29.74
N ASN A 801 -57.07 62.41 30.68
CA ASN A 801 -57.48 61.00 30.68
C ASN A 801 -56.31 60.10 30.29
N GLU A 802 -55.27 60.14 31.12
CA GLU A 802 -54.09 59.31 30.85
C GLU A 802 -54.38 57.83 30.96
N ALA A 803 -55.59 57.44 31.35
CA ALA A 803 -55.98 56.04 31.26
C ALA A 803 -55.77 55.52 29.85
N LYS A 804 -56.28 56.25 28.86
CA LYS A 804 -56.12 55.82 27.47
C LYS A 804 -54.65 55.77 27.09
N PHE A 805 -53.88 56.78 27.47
CA PHE A 805 -52.47 56.81 27.11
C PHE A 805 -51.75 55.59 27.64
N ILE A 806 -51.90 55.30 28.93
CA ILE A 806 -51.19 54.18 29.53
C ILE A 806 -51.71 52.86 28.98
N THR A 807 -52.98 52.79 28.63
CA THR A 807 -53.49 51.59 28.00
C THR A 807 -52.80 51.35 26.66
N PHE A 808 -52.80 52.37 25.79
CA PHE A 808 -52.10 52.25 24.51
C PHE A 808 -50.66 51.84 24.75
N SER A 809 -50.03 52.40 25.79
CA SER A 809 -48.67 52.02 26.15
C SER A 809 -48.56 50.53 26.42
N MET A 810 -49.25 50.06 27.45
CA MET A 810 -49.19 48.65 27.82
C MET A 810 -49.48 47.76 26.61
N LEU A 811 -50.34 48.24 25.71
CA LEU A 811 -50.64 47.44 24.54
C LEU A 811 -49.45 47.41 23.57
N ILE A 812 -48.75 48.54 23.40
CA ILE A 812 -47.54 48.51 22.59
C ILE A 812 -46.58 47.50 23.18
N PHE A 813 -46.43 47.52 24.50
CA PHE A 813 -45.55 46.59 25.18
C PHE A 813 -45.92 45.16 24.82
N PHE A 814 -47.20 44.82 25.00
CA PHE A 814 -47.71 43.52 24.64
C PHE A 814 -47.36 43.15 23.21
N ILE A 815 -47.74 44.02 22.26
CA ILE A 815 -47.58 43.70 20.85
C ILE A 815 -46.12 43.44 20.52
N VAL A 816 -45.23 44.31 21.03
CA VAL A 816 -43.81 44.14 20.73
C VAL A 816 -43.35 42.77 21.20
N TRP A 817 -43.66 42.47 22.44
CA TRP A 817 -43.17 41.16 22.90
C TRP A 817 -43.76 40.09 22.00
N ILE A 818 -45.06 40.10 21.81
CA ILE A 818 -45.72 39.08 21.03
C ILE A 818 -44.96 38.85 19.74
N SER A 819 -44.86 39.90 18.94
CA SER A 819 -44.29 39.74 17.60
C SER A 819 -42.83 39.36 17.67
N PHE A 820 -42.15 39.63 18.78
CA PHE A 820 -40.72 39.39 18.80
C PHE A 820 -40.40 38.00 19.34
N ILE A 821 -41.37 37.34 19.95
CA ILE A 821 -41.13 35.96 20.39
C ILE A 821 -40.55 35.10 19.26
N PRO A 822 -41.11 35.15 18.05
CA PRO A 822 -40.67 34.20 17.02
C PRO A 822 -39.16 34.20 16.81
N ALA A 823 -38.58 35.38 16.58
CA ALA A 823 -37.14 35.46 16.39
C ALA A 823 -36.40 34.74 17.50
N TYR A 824 -36.80 35.04 18.75
CA TYR A 824 -36.19 34.40 19.94
C TYR A 824 -36.37 32.88 19.84
N ALA A 825 -37.41 32.43 19.13
CA ALA A 825 -37.66 31.01 18.96
C ALA A 825 -36.86 30.38 17.82
N SER A 826 -36.38 31.17 16.88
CA SER A 826 -35.84 30.64 15.62
C SER A 826 -34.53 31.33 15.24
N THR A 827 -33.57 31.41 16.16
CA THR A 827 -32.32 32.07 15.79
C THR A 827 -31.19 31.56 16.68
N TYR A 828 -29.97 31.83 16.23
CA TYR A 828 -28.74 31.51 16.94
C TYR A 828 -28.47 32.57 18.01
N GLY A 829 -27.27 32.58 18.56
CA GLY A 829 -26.96 33.51 19.63
C GLY A 829 -26.93 34.98 19.26
N LYS A 830 -26.16 35.33 18.24
CA LYS A 830 -25.88 36.73 17.95
C LYS A 830 -27.14 37.56 17.74
N PHE A 831 -27.88 37.28 16.67
CA PHE A 831 -29.06 38.08 16.44
C PHE A 831 -30.12 37.85 17.50
N VAL A 832 -30.10 36.72 18.20
CA VAL A 832 -31.01 36.58 19.35
C VAL A 832 -30.78 37.72 20.33
N SER A 833 -29.56 37.85 20.81
CA SER A 833 -29.30 38.91 21.77
C SER A 833 -29.65 40.27 21.17
N ALA A 834 -29.30 40.48 19.90
CA ALA A 834 -29.56 41.78 19.30
C ALA A 834 -31.05 42.11 19.29
N VAL A 835 -31.87 41.14 18.90
CA VAL A 835 -33.31 41.38 18.87
C VAL A 835 -33.83 41.64 20.27
N GLU A 836 -33.34 40.87 21.24
CA GLU A 836 -33.80 41.08 22.61
C GLU A 836 -33.55 42.52 23.04
N VAL A 837 -32.34 43.01 22.81
CA VAL A 837 -32.02 44.36 23.27
C VAL A 837 -32.86 45.38 22.53
N ILE A 838 -33.02 45.22 21.21
CA ILE A 838 -33.86 46.15 20.47
C ILE A 838 -35.24 46.20 21.10
N ALA A 839 -35.84 45.02 21.31
CA ALA A 839 -37.17 44.95 21.89
C ALA A 839 -37.25 45.76 23.17
N ILE A 840 -36.41 45.41 24.14
CA ILE A 840 -36.49 46.10 25.44
C ILE A 840 -36.31 47.59 25.24
N LEU A 841 -35.13 48.00 24.80
CA LEU A 841 -34.84 49.43 24.66
C LEU A 841 -36.03 50.15 24.06
N ALA A 842 -36.51 49.70 22.91
CA ALA A 842 -37.54 50.44 22.21
C ALA A 842 -38.85 50.46 22.99
N ALA A 843 -39.20 49.35 23.63
CA ALA A 843 -40.48 49.30 24.34
C ALA A 843 -40.47 50.27 25.51
N SER A 844 -39.43 50.24 26.32
CA SER A 844 -39.36 51.20 27.41
C SER A 844 -39.38 52.62 26.89
N PHE A 845 -38.63 52.88 25.81
CA PHE A 845 -38.66 54.20 25.20
C PHE A 845 -40.09 54.63 24.91
N GLY A 846 -40.83 53.74 24.25
CA GLY A 846 -42.20 54.08 23.90
C GLY A 846 -43.06 54.34 25.11
N LEU A 847 -42.83 53.59 26.18
CA LEU A 847 -43.57 53.84 27.41
C LEU A 847 -43.34 55.27 27.89
N LEU A 848 -42.08 55.62 28.10
CA LEU A 848 -41.74 56.97 28.50
C LEU A 848 -42.41 58.01 27.61
N ALA A 849 -42.28 57.83 26.29
CA ALA A 849 -42.85 58.79 25.37
C ALA A 849 -44.35 58.91 25.58
N CYS A 850 -45.08 57.80 25.43
CA CYS A 850 -46.52 57.85 25.56
C CYS A 850 -46.95 58.49 26.87
N ILE A 851 -46.14 58.38 27.91
CA ILE A 851 -46.55 58.96 29.18
C ILE A 851 -46.22 60.45 29.27
N PHE A 852 -45.24 60.94 28.53
CA PHE A 852 -44.81 62.31 28.74
C PHE A 852 -45.05 63.26 27.57
N PHE A 853 -44.94 62.77 26.34
CA PHE A 853 -45.06 63.62 25.15
C PHE A 853 -46.10 64.72 25.32
N ASN A 854 -47.33 64.35 25.67
CA ASN A 854 -48.41 65.32 25.76
C ASN A 854 -48.15 66.34 26.88
N LYS A 855 -47.81 65.86 28.07
CA LYS A 855 -47.66 66.76 29.22
C LYS A 855 -46.50 67.71 29.01
N VAL A 856 -45.35 67.18 28.62
CA VAL A 856 -44.23 68.04 28.27
C VAL A 856 -44.64 69.04 27.21
N TYR A 857 -45.38 68.60 26.20
CA TYR A 857 -45.80 69.50 25.14
C TYR A 857 -46.59 70.67 25.71
N ILE A 858 -47.59 70.36 26.53
CA ILE A 858 -48.46 71.42 27.03
C ILE A 858 -47.70 72.38 27.92
N ILE A 859 -46.87 71.85 28.83
CA ILE A 859 -46.18 72.70 29.79
C ILE A 859 -44.93 73.35 29.20
N LEU A 860 -44.62 73.04 27.94
CA LEU A 860 -43.63 73.81 27.20
C LEU A 860 -44.28 74.79 26.22
N PHE A 861 -45.52 74.53 25.84
CA PHE A 861 -46.21 75.23 24.76
C PHE A 861 -47.45 75.95 25.25
N LYS A 862 -48.31 75.27 26.00
CA LYS A 862 -49.56 75.83 26.47
C LYS A 862 -49.54 75.91 27.99
N PRO A 863 -48.89 76.91 28.57
CA PRO A 863 -48.80 76.99 30.03
C PRO A 863 -50.15 77.32 30.66
N SER A 864 -51.16 76.54 30.32
CA SER A 864 -52.52 76.74 30.81
C SER A 864 -52.76 75.73 31.93
N ARG A 865 -52.28 76.06 33.13
CA ARG A 865 -52.37 75.19 34.30
C ARG A 865 -53.07 75.97 35.41
N ASN A 866 -54.41 75.94 35.41
CA ASN A 866 -55.19 76.59 36.45
C ASN A 866 -56.21 75.63 37.04
N THR A 867 -56.68 74.69 36.23
CA THR A 867 -57.66 73.70 36.68
C THR A 867 -57.03 72.32 36.75
N PRO B 22 37.45 -45.98 -5.35
CA PRO B 22 37.14 -46.32 -3.96
C PRO B 22 37.27 -47.82 -3.69
N ASN B 23 37.21 -48.21 -2.42
CA ASN B 23 37.39 -49.60 -2.04
C ASN B 23 36.06 -50.32 -1.82
N GLN B 24 35.18 -49.74 -1.00
CA GLN B 24 33.90 -50.35 -0.72
C GLN B 24 32.91 -49.98 -1.82
N ARG B 25 32.28 -50.99 -2.40
CA ARG B 25 31.44 -50.82 -3.58
C ARG B 25 30.65 -52.11 -3.79
N ALA B 26 29.63 -52.03 -4.62
CA ALA B 26 28.87 -53.18 -5.05
C ALA B 26 29.19 -53.47 -6.50
N GLN B 27 29.80 -54.61 -6.77
CA GLN B 27 30.35 -54.87 -8.09
C GLN B 27 29.87 -56.21 -8.60
N LYS B 28 29.50 -56.26 -9.87
CA LYS B 28 29.10 -57.50 -10.51
C LYS B 28 29.39 -57.38 -12.00
N LYS B 29 29.95 -58.45 -12.56
CA LYS B 29 30.42 -58.45 -13.94
C LYS B 29 29.27 -58.70 -14.91
N GLY B 30 29.48 -58.28 -16.15
CA GLY B 30 28.49 -58.46 -17.18
C GLY B 30 28.99 -57.88 -18.49
N ASP B 31 28.24 -58.19 -19.55
CA ASP B 31 28.62 -57.70 -20.87
C ASP B 31 28.47 -56.19 -20.96
N ILE B 32 27.52 -55.62 -20.22
CA ILE B 32 27.28 -54.18 -20.23
C ILE B 32 27.25 -53.70 -18.78
N ILE B 33 27.93 -52.59 -18.51
CA ILE B 33 28.17 -52.12 -17.16
C ILE B 33 27.37 -50.84 -16.92
N LEU B 34 26.71 -50.78 -15.77
CA LEU B 34 26.00 -49.60 -15.31
C LEU B 34 26.70 -49.03 -14.09
N GLY B 35 26.46 -47.75 -13.82
CA GLY B 35 26.97 -47.08 -12.65
C GLY B 35 25.84 -46.63 -11.74
N GLY B 36 26.22 -46.37 -10.50
CA GLY B 36 25.25 -45.92 -9.52
C GLY B 36 25.90 -45.06 -8.46
N LEU B 37 25.12 -44.14 -7.91
CA LEU B 37 25.57 -43.26 -6.84
C LEU B 37 24.45 -43.15 -5.82
N PHE B 38 24.66 -43.70 -4.63
CA PHE B 38 23.65 -43.69 -3.60
C PHE B 38 24.23 -43.17 -2.30
N PRO B 39 23.47 -42.38 -1.54
CA PRO B 39 23.94 -41.89 -0.23
C PRO B 39 23.78 -42.93 0.87
N ILE B 40 24.75 -43.85 0.95
CA ILE B 40 24.71 -44.86 1.99
C ILE B 40 24.92 -44.23 3.36
N HIS B 41 25.77 -43.22 3.43
CA HIS B 41 25.96 -42.44 4.65
C HIS B 41 25.31 -41.07 4.49
N PHE B 42 25.13 -40.38 5.61
CA PHE B 42 24.48 -39.08 5.60
C PHE B 42 25.46 -37.92 5.45
N GLY B 43 26.72 -38.12 5.79
CA GLY B 43 27.70 -37.06 5.67
C GLY B 43 29.06 -37.56 6.08
N VAL B 44 30.05 -36.70 5.89
CA VAL B 44 31.42 -37.02 6.25
C VAL B 44 31.71 -36.46 7.62
N ALA B 45 32.72 -37.04 8.28
CA ALA B 45 33.10 -36.60 9.62
C ALA B 45 33.56 -35.15 9.59
N ALA B 46 32.90 -34.30 10.36
CA ALA B 46 33.22 -32.88 10.44
C ALA B 46 34.57 -32.71 11.10
N LYS B 47 35.60 -32.43 10.30
CA LYS B 47 36.94 -32.17 10.81
C LYS B 47 37.69 -31.32 9.81
N ASP B 48 38.13 -30.14 10.23
CA ASP B 48 38.78 -29.19 9.34
C ASP B 48 40.26 -29.51 9.26
N GLN B 49 40.72 -29.89 8.07
CA GLN B 49 42.14 -30.13 7.84
C GLN B 49 42.87 -28.80 7.80
N ASP B 50 43.62 -28.47 8.85
CA ASP B 50 44.46 -27.29 8.79
C ASP B 50 45.78 -27.56 8.07
N LEU B 51 45.95 -28.77 7.54
CA LEU B 51 47.03 -29.10 6.61
C LEU B 51 48.41 -28.98 7.24
N LYS B 52 48.51 -29.20 8.56
CA LYS B 52 49.82 -29.34 9.17
C LYS B 52 50.50 -30.63 8.74
N SER B 53 49.73 -31.60 8.27
CA SER B 53 50.25 -32.85 7.73
C SER B 53 49.53 -33.15 6.41
N ARG B 54 50.04 -34.16 5.71
CA ARG B 54 49.46 -34.54 4.44
C ARG B 54 48.03 -35.04 4.65
N PRO B 55 47.05 -34.54 3.90
CA PRO B 55 45.66 -34.94 4.12
C PRO B 55 45.41 -36.35 3.64
N GLU B 56 44.51 -37.04 4.33
CA GLU B 56 44.15 -38.42 4.03
C GLU B 56 42.67 -38.50 3.65
N SER B 57 42.24 -39.71 3.34
CA SER B 57 40.85 -39.93 2.93
C SER B 57 39.89 -39.57 4.05
N VAL B 58 38.86 -38.80 3.71
CA VAL B 58 37.85 -38.43 4.69
C VAL B 58 36.90 -39.60 4.91
N GLU B 59 36.29 -39.65 6.09
CA GLU B 59 35.43 -40.75 6.50
C GLU B 59 34.00 -40.27 6.67
N CYS B 60 33.06 -41.16 6.38
CA CYS B 60 31.63 -40.89 6.56
C CYS B 60 31.15 -41.48 7.88
N ILE B 61 30.12 -40.85 8.44
CA ILE B 61 29.79 -41.12 9.85
C ILE B 61 28.45 -41.81 10.04
N ARG B 62 27.36 -41.14 9.69
CA ARG B 62 26.03 -41.65 10.02
C ARG B 62 25.50 -42.53 8.91
N TYR B 63 24.88 -43.64 9.30
CA TYR B 63 24.34 -44.58 8.32
C TYR B 63 22.96 -44.13 7.86
N ASN B 64 22.56 -44.64 6.70
CA ASN B 64 21.29 -44.25 6.07
C ASN B 64 20.66 -45.51 5.48
N PHE B 65 19.68 -46.07 6.19
CA PHE B 65 19.04 -47.29 5.72
C PHE B 65 18.19 -47.06 4.48
N ARG B 66 17.63 -45.86 4.32
CA ARG B 66 16.85 -45.56 3.13
C ARG B 66 17.70 -45.66 1.88
N GLY B 67 18.92 -45.12 1.92
CA GLY B 67 19.82 -45.25 0.79
C GLY B 67 20.15 -46.70 0.49
N PHE B 68 20.25 -47.52 1.53
CA PHE B 68 20.52 -48.93 1.29
C PHE B 68 19.32 -49.62 0.66
N ARG B 69 18.11 -49.22 1.04
CA ARG B 69 16.94 -49.76 0.36
C ARG B 69 16.92 -49.34 -1.11
N TRP B 70 17.34 -48.11 -1.40
CA TRP B 70 17.41 -47.67 -2.80
C TRP B 70 18.42 -48.49 -3.58
N LEU B 71 19.62 -48.69 -3.02
CA LEU B 71 20.61 -49.53 -3.67
C LEU B 71 20.08 -50.94 -3.90
N GLN B 72 19.38 -51.49 -2.91
CA GLN B 72 18.80 -52.81 -3.07
C GLN B 72 17.75 -52.84 -4.17
N ALA B 73 16.98 -51.75 -4.31
CA ALA B 73 16.02 -51.67 -5.41
C ALA B 73 16.73 -51.72 -6.75
N MET B 74 17.82 -50.96 -6.89
CA MET B 74 18.57 -50.99 -8.14
C MET B 74 19.09 -52.39 -8.44
N ILE B 75 19.68 -53.05 -7.44
CA ILE B 75 20.23 -54.38 -7.66
C ILE B 75 19.13 -55.37 -8.01
N PHE B 76 17.98 -55.25 -7.34
CA PHE B 76 16.86 -56.14 -7.61
C PHE B 76 16.35 -55.97 -9.04
N ALA B 77 16.19 -54.71 -9.48
CA ALA B 77 15.77 -54.47 -10.85
C ALA B 77 16.77 -55.06 -11.84
N ILE B 78 18.06 -54.86 -11.59
CA ILE B 78 19.07 -55.35 -12.52
C ILE B 78 19.01 -56.86 -12.63
N GLU B 79 18.96 -57.56 -11.49
CA GLU B 79 18.95 -59.02 -11.55
C GLU B 79 17.65 -59.54 -12.15
N GLU B 80 16.52 -58.89 -11.87
CA GLU B 80 15.26 -59.33 -12.46
C GLU B 80 15.28 -59.17 -13.96
N ILE B 81 15.84 -58.08 -14.47
CA ILE B 81 16.00 -57.92 -15.91
C ILE B 81 16.92 -58.99 -16.46
N ASN B 82 18.00 -59.29 -15.74
CA ASN B 82 18.89 -60.36 -16.17
C ASN B 82 18.19 -61.71 -16.21
N ASN B 83 17.12 -61.86 -15.43
CA ASN B 83 16.37 -63.12 -15.41
C ASN B 83 15.27 -63.19 -16.45
N SER B 84 14.89 -62.07 -17.06
CA SER B 84 13.81 -62.13 -18.03
C SER B 84 14.33 -62.67 -19.36
N PRO B 85 13.56 -63.52 -20.06
CA PRO B 85 14.05 -64.12 -21.30
C PRO B 85 14.00 -63.19 -22.49
N ASN B 86 13.00 -62.31 -22.54
CA ASN B 86 12.82 -61.44 -23.69
C ASN B 86 13.68 -60.19 -23.61
N LEU B 87 13.55 -59.42 -22.54
CA LEU B 87 14.34 -58.21 -22.36
C LEU B 87 15.82 -58.55 -22.28
N LEU B 88 16.60 -58.10 -23.27
CA LEU B 88 18.02 -58.43 -23.37
C LEU B 88 18.19 -59.94 -23.30
N PRO B 89 17.82 -60.67 -24.37
CA PRO B 89 17.74 -62.14 -24.26
C PRO B 89 19.04 -62.81 -23.86
N ASN B 90 20.13 -62.53 -24.56
CA ASN B 90 21.41 -63.18 -24.30
C ASN B 90 22.45 -62.23 -23.72
N MET B 91 22.15 -60.94 -23.61
CA MET B 91 23.09 -60.02 -23.01
C MET B 91 23.08 -60.16 -21.49
N THR B 92 24.05 -59.53 -20.85
CA THR B 92 24.21 -59.60 -19.40
C THR B 92 24.56 -58.23 -18.88
N LEU B 93 23.85 -57.79 -17.85
CA LEU B 93 24.05 -56.47 -17.26
C LEU B 93 24.92 -56.60 -16.01
N GLY B 94 26.05 -55.90 -16.00
CA GLY B 94 26.85 -55.73 -14.81
C GLY B 94 26.71 -54.34 -14.24
N TYR B 95 27.27 -54.17 -13.05
CA TYR B 95 27.14 -52.88 -12.38
C TYR B 95 28.32 -52.65 -11.45
N ARG B 96 28.62 -51.36 -11.24
CA ARG B 96 29.63 -50.90 -10.29
C ARG B 96 28.98 -49.73 -9.54
N ILE B 97 28.50 -50.01 -8.34
CA ILE B 97 27.80 -49.05 -7.50
C ILE B 97 28.74 -48.54 -6.43
N PHE B 98 28.79 -47.22 -6.26
CA PHE B 98 29.64 -46.56 -5.30
C PHE B 98 28.76 -45.82 -4.29
N ASP B 99 29.40 -45.04 -3.42
CA ASP B 99 28.71 -44.26 -2.41
C ASP B 99 29.14 -42.81 -2.51
N THR B 100 28.19 -41.90 -2.35
CA THR B 100 28.47 -40.48 -2.42
C THR B 100 28.65 -39.83 -1.06
N CYS B 101 28.14 -40.46 0.00
CA CYS B 101 28.14 -39.87 1.34
C CYS B 101 27.55 -38.45 1.34
N ASN B 102 26.68 -38.19 0.37
CA ASN B 102 25.97 -36.92 0.22
C ASN B 102 26.90 -35.74 0.00
N THR B 103 28.17 -35.98 -0.31
CA THR B 103 29.13 -34.91 -0.58
C THR B 103 29.59 -34.98 -2.02
N VAL B 104 30.21 -33.90 -2.47
CA VAL B 104 30.62 -33.78 -3.86
C VAL B 104 31.93 -34.52 -4.14
N SER B 105 32.83 -34.60 -3.17
CA SER B 105 34.15 -35.19 -3.42
C SER B 105 34.06 -36.68 -3.69
N LYS B 106 33.30 -37.41 -2.86
CA LYS B 106 33.13 -38.83 -3.08
C LYS B 106 32.49 -39.10 -4.44
N ALA B 107 31.45 -38.34 -4.77
CA ALA B 107 30.80 -38.50 -6.07
C ALA B 107 31.77 -38.23 -7.21
N LEU B 108 32.62 -37.22 -7.07
CA LEU B 108 33.53 -36.88 -8.15
C LEU B 108 34.61 -37.93 -8.33
N GLU B 109 35.10 -38.51 -7.24
CA GLU B 109 36.10 -39.56 -7.41
C GLU B 109 35.47 -40.83 -7.98
N ALA B 110 34.23 -41.12 -7.59
CA ALA B 110 33.51 -42.24 -8.22
C ALA B 110 33.33 -42.00 -9.71
N THR B 111 32.93 -40.79 -10.10
CA THR B 111 32.77 -40.46 -11.50
C THR B 111 34.09 -40.60 -12.25
N LEU B 112 35.18 -40.09 -11.67
CA LEU B 112 36.48 -40.28 -12.28
C LEU B 112 36.81 -41.75 -12.45
N SER B 113 36.33 -42.60 -11.54
CA SER B 113 36.47 -44.03 -11.74
C SER B 113 35.58 -44.54 -12.88
N PHE B 114 34.47 -43.86 -13.16
CA PHE B 114 33.56 -44.30 -14.21
C PHE B 114 34.13 -44.03 -15.61
N VAL B 115 34.77 -42.89 -15.80
CA VAL B 115 35.11 -42.41 -17.14
C VAL B 115 36.57 -42.72 -17.49
N ALA B 116 37.18 -43.70 -16.83
CA ALA B 116 38.59 -43.99 -17.07
C ALA B 116 38.86 -44.35 -18.53
N GLN B 117 37.95 -45.07 -19.18
CA GLN B 117 38.20 -45.50 -20.55
C GLN B 117 38.22 -44.32 -21.51
N ASN B 118 37.32 -43.36 -21.32
CA ASN B 118 37.29 -42.18 -22.19
C ASN B 118 38.37 -41.17 -21.81
N LYS B 119 38.70 -41.09 -20.51
CA LYS B 119 39.69 -40.11 -20.06
C LYS B 119 41.06 -40.35 -20.68
N ILE B 120 41.40 -41.62 -20.93
CA ILE B 120 42.71 -41.93 -21.51
C ILE B 120 42.83 -41.41 -22.93
N ASP B 121 41.72 -41.02 -23.55
CA ASP B 121 41.79 -40.43 -24.88
C ASP B 121 42.31 -39.00 -24.83
N SER B 122 41.72 -38.17 -23.97
CA SER B 122 42.17 -36.79 -23.81
C SER B 122 41.89 -36.28 -22.40
N PRO B 136 36.79 -51.58 -18.72
CA PRO B 136 35.45 -51.61 -18.11
C PRO B 136 34.70 -50.31 -18.33
N SER B 137 34.28 -50.05 -19.56
CA SER B 137 33.60 -48.80 -19.88
C SER B 137 32.13 -48.90 -19.49
N THR B 138 31.69 -48.01 -18.60
CA THR B 138 30.28 -47.94 -18.24
C THR B 138 29.49 -47.33 -19.38
N ILE B 139 28.19 -47.65 -19.41
CA ILE B 139 27.30 -47.06 -20.42
C ILE B 139 26.36 -46.03 -19.83
N ALA B 140 26.05 -46.10 -18.54
CA ALA B 140 25.09 -45.17 -17.95
C ALA B 140 25.22 -45.26 -16.44
N VAL B 141 24.90 -44.16 -15.76
CA VAL B 141 24.93 -44.11 -14.30
C VAL B 141 23.53 -43.77 -13.81
N VAL B 142 23.09 -44.46 -12.77
CA VAL B 142 21.76 -44.23 -12.20
C VAL B 142 21.96 -43.58 -10.85
N GLY B 143 21.95 -42.24 -10.83
CA GLY B 143 21.72 -41.59 -9.56
C GLY B 143 22.64 -40.46 -9.19
N ALA B 144 22.09 -39.43 -8.55
CA ALA B 144 22.91 -38.50 -7.78
C ALA B 144 22.33 -38.25 -6.40
N THR B 145 21.00 -38.25 -6.30
CA THR B 145 20.22 -38.09 -5.08
C THR B 145 20.28 -36.65 -4.56
N GLY B 146 21.19 -35.85 -5.08
CA GLY B 146 21.32 -34.48 -4.62
C GLY B 146 21.61 -33.53 -5.78
N SER B 147 20.88 -32.42 -5.84
CA SER B 147 21.03 -31.51 -6.97
C SER B 147 22.43 -30.94 -7.05
N GLY B 148 23.09 -30.71 -5.92
CA GLY B 148 24.48 -30.30 -5.97
C GLY B 148 25.38 -31.40 -6.51
N VAL B 149 25.22 -32.61 -5.97
CA VAL B 149 25.94 -33.77 -6.48
C VAL B 149 25.60 -33.99 -7.95
N SER B 150 24.33 -33.82 -8.31
CA SER B 150 23.92 -34.01 -9.70
C SER B 150 24.60 -33.02 -10.62
N THR B 151 24.65 -31.75 -10.23
CA THR B 151 25.31 -30.75 -11.06
C THR B 151 26.78 -31.08 -11.22
N ALA B 152 27.47 -31.36 -10.10
CA ALA B 152 28.90 -31.62 -10.15
C ALA B 152 29.21 -32.88 -10.96
N VAL B 153 28.30 -33.86 -10.96
CA VAL B 153 28.54 -35.09 -11.71
C VAL B 153 28.22 -34.89 -13.18
N ALA B 154 27.10 -34.25 -13.48
CA ALA B 154 26.68 -34.06 -14.86
C ALA B 154 27.60 -33.13 -15.62
N ASN B 155 28.26 -32.19 -14.93
CA ASN B 155 29.26 -31.37 -15.62
C ASN B 155 30.36 -32.22 -16.22
N LEU B 156 30.71 -33.32 -15.56
CA LEU B 156 31.78 -34.19 -16.01
C LEU B 156 31.28 -35.29 -16.93
N LEU B 157 30.06 -35.78 -16.71
CA LEU B 157 29.53 -36.87 -17.53
C LEU B 157 29.07 -36.38 -18.89
N GLY B 158 28.37 -35.24 -18.92
CA GLY B 158 28.02 -34.63 -20.18
C GLY B 158 29.21 -34.30 -21.06
N LEU B 159 30.42 -34.38 -20.51
CA LEU B 159 31.63 -34.16 -21.30
C LEU B 159 31.90 -35.34 -22.23
N PHE B 160 31.47 -36.54 -21.88
CA PHE B 160 31.67 -37.72 -22.70
C PHE B 160 30.37 -38.27 -23.26
N TYR B 161 29.26 -37.55 -23.08
CA TYR B 161 27.95 -37.99 -23.57
C TYR B 161 27.58 -39.37 -23.01
N ILE B 162 27.55 -39.44 -21.69
CA ILE B 162 27.14 -40.64 -20.97
C ILE B 162 25.80 -40.37 -20.32
N PRO B 163 24.77 -41.18 -20.56
CA PRO B 163 23.45 -40.90 -19.99
C PRO B 163 23.47 -41.07 -18.48
N GLN B 164 23.10 -40.01 -17.77
CA GLN B 164 22.96 -40.02 -16.33
C GLN B 164 21.49 -39.90 -16.00
N VAL B 165 20.92 -40.96 -15.43
CA VAL B 165 19.50 -41.01 -15.13
C VAL B 165 19.35 -40.92 -13.61
N SER B 166 19.09 -39.72 -13.13
CA SER B 166 18.87 -39.51 -11.71
C SER B 166 17.48 -39.96 -11.31
N TYR B 167 17.31 -40.21 -10.01
CA TYR B 167 16.02 -40.63 -9.47
C TYR B 167 15.45 -39.69 -8.43
N ALA B 168 16.25 -38.77 -7.89
CA ALA B 168 15.76 -37.85 -6.88
C ALA B 168 16.18 -36.41 -7.11
N SER B 169 17.09 -36.14 -8.03
CA SER B 169 17.53 -34.77 -8.28
C SER B 169 16.39 -33.99 -8.90
N SER B 170 15.91 -32.96 -8.20
CA SER B 170 14.70 -32.28 -8.62
C SER B 170 14.87 -30.76 -8.78
N SER B 171 16.10 -30.27 -8.81
CA SER B 171 16.30 -28.85 -9.04
C SER B 171 15.90 -28.47 -10.46
N ARG B 172 15.58 -27.20 -10.64
CA ARG B 172 15.22 -26.69 -11.96
C ARG B 172 16.42 -26.31 -12.80
N LEU B 173 17.61 -26.20 -12.20
CA LEU B 173 18.79 -25.83 -12.95
C LEU B 173 19.28 -26.96 -13.83
N LEU B 174 18.85 -28.19 -13.61
CA LEU B 174 19.28 -29.33 -14.39
C LEU B 174 18.49 -29.51 -15.67
N SER B 175 17.52 -28.64 -15.93
CA SER B 175 16.75 -28.69 -17.17
C SER B 175 17.37 -27.84 -18.26
N ASN B 176 18.46 -27.13 -17.97
CA ASN B 176 19.14 -26.30 -18.97
C ASN B 176 19.98 -27.22 -19.83
N LYS B 177 19.34 -27.78 -20.87
CA LYS B 177 20.00 -28.76 -21.72
C LYS B 177 21.12 -28.18 -22.57
N ASN B 178 21.36 -26.87 -22.51
CA ASN B 178 22.52 -26.28 -23.16
C ASN B 178 23.80 -26.52 -22.39
N GLN B 179 23.71 -26.98 -21.16
CA GLN B 179 24.88 -27.22 -20.30
C GLN B 179 24.95 -28.64 -19.79
N PHE B 180 23.82 -29.24 -19.43
CA PHE B 180 23.77 -30.64 -19.00
C PHE B 180 23.16 -31.44 -20.14
N LYS B 181 24.01 -31.86 -21.07
CA LYS B 181 23.52 -32.46 -22.31
C LYS B 181 22.90 -33.83 -22.08
N SER B 182 23.43 -34.62 -21.16
CA SER B 182 23.07 -36.03 -21.03
C SER B 182 22.52 -36.33 -19.65
N PHE B 183 21.60 -35.50 -19.18
CA PHE B 183 21.01 -35.65 -17.86
C PHE B 183 19.51 -35.88 -18.00
N LEU B 184 19.04 -37.05 -17.60
CA LEU B 184 17.63 -37.37 -17.56
C LEU B 184 17.25 -37.71 -16.12
N ARG B 185 16.02 -37.40 -15.73
CA ARG B 185 15.56 -37.71 -14.39
C ARG B 185 14.14 -38.25 -14.43
N THR B 186 13.86 -39.23 -13.57
CA THR B 186 12.53 -39.80 -13.45
C THR B 186 11.76 -39.23 -12.27
N ILE B 187 12.03 -37.99 -11.89
CA ILE B 187 11.32 -37.32 -10.81
C ILE B 187 10.81 -35.99 -11.34
N PRO B 188 9.60 -35.56 -10.97
CA PRO B 188 9.09 -34.28 -11.46
C PRO B 188 9.98 -33.11 -11.04
N ASN B 189 9.90 -32.05 -11.82
CA ASN B 189 10.63 -30.81 -11.52
C ASN B 189 10.07 -30.22 -10.23
N ASP B 190 10.69 -29.14 -9.75
CA ASP B 190 10.31 -28.55 -8.47
C ASP B 190 9.73 -27.14 -8.63
N GLU B 191 9.36 -26.74 -9.84
CA GLU B 191 8.60 -25.52 -10.01
C GLU B 191 7.13 -25.75 -9.68
N HIS B 192 6.60 -26.89 -10.10
CA HIS B 192 5.25 -27.27 -9.72
C HIS B 192 5.10 -27.36 -8.21
N GLN B 193 6.18 -27.70 -7.51
CA GLN B 193 6.11 -27.79 -6.05
C GLN B 193 5.95 -26.41 -5.42
N ALA B 194 6.70 -25.43 -5.91
CA ALA B 194 6.53 -24.07 -5.40
C ALA B 194 5.15 -23.53 -5.73
N THR B 195 4.67 -23.81 -6.93
CA THR B 195 3.31 -23.42 -7.28
C THR B 195 2.29 -24.07 -6.34
N ALA B 196 2.48 -25.35 -6.02
CA ALA B 196 1.57 -26.04 -5.13
C ALA B 196 1.60 -25.47 -3.73
N MET B 197 2.79 -25.09 -3.24
CA MET B 197 2.87 -24.45 -1.92
C MET B 197 2.14 -23.13 -1.90
N ALA B 198 2.35 -22.30 -2.93
CA ALA B 198 1.61 -21.04 -3.01
C ALA B 198 0.11 -21.29 -3.04
N ASP B 199 -0.32 -22.32 -3.78
CA ASP B 199 -1.75 -22.61 -3.86
C ASP B 199 -2.31 -23.07 -2.52
N ILE B 200 -1.56 -23.89 -1.79
CA ILE B 200 -2.00 -24.30 -0.46
C ILE B 200 -2.16 -23.09 0.45
N ILE B 201 -1.17 -22.19 0.43
CA ILE B 201 -1.21 -21.02 1.29
C ILE B 201 -2.44 -20.17 0.97
N GLU B 202 -2.65 -19.87 -0.32
CA GLU B 202 -3.81 -19.07 -0.66
C GLU B 202 -5.12 -19.83 -0.53
N TYR B 203 -5.07 -21.16 -0.39
CA TYR B 203 -6.29 -21.93 -0.15
C TYR B 203 -6.71 -21.85 1.31
N PHE B 204 -5.74 -21.95 2.23
CA PHE B 204 -6.09 -21.81 3.63
C PHE B 204 -6.21 -20.35 4.07
N ARG B 205 -6.16 -19.41 3.12
CA ARG B 205 -6.34 -17.99 3.39
C ARG B 205 -5.33 -17.47 4.42
N TRP B 206 -4.06 -17.59 4.05
CA TRP B 206 -2.97 -16.97 4.79
C TRP B 206 -2.26 -15.98 3.86
N ASN B 207 -1.73 -14.92 4.45
CA ASN B 207 -0.96 -13.96 3.66
C ASN B 207 0.27 -13.43 4.36
N TRP B 208 0.63 -13.96 5.53
CA TRP B 208 1.80 -13.52 6.29
C TRP B 208 2.61 -14.75 6.63
N VAL B 209 3.62 -15.06 5.81
CA VAL B 209 4.39 -16.29 5.95
C VAL B 209 5.88 -15.95 5.96
N GLY B 210 6.68 -16.97 6.25
CA GLY B 210 8.13 -16.82 6.24
C GLY B 210 8.76 -18.04 5.62
N THR B 211 9.96 -17.85 5.08
CA THR B 211 10.63 -18.88 4.31
C THR B 211 11.96 -19.27 4.94
N ILE B 212 12.34 -20.53 4.75
CA ILE B 212 13.64 -21.05 5.13
C ILE B 212 14.13 -21.97 4.01
N ALA B 213 15.41 -21.90 3.69
CA ALA B 213 15.94 -22.63 2.55
C ALA B 213 17.32 -23.19 2.86
N ALA B 214 17.62 -24.34 2.27
CA ALA B 214 18.98 -24.85 2.29
C ALA B 214 19.84 -24.09 1.30
N ASP B 215 21.07 -23.79 1.69
CA ASP B 215 21.96 -22.98 0.85
C ASP B 215 22.72 -23.91 -0.10
N ASP B 216 21.97 -24.45 -1.07
CA ASP B 216 22.54 -25.27 -2.12
C ASP B 216 21.72 -25.07 -3.38
N ASP B 217 21.91 -25.95 -4.35
CA ASP B 217 21.23 -25.85 -5.63
C ASP B 217 19.80 -26.37 -5.60
N TYR B 218 19.32 -26.82 -4.45
CA TYR B 218 17.95 -27.31 -4.31
C TYR B 218 17.03 -26.34 -3.61
N GLY B 219 17.52 -25.62 -2.61
CA GLY B 219 16.69 -24.70 -1.87
C GLY B 219 16.57 -23.34 -2.52
N ARG B 220 17.68 -22.82 -3.05
CA ARG B 220 17.68 -21.47 -3.58
C ARG B 220 16.74 -21.29 -4.76
N PRO B 221 16.80 -22.12 -5.82
CA PRO B 221 15.86 -21.91 -6.93
C PRO B 221 14.41 -22.14 -6.53
N GLY B 222 14.16 -23.16 -5.72
CA GLY B 222 12.80 -23.41 -5.26
C GLY B 222 12.23 -22.23 -4.50
N ILE B 223 13.03 -21.64 -3.60
CA ILE B 223 12.54 -20.53 -2.82
C ILE B 223 12.37 -19.29 -3.67
N GLU B 224 13.24 -19.07 -4.67
CA GLU B 224 13.02 -17.94 -5.55
C GLU B 224 11.74 -18.10 -6.36
N LYS B 225 11.51 -19.30 -6.89
CA LYS B 225 10.27 -19.56 -7.62
C LYS B 225 9.06 -19.35 -6.73
N PHE B 226 9.12 -19.83 -5.48
CA PHE B 226 7.99 -19.65 -4.57
C PHE B 226 7.79 -18.18 -4.25
N ARG B 227 8.88 -17.42 -4.09
CA ARG B 227 8.73 -15.99 -3.84
C ARG B 227 8.00 -15.31 -4.98
N GLU B 228 8.35 -15.66 -6.22
CA GLU B 228 7.67 -15.08 -7.37
C GLU B 228 6.18 -15.48 -7.37
N GLU B 229 5.91 -16.77 -7.22
CA GLU B 229 4.53 -17.26 -7.27
C GLU B 229 3.68 -16.65 -6.16
N ALA B 230 4.26 -16.46 -4.98
CA ALA B 230 3.51 -15.87 -3.87
C ALA B 230 3.29 -14.39 -4.09
N GLU B 231 4.36 -13.66 -4.45
CA GLU B 231 4.23 -12.23 -4.70
C GLU B 231 3.19 -11.93 -5.77
N GLU B 232 3.03 -12.80 -6.77
CA GLU B 232 2.00 -12.52 -7.77
C GLU B 232 0.60 -12.84 -7.26
N ARG B 233 0.46 -13.64 -6.20
CA ARG B 233 -0.83 -13.92 -5.59
C ARG B 233 -1.16 -12.99 -4.44
N ASP B 234 -0.38 -11.90 -4.29
CA ASP B 234 -0.53 -10.97 -3.17
C ASP B 234 -0.44 -11.69 -1.83
N ILE B 235 0.70 -12.36 -1.63
CA ILE B 235 1.03 -13.01 -0.37
C ILE B 235 2.35 -12.41 0.11
N CYS B 236 2.41 -12.08 1.39
CA CYS B 236 3.59 -11.43 1.94
C CYS B 236 4.56 -12.46 2.49
N ILE B 237 5.85 -12.14 2.41
CA ILE B 237 6.90 -12.95 2.99
C ILE B 237 7.61 -12.11 4.02
N ASP B 238 7.50 -12.51 5.29
CA ASP B 238 8.04 -11.69 6.37
C ASP B 238 9.56 -11.78 6.40
N PHE B 239 10.09 -12.98 6.61
CA PHE B 239 11.52 -13.18 6.69
C PHE B 239 11.95 -14.20 5.65
N SER B 240 13.28 -14.33 5.48
CA SER B 240 13.84 -15.22 4.48
C SER B 240 15.26 -15.55 4.92
N GLU B 241 15.50 -16.81 5.27
CA GLU B 241 16.78 -17.22 5.81
C GLU B 241 17.34 -18.37 5.00
N LEU B 242 18.63 -18.62 5.18
CA LEU B 242 19.33 -19.73 4.55
C LEU B 242 20.06 -20.52 5.63
N ILE B 243 20.07 -21.84 5.49
CA ILE B 243 20.73 -22.71 6.45
C ILE B 243 21.51 -23.77 5.69
N SER B 244 22.25 -24.57 6.45
CA SER B 244 23.02 -25.68 5.93
C SER B 244 23.51 -26.50 7.11
N GLN B 245 23.97 -27.71 6.82
CA GLN B 245 24.51 -28.56 7.88
C GLN B 245 25.88 -28.12 8.37
N TYR B 246 26.40 -27.00 7.85
CA TYR B 246 27.72 -26.51 8.22
C TYR B 246 27.67 -25.14 8.87
N SER B 247 26.47 -24.61 9.08
CA SER B 247 26.34 -23.31 9.73
C SER B 247 26.54 -23.47 11.23
N ASP B 248 27.41 -22.64 11.80
CA ASP B 248 27.76 -22.75 13.21
C ASP B 248 26.69 -22.11 14.08
N GLU B 249 26.92 -22.14 15.39
CA GLU B 249 25.87 -21.86 16.37
C GLU B 249 25.31 -20.45 16.23
N GLU B 250 26.15 -19.48 15.85
CA GLU B 250 25.66 -18.11 15.80
C GLU B 250 24.73 -17.86 14.62
N GLU B 251 24.99 -18.47 13.46
CA GLU B 251 24.05 -18.34 12.35
C GLU B 251 22.70 -18.95 12.72
N ILE B 252 22.70 -20.13 13.32
CA ILE B 252 21.47 -20.77 13.72
C ILE B 252 20.75 -19.93 14.76
N GLN B 253 21.51 -19.32 15.69
CA GLN B 253 20.89 -18.50 16.72
C GLN B 253 20.25 -17.26 16.11
N GLN B 254 20.93 -16.65 15.14
CA GLN B 254 20.34 -15.49 14.45
C GLN B 254 19.08 -15.90 13.70
N VAL B 255 19.08 -17.07 13.08
CA VAL B 255 17.90 -17.54 12.36
C VAL B 255 16.75 -17.77 13.33
N VAL B 256 17.04 -18.36 14.50
CA VAL B 256 15.98 -18.60 15.48
C VAL B 256 15.46 -17.28 16.04
N GLU B 257 16.35 -16.30 16.22
CA GLU B 257 15.92 -14.97 16.64
C GLU B 257 14.97 -14.36 15.62
N VAL B 258 15.30 -14.48 14.33
CA VAL B 258 14.43 -13.94 13.30
C VAL B 258 13.09 -14.67 13.30
N ILE B 259 13.12 -15.98 13.52
CA ILE B 259 11.86 -16.75 13.55
C ILE B 259 11.00 -16.32 14.72
N GLN B 260 11.60 -16.11 15.90
CA GLN B 260 10.85 -15.84 17.11
C GLN B 260 10.32 -14.41 17.16
N ASN B 261 11.11 -13.44 16.72
CA ASN B 261 10.73 -12.03 16.80
C ASN B 261 9.75 -11.63 15.72
N SER B 262 9.12 -12.57 15.04
CA SER B 262 8.16 -12.29 14.00
C SER B 262 6.79 -12.86 14.38
N THR B 263 5.78 -12.47 13.62
CA THR B 263 4.41 -12.87 13.89
C THR B 263 3.84 -13.86 12.87
N ALA B 264 4.55 -14.11 11.77
CA ALA B 264 4.08 -15.08 10.80
C ALA B 264 4.07 -16.47 11.41
N ARG B 265 2.95 -17.18 11.27
CA ARG B 265 2.82 -18.52 11.81
C ARG B 265 3.24 -19.59 10.82
N VAL B 266 2.99 -19.39 9.53
CA VAL B 266 3.27 -20.39 8.52
C VAL B 266 4.70 -20.22 8.04
N ILE B 267 5.45 -21.31 8.03
CA ILE B 267 6.85 -21.30 7.63
C ILE B 267 7.04 -22.37 6.57
N VAL B 268 7.42 -21.95 5.37
CA VAL B 268 7.74 -22.88 4.30
C VAL B 268 9.22 -23.22 4.39
N VAL B 269 9.55 -24.50 4.25
CA VAL B 269 10.91 -24.98 4.43
C VAL B 269 11.29 -25.77 3.19
N PHE B 270 12.23 -25.23 2.43
CA PHE B 270 12.75 -25.85 1.22
C PHE B 270 14.14 -26.37 1.54
N SER B 271 14.21 -27.60 2.02
CA SER B 271 15.49 -28.15 2.47
C SER B 271 15.39 -29.66 2.50
N SER B 272 16.52 -30.30 2.74
CA SER B 272 16.58 -31.73 2.96
C SER B 272 16.72 -32.01 4.45
N GLY B 273 16.75 -33.29 4.81
CA GLY B 273 16.85 -33.70 6.18
C GLY B 273 18.09 -33.17 6.88
N PRO B 274 19.27 -33.58 6.40
CA PRO B 274 20.51 -33.14 7.05
C PRO B 274 20.65 -31.63 7.15
N ASP B 275 20.43 -30.91 6.05
CA ASP B 275 20.55 -29.45 6.08
C ASP B 275 19.52 -28.79 6.97
N LEU B 276 18.57 -29.54 7.54
CA LEU B 276 17.57 -28.99 8.43
C LEU B 276 17.72 -29.46 9.86
N GLU B 277 18.42 -30.56 10.11
CA GLU B 277 18.53 -31.09 11.47
C GLU B 277 19.06 -30.09 12.49
N PRO B 278 20.10 -29.29 12.22
CA PRO B 278 20.58 -28.36 13.26
C PRO B 278 19.54 -27.31 13.65
N LEU B 279 18.86 -26.72 12.68
CA LEU B 279 17.81 -25.75 12.99
C LEU B 279 16.72 -26.40 13.83
N ILE B 280 16.39 -27.65 13.55
CA ILE B 280 15.36 -28.35 14.31
C ILE B 280 15.82 -28.59 15.74
N LYS B 281 17.08 -28.97 15.91
CA LYS B 281 17.63 -29.14 17.26
C LYS B 281 17.53 -27.85 18.06
N GLU B 282 17.96 -26.74 17.44
CA GLU B 282 17.93 -25.46 18.15
C GLU B 282 16.50 -25.03 18.44
N ILE B 283 15.57 -25.30 17.51
CA ILE B 283 14.17 -24.95 17.72
C ILE B 283 13.61 -25.73 18.90
N VAL B 284 13.88 -27.03 18.94
CA VAL B 284 13.34 -27.85 20.02
C VAL B 284 14.03 -27.53 21.34
N ARG B 285 15.23 -26.94 21.30
CA ARG B 285 15.86 -26.54 22.56
C ARG B 285 15.31 -25.22 23.07
N ARG B 286 15.12 -24.24 22.19
CA ARG B 286 14.51 -22.97 22.57
C ARG B 286 13.00 -23.04 22.67
N ASN B 287 12.39 -24.17 22.28
CA ASN B 287 10.99 -24.45 22.53
C ASN B 287 10.08 -23.41 21.88
N ILE B 288 10.27 -23.20 20.58
CA ILE B 288 9.36 -22.39 19.78
C ILE B 288 8.22 -23.29 19.32
N THR B 289 7.02 -23.05 19.83
CA THR B 289 5.95 -24.04 19.78
C THR B 289 4.65 -23.42 19.29
N GLY B 290 4.71 -22.63 18.23
CA GLY B 290 3.50 -22.01 17.74
C GLY B 290 3.26 -22.05 16.24
N LYS B 291 4.28 -22.44 15.48
CA LYS B 291 4.25 -22.24 14.04
C LYS B 291 3.61 -23.42 13.31
N ILE B 292 3.42 -23.23 12.00
CA ILE B 292 2.92 -24.26 11.10
C ILE B 292 3.96 -24.47 10.02
N TRP B 293 4.36 -25.72 9.82
CA TRP B 293 5.45 -26.06 8.91
C TRP B 293 4.90 -26.60 7.61
N LEU B 294 5.29 -25.98 6.50
CA LEU B 294 4.98 -26.46 5.15
C LEU B 294 6.24 -27.11 4.60
N ALA B 295 6.29 -28.43 4.67
CA ALA B 295 7.46 -29.18 4.28
C ALA B 295 7.57 -29.31 2.78
N SER B 296 8.78 -29.20 2.26
CA SER B 296 9.04 -29.62 0.89
C SER B 296 9.11 -31.14 0.83
N GLU B 297 9.38 -31.66 -0.37
CA GLU B 297 9.36 -33.10 -0.53
C GLU B 297 10.55 -33.78 0.11
N ALA B 298 11.70 -33.10 0.17
CA ALA B 298 12.93 -33.76 0.61
C ALA B 298 12.83 -34.22 2.06
N TRP B 299 12.28 -33.37 2.93
CA TRP B 299 12.26 -33.67 4.37
C TRP B 299 10.86 -33.95 4.89
N ALA B 300 9.84 -33.93 4.04
CA ALA B 300 8.48 -34.21 4.50
C ALA B 300 8.39 -35.59 5.12
N SER B 301 9.05 -36.57 4.53
CA SER B 301 9.05 -37.94 5.03
C SER B 301 10.40 -38.37 5.57
N SER B 302 11.27 -37.41 5.90
CA SER B 302 12.61 -37.75 6.36
C SER B 302 12.57 -38.37 7.74
N SER B 303 13.51 -39.29 7.99
CA SER B 303 13.59 -39.96 9.27
C SER B 303 14.36 -39.16 10.31
N LEU B 304 15.20 -38.22 9.89
CA LEU B 304 15.95 -37.42 10.86
C LEU B 304 15.04 -36.41 11.54
N ILE B 305 14.04 -35.91 10.83
CA ILE B 305 13.19 -34.85 11.36
C ILE B 305 11.93 -35.42 12.02
N ALA B 306 11.40 -36.50 11.48
CA ALA B 306 10.15 -37.09 11.99
C ALA B 306 10.44 -37.91 13.25
N MET B 307 10.92 -37.24 14.25
CA MET B 307 11.11 -37.91 15.53
C MET B 307 10.03 -37.49 16.52
N PRO B 308 9.63 -38.40 17.42
CA PRO B 308 8.60 -38.04 18.39
C PRO B 308 8.99 -36.90 19.31
N GLU B 309 10.28 -36.75 19.62
CA GLU B 309 10.71 -35.64 20.47
C GLU B 309 10.61 -34.31 19.74
N PHE B 310 11.08 -34.26 18.49
CA PHE B 310 10.93 -33.04 17.70
C PHE B 310 9.48 -32.74 17.43
N PHE B 311 8.64 -33.76 17.30
CA PHE B 311 7.25 -33.55 16.91
C PHE B 311 6.46 -32.73 17.91
N ARG B 312 6.88 -32.68 19.18
CA ARG B 312 6.11 -31.95 20.17
C ARG B 312 6.08 -30.45 19.87
N VAL B 313 7.16 -29.91 19.31
CA VAL B 313 7.22 -28.50 18.99
C VAL B 313 7.10 -28.23 17.49
N ILE B 314 7.02 -29.28 16.68
CA ILE B 314 6.89 -29.12 15.23
C ILE B 314 5.55 -29.71 14.83
N GLY B 315 4.57 -29.62 15.73
CA GLY B 315 3.22 -30.05 15.38
C GLY B 315 2.68 -29.28 14.19
N SER B 316 1.63 -29.84 13.59
CA SER B 316 0.98 -29.25 12.42
C SER B 316 1.97 -29.10 11.26
N THR B 317 2.45 -30.25 10.78
CA THR B 317 3.33 -30.32 9.64
C THR B 317 2.56 -30.84 8.43
N ILE B 318 2.64 -30.10 7.33
CA ILE B 318 1.92 -30.42 6.10
C ILE B 318 2.95 -30.44 4.98
N GLY B 319 3.10 -31.59 4.33
CA GLY B 319 4.14 -31.78 3.35
C GLY B 319 3.66 -32.47 2.09
N PHE B 320 4.57 -32.54 1.11
CA PHE B 320 4.31 -33.18 -0.16
C PHE B 320 5.00 -34.54 -0.22
N ALA B 321 4.60 -35.34 -1.20
CA ALA B 321 5.20 -36.64 -1.41
C ALA B 321 4.93 -37.07 -2.83
N LEU B 322 5.81 -37.92 -3.36
CA LEU B 322 5.59 -38.49 -4.66
C LEU B 322 4.54 -39.60 -4.59
N LYS B 323 4.06 -40.02 -5.75
CA LYS B 323 3.02 -41.03 -5.81
C LYS B 323 3.63 -42.42 -5.65
N ALA B 324 2.91 -43.28 -4.95
CA ALA B 324 3.43 -44.60 -4.59
C ALA B 324 3.61 -45.46 -5.84
N GLY B 325 4.41 -46.52 -5.68
CA GLY B 325 4.64 -47.46 -6.75
C GLY B 325 4.42 -48.88 -6.27
N GLN B 326 4.56 -49.81 -7.20
CA GLN B 326 4.39 -51.24 -6.90
C GLN B 326 5.55 -51.99 -7.51
N ILE B 327 6.43 -52.52 -6.67
CA ILE B 327 7.52 -53.38 -7.10
C ILE B 327 7.21 -54.78 -6.58
N PRO B 328 6.46 -55.59 -7.32
CA PRO B 328 6.04 -56.90 -6.79
C PRO B 328 7.23 -57.81 -6.55
N GLY B 329 7.24 -58.43 -5.36
CA GLY B 329 8.33 -59.32 -5.00
C GLY B 329 9.56 -58.62 -4.44
N PHE B 330 9.45 -57.35 -4.09
CA PHE B 330 10.58 -56.60 -3.56
C PHE B 330 10.88 -56.95 -2.12
N ARG B 331 9.85 -56.95 -1.27
CA ARG B 331 10.05 -57.15 0.16
C ARG B 331 10.75 -58.46 0.45
N GLU B 332 10.37 -59.54 -0.24
CA GLU B 332 11.03 -60.82 -0.03
C GLU B 332 12.50 -60.76 -0.43
N PHE B 333 12.84 -59.95 -1.43
CA PHE B 333 14.23 -59.76 -1.77
C PHE B 333 14.97 -58.97 -0.70
N LEU B 334 14.28 -58.02 -0.07
CA LEU B 334 14.90 -57.30 1.04
C LEU B 334 15.16 -58.22 2.22
N GLN B 335 14.27 -59.18 2.46
CA GLN B 335 14.40 -60.05 3.62
C GLN B 335 15.46 -61.13 3.46
N LYS B 336 16.33 -61.05 2.46
CA LYS B 336 17.35 -62.07 2.24
C LYS B 336 18.77 -61.56 2.43
N VAL B 337 18.96 -60.31 2.85
CA VAL B 337 20.31 -59.77 2.98
C VAL B 337 21.10 -60.56 4.01
N HIS B 338 22.38 -60.74 3.72
CA HIS B 338 23.26 -61.48 4.61
C HIS B 338 24.71 -61.17 4.27
N PRO B 339 25.56 -60.92 5.26
CA PRO B 339 26.94 -60.51 4.94
C PRO B 339 27.79 -61.61 4.33
N LYS B 340 27.41 -62.88 4.47
CA LYS B 340 28.20 -63.97 3.91
C LYS B 340 27.82 -64.27 2.47
N LYS B 341 26.53 -64.35 2.17
CA LYS B 341 26.04 -64.69 0.84
C LYS B 341 25.98 -63.50 -0.09
N SER B 342 26.73 -62.44 0.19
CA SER B 342 26.74 -61.25 -0.64
C SER B 342 28.19 -60.88 -0.96
N ALA B 343 28.71 -61.44 -2.05
CA ALA B 343 30.02 -61.05 -2.54
C ALA B 343 29.95 -59.90 -3.53
N ASN B 344 28.89 -59.83 -4.34
CA ASN B 344 28.71 -58.70 -5.23
C ASN B 344 28.49 -57.41 -4.44
N ASN B 345 27.53 -57.42 -3.53
CA ASN B 345 27.29 -56.27 -2.67
C ASN B 345 28.32 -56.26 -1.55
N GLY B 346 28.91 -55.10 -1.31
CA GLY B 346 29.89 -54.95 -0.26
C GLY B 346 29.37 -54.15 0.92
N PHE B 347 28.27 -53.45 0.70
CA PHE B 347 27.68 -52.61 1.73
C PHE B 347 26.89 -53.40 2.77
N ALA B 348 26.81 -54.72 2.62
CA ALA B 348 26.04 -55.52 3.57
C ALA B 348 26.73 -55.64 4.92
N LYS B 349 28.06 -55.67 4.93
CA LYS B 349 28.80 -55.85 6.19
C LYS B 349 28.56 -54.68 7.14
N GLU B 350 28.85 -53.46 6.67
CA GLU B 350 28.59 -52.29 7.51
C GLU B 350 27.11 -52.16 7.83
N PHE B 351 26.23 -52.60 6.92
CA PHE B 351 24.81 -52.56 7.20
C PHE B 351 24.47 -53.42 8.41
N TRP B 352 24.96 -54.67 8.42
CA TRP B 352 24.71 -55.54 9.57
C TRP B 352 25.33 -54.98 10.84
N GLU B 353 26.56 -54.48 10.75
CA GLU B 353 27.21 -53.90 11.93
C GLU B 353 26.40 -52.75 12.50
N GLU B 354 25.79 -51.93 11.63
CA GLU B 354 25.01 -50.80 12.12
C GLU B 354 23.64 -51.23 12.63
N THR B 355 23.06 -52.28 12.04
CA THR B 355 21.76 -52.75 12.50
C THR B 355 21.87 -53.37 13.88
N PHE B 356 22.70 -54.40 14.02
CA PHE B 356 22.74 -55.15 15.27
C PHE B 356 23.76 -54.62 16.27
N ASN B 357 24.48 -53.55 15.93
CA ASN B 357 25.51 -52.97 16.80
C ASN B 357 26.48 -54.05 17.28
N CYS B 358 27.12 -54.68 16.30
CA CYS B 358 27.98 -55.82 16.52
C CYS B 358 29.27 -55.65 15.73
N TYR B 359 30.08 -56.70 15.64
CA TYR B 359 31.40 -56.57 15.04
C TYR B 359 31.79 -57.89 14.40
N LEU B 360 32.27 -57.82 13.16
CA LEU B 360 32.65 -59.02 12.42
C LEU B 360 34.16 -59.13 12.26
N ARG B 391 30.36 -53.51 19.60
CA ARG B 391 31.51 -54.12 20.30
C ARG B 391 31.47 -55.65 20.36
N PRO B 392 30.36 -56.27 20.78
CA PRO B 392 30.31 -57.73 20.85
C PRO B 392 30.48 -58.33 19.46
N PRO B 393 31.20 -59.45 19.36
CA PRO B 393 31.44 -60.04 18.04
C PRO B 393 30.14 -60.51 17.42
N CYS B 394 30.00 -60.24 16.12
CA CYS B 394 28.77 -60.54 15.40
C CYS B 394 28.78 -61.97 14.89
N THR B 395 27.59 -62.48 14.60
CA THR B 395 27.43 -63.84 14.11
C THR B 395 26.32 -63.87 13.08
N GLY B 396 26.56 -64.57 11.98
CA GLY B 396 25.63 -64.61 10.86
C GLY B 396 24.43 -65.50 11.09
N ASP B 397 23.68 -65.25 12.16
CA ASP B 397 22.46 -65.99 12.44
C ASP B 397 21.34 -65.10 12.94
N GLU B 398 21.47 -63.78 12.88
CA GLU B 398 20.48 -62.88 13.44
C GLU B 398 19.22 -62.89 12.55
N ASN B 399 18.28 -62.03 12.89
CA ASN B 399 16.99 -61.96 12.21
C ASN B 399 16.76 -60.51 11.81
N ILE B 400 16.87 -60.22 10.51
CA ILE B 400 16.72 -58.85 10.06
C ILE B 400 15.28 -58.36 10.23
N THR B 401 14.35 -59.27 10.52
CA THR B 401 12.96 -58.92 10.76
C THR B 401 12.67 -58.53 12.20
N SER B 402 13.67 -58.54 13.08
CA SER B 402 13.46 -58.24 14.49
C SER B 402 13.61 -56.76 14.78
N VAL B 403 14.77 -56.19 14.46
CA VAL B 403 14.97 -54.77 14.71
C VAL B 403 14.12 -53.95 13.73
N GLU B 404 13.87 -52.71 14.11
CA GLU B 404 13.05 -51.80 13.32
C GLU B 404 13.93 -50.68 12.80
N THR B 405 13.93 -50.50 11.49
CA THR B 405 14.81 -49.57 10.81
C THR B 405 14.04 -48.96 9.65
N PRO B 406 14.50 -47.82 9.12
CA PRO B 406 13.87 -47.31 7.89
C PRO B 406 14.05 -48.24 6.71
N TYR B 407 14.82 -49.32 6.92
CA TYR B 407 15.02 -50.31 5.88
C TYR B 407 13.71 -50.99 5.49
N MET B 408 13.10 -51.70 6.44
CA MET B 408 11.88 -52.44 6.16
C MET B 408 10.65 -51.89 6.87
N ASP B 409 10.76 -50.75 7.55
CA ASP B 409 9.59 -50.11 8.14
C ASP B 409 9.09 -49.01 7.20
N PHE B 410 8.50 -49.46 6.10
CA PHE B 410 7.91 -48.58 5.10
C PHE B 410 6.55 -49.12 4.72
N THR B 411 5.76 -48.28 4.06
CA THR B 411 4.42 -48.66 3.62
C THR B 411 4.20 -48.30 2.17
N HIS B 412 4.99 -47.37 1.66
CA HIS B 412 4.87 -46.93 0.28
C HIS B 412 6.26 -46.77 -0.32
N LEU B 413 6.42 -47.28 -1.54
CA LEU B 413 7.66 -47.11 -2.28
C LEU B 413 7.51 -45.89 -3.19
N ARG B 414 8.23 -44.82 -2.86
CA ARG B 414 8.15 -43.58 -3.61
C ARG B 414 9.45 -43.22 -4.32
N ILE B 415 10.59 -43.34 -3.66
CA ILE B 415 11.87 -43.09 -4.30
C ILE B 415 12.51 -44.37 -4.79
N SER B 416 12.23 -45.51 -4.15
CA SER B 416 12.68 -46.78 -4.70
C SER B 416 12.06 -47.03 -6.06
N TYR B 417 10.82 -46.61 -6.24
CA TYR B 417 10.16 -46.77 -7.53
C TYR B 417 10.85 -45.97 -8.62
N ASN B 418 11.38 -44.79 -8.29
CA ASN B 418 12.10 -44.01 -9.29
C ASN B 418 13.37 -44.73 -9.74
N VAL B 419 14.07 -45.38 -8.81
CA VAL B 419 15.25 -46.15 -9.18
C VAL B 419 14.86 -47.33 -10.06
N TYR B 420 13.78 -48.02 -9.68
CA TYR B 420 13.23 -49.09 -10.50
C TYR B 420 12.96 -48.61 -11.92
N LEU B 421 12.27 -47.48 -12.05
CA LEU B 421 11.93 -46.94 -13.36
C LEU B 421 13.16 -46.55 -14.14
N ALA B 422 14.16 -45.97 -13.48
CA ALA B 422 15.38 -45.58 -14.19
C ALA B 422 16.09 -46.80 -14.76
N VAL B 423 16.24 -47.84 -13.96
CA VAL B 423 16.89 -49.06 -14.45
C VAL B 423 16.09 -49.65 -15.60
N TYR B 424 14.77 -49.73 -15.45
CA TYR B 424 13.96 -50.30 -16.52
C TYR B 424 13.98 -49.45 -17.78
N SER B 425 14.10 -48.13 -17.64
CA SER B 425 14.18 -47.26 -18.81
C SER B 425 15.50 -47.49 -19.55
N ILE B 426 16.60 -47.62 -18.83
CA ILE B 426 17.86 -47.93 -19.49
C ILE B 426 17.77 -49.29 -20.18
N ALA B 427 17.11 -50.25 -19.54
CA ALA B 427 16.94 -51.56 -20.15
C ALA B 427 16.14 -51.47 -21.44
N HIS B 428 15.05 -50.69 -21.44
CA HIS B 428 14.24 -50.56 -22.64
C HIS B 428 14.96 -49.79 -23.74
N ALA B 429 15.82 -48.83 -23.37
CA ALA B 429 16.65 -48.19 -24.37
C ALA B 429 17.58 -49.20 -25.04
N LEU B 430 18.23 -50.05 -24.23
CA LEU B 430 19.06 -51.10 -24.80
C LEU B 430 18.24 -52.05 -25.67
N GLN B 431 17.00 -52.32 -25.27
CA GLN B 431 16.13 -53.19 -26.05
C GLN B 431 15.82 -52.56 -27.42
N ASP B 432 15.41 -51.29 -27.43
CA ASP B 432 15.20 -50.58 -28.68
C ASP B 432 16.44 -50.65 -29.55
N ILE B 433 17.62 -50.51 -28.95
CA ILE B 433 18.85 -50.69 -29.71
C ILE B 433 18.92 -52.10 -30.28
N TYR B 434 18.43 -53.09 -29.53
CA TYR B 434 18.61 -54.48 -29.92
C TYR B 434 17.63 -54.93 -31.00
N THR B 435 16.37 -54.51 -30.92
CA THR B 435 15.35 -54.95 -31.88
C THR B 435 15.24 -54.00 -33.07
N CYS B 436 16.32 -53.31 -33.40
CA CYS B 436 16.33 -52.40 -34.53
C CYS B 436 16.59 -53.15 -35.83
N THR B 437 16.08 -52.59 -36.93
CA THR B 437 16.20 -53.20 -38.25
C THR B 437 16.85 -52.19 -39.19
N PRO B 438 17.76 -52.61 -40.07
CA PRO B 438 18.44 -51.66 -40.95
C PRO B 438 17.47 -50.87 -41.81
N GLY B 439 17.83 -49.62 -42.09
CA GLY B 439 17.00 -48.72 -42.85
C GLY B 439 15.97 -47.99 -42.04
N LYS B 440 15.67 -48.47 -40.83
CA LYS B 440 14.69 -47.83 -39.95
C LYS B 440 15.34 -47.28 -38.68
N GLY B 441 16.67 -47.32 -38.59
CA GLY B 441 17.36 -46.80 -37.42
C GLY B 441 17.24 -45.30 -37.30
N LEU B 442 17.76 -44.80 -36.18
CA LEU B 442 17.72 -43.37 -35.88
C LEU B 442 18.99 -42.64 -36.27
N PHE B 443 20.11 -43.34 -36.44
CA PHE B 443 21.37 -42.70 -36.76
C PHE B 443 21.43 -42.33 -38.24
N THR B 444 22.61 -41.86 -38.66
CA THR B 444 22.81 -41.31 -39.99
C THR B 444 22.25 -42.22 -41.07
N ASN B 445 21.72 -41.60 -42.13
CA ASN B 445 21.16 -42.24 -43.32
C ASN B 445 20.15 -43.34 -42.99
N GLY B 446 19.58 -43.33 -41.80
CA GLY B 446 18.70 -44.40 -41.38
C GLY B 446 19.44 -45.63 -40.92
N SER B 447 20.76 -45.51 -40.77
CA SER B 447 21.57 -46.63 -40.30
C SER B 447 21.33 -46.85 -38.82
N CYS B 448 21.77 -48.00 -38.35
CA CYS B 448 21.45 -48.45 -37.01
C CYS B 448 22.69 -49.11 -36.41
N ALA B 449 22.71 -49.23 -35.08
CA ALA B 449 23.91 -49.63 -34.38
C ALA B 449 23.84 -51.08 -33.90
N ASP B 450 25.02 -51.66 -33.70
CA ASP B 450 25.14 -53.03 -33.20
C ASP B 450 25.24 -53.03 -31.69
N ILE B 451 24.53 -53.98 -31.06
CA ILE B 451 24.45 -53.99 -29.60
C ILE B 451 25.70 -54.55 -28.94
N LYS B 452 26.48 -55.36 -29.63
CA LYS B 452 27.66 -55.97 -29.01
C LYS B 452 28.80 -54.98 -28.85
N LYS B 453 28.77 -53.86 -29.56
CA LYS B 453 29.78 -52.80 -29.44
C LYS B 453 29.09 -51.46 -29.25
N VAL B 454 28.08 -51.44 -28.39
CA VAL B 454 27.29 -50.23 -28.19
C VAL B 454 28.12 -49.19 -27.42
N GLU B 455 27.92 -47.93 -27.78
CA GLU B 455 28.63 -46.81 -27.16
C GLU B 455 27.63 -45.95 -26.39
N ALA B 456 28.17 -44.99 -25.64
CA ALA B 456 27.33 -44.23 -24.70
C ALA B 456 26.39 -43.28 -25.43
N TRP B 457 26.91 -42.54 -26.40
CA TRP B 457 26.06 -41.56 -27.08
C TRP B 457 24.93 -42.22 -27.85
N GLN B 458 25.11 -43.47 -28.27
CA GLN B 458 24.02 -44.19 -28.93
C GLN B 458 22.90 -44.47 -27.94
N VAL B 459 23.23 -44.95 -26.75
CA VAL B 459 22.22 -45.17 -25.72
C VAL B 459 21.55 -43.86 -25.34
N LEU B 460 22.31 -42.77 -25.35
CA LEU B 460 21.72 -41.47 -25.06
C LEU B 460 20.70 -41.08 -26.12
N LYS B 461 21.09 -41.20 -27.39
CA LYS B 461 20.18 -40.90 -28.49
C LYS B 461 18.92 -41.73 -28.39
N HIS B 462 19.05 -43.01 -28.04
CA HIS B 462 17.86 -43.84 -27.87
C HIS B 462 17.04 -43.43 -26.66
N LEU B 463 17.70 -42.97 -25.60
CA LEU B 463 16.99 -42.55 -24.41
C LEU B 463 16.17 -41.29 -24.64
N ARG B 464 16.67 -40.37 -25.47
CA ARG B 464 15.90 -39.16 -25.76
C ARG B 464 14.57 -39.49 -26.43
N HIS B 465 14.53 -40.51 -27.27
CA HIS B 465 13.31 -40.91 -27.98
C HIS B 465 12.66 -42.13 -27.34
N LEU B 466 12.81 -42.29 -26.03
CA LEU B 466 12.28 -43.45 -25.34
C LEU B 466 10.80 -43.26 -25.04
N ASN B 467 10.03 -44.34 -25.21
CA ASN B 467 8.59 -44.31 -24.97
C ASN B 467 8.15 -45.75 -24.73
N PHE B 468 7.81 -46.07 -23.48
CA PHE B 468 7.38 -47.43 -23.18
C PHE B 468 6.31 -47.41 -22.10
N THR B 469 5.88 -48.60 -21.71
CA THR B 469 4.83 -48.77 -20.70
C THR B 469 5.43 -49.40 -19.45
N SER B 470 5.04 -48.87 -18.29
CA SER B 470 5.54 -49.37 -17.02
C SER B 470 4.88 -50.71 -16.70
N ASN B 471 5.25 -51.30 -15.55
CA ASN B 471 4.58 -52.51 -15.10
C ASN B 471 3.16 -52.21 -14.65
N MET B 472 2.91 -50.99 -14.19
CA MET B 472 1.58 -50.56 -13.77
C MET B 472 0.74 -50.04 -14.93
N GLY B 473 1.30 -49.98 -16.14
CA GLY B 473 0.54 -49.58 -17.30
C GLY B 473 0.51 -48.09 -17.58
N GLU B 474 1.51 -47.34 -17.16
CA GLU B 474 1.61 -45.93 -17.49
C GLU B 474 2.64 -45.73 -18.59
N GLN B 475 2.58 -44.55 -19.21
CA GLN B 475 3.43 -44.23 -20.35
C GLN B 475 4.65 -43.47 -19.87
N VAL B 476 5.79 -44.16 -19.80
CA VAL B 476 7.06 -43.52 -19.49
C VAL B 476 7.62 -42.91 -20.77
N ASP B 477 7.82 -41.60 -20.74
CA ASP B 477 8.26 -40.84 -21.92
C ASP B 477 8.93 -39.57 -21.41
N PHE B 478 10.22 -39.43 -21.65
CA PHE B 478 10.94 -38.26 -21.19
C PHE B 478 10.60 -37.04 -22.04
N ASP B 479 10.23 -35.95 -21.37
CA ASP B 479 9.99 -34.69 -22.04
C ASP B 479 11.24 -34.22 -22.78
N GLU B 480 11.05 -33.26 -23.69
CA GLU B 480 12.17 -32.67 -24.42
C GLU B 480 13.24 -32.09 -23.49
N PHE B 481 12.94 -31.89 -22.21
CA PHE B 481 13.93 -31.48 -21.23
C PHE B 481 14.44 -32.66 -20.41
N GLY B 482 14.06 -33.88 -20.76
CA GLY B 482 14.53 -35.06 -20.07
C GLY B 482 14.02 -35.20 -18.65
N ASP B 483 12.70 -35.11 -18.46
CA ASP B 483 12.10 -35.30 -17.15
C ASP B 483 10.62 -35.58 -17.31
N LEU B 484 10.14 -36.63 -16.65
CA LEU B 484 8.74 -37.01 -16.73
C LEU B 484 7.98 -36.44 -15.54
N VAL B 485 6.75 -36.01 -15.79
CA VAL B 485 5.95 -35.34 -14.78
C VAL B 485 5.11 -36.36 -14.01
N GLY B 486 4.60 -35.93 -12.85
CA GLY B 486 3.75 -36.77 -12.04
C GLY B 486 3.00 -35.95 -11.03
N ASN B 487 1.95 -36.56 -10.46
CA ASN B 487 1.12 -35.87 -9.49
C ASN B 487 1.81 -35.84 -8.13
N TYR B 488 1.30 -35.00 -7.24
CA TYR B 488 1.79 -34.93 -5.88
C TYR B 488 0.72 -35.39 -4.91
N SER B 489 1.11 -36.21 -3.95
CA SER B 489 0.26 -36.53 -2.82
C SER B 489 0.60 -35.58 -1.68
N ILE B 490 -0.40 -35.23 -0.88
CA ILE B 490 -0.23 -34.22 0.16
C ILE B 490 -0.52 -34.90 1.49
N ILE B 491 0.50 -34.96 2.35
CA ILE B 491 0.43 -35.68 3.61
C ILE B 491 0.50 -34.69 4.75
N ASN B 492 0.07 -35.15 5.93
CA ASN B 492 0.06 -34.34 7.13
C ASN B 492 0.50 -35.22 8.29
N TRP B 493 1.41 -34.70 9.12
CA TRP B 493 2.02 -35.52 10.16
C TRP B 493 1.02 -35.85 11.26
N HIS B 494 0.91 -37.12 11.60
CA HIS B 494 0.08 -37.55 12.71
C HIS B 494 0.90 -38.32 13.73
N LEU B 495 0.30 -38.67 14.86
CA LEU B 495 0.96 -39.43 15.91
C LEU B 495 0.26 -40.78 16.04
N SER B 496 1.01 -41.84 15.83
CA SER B 496 0.45 -43.19 15.90
C SER B 496 0.02 -43.49 17.32
N PRO B 497 -1.21 -43.95 17.55
CA PRO B 497 -1.65 -44.22 18.93
C PRO B 497 -0.93 -45.38 19.58
N GLU B 498 -0.44 -46.35 18.81
CA GLU B 498 0.12 -47.56 19.40
C GLU B 498 1.54 -47.33 19.94
N ASP B 499 2.49 -47.13 19.03
CA ASP B 499 3.89 -46.99 19.44
C ASP B 499 4.25 -45.54 19.77
N GLY B 500 3.89 -44.61 18.90
CA GLY B 500 4.20 -43.23 19.14
C GLY B 500 4.99 -42.56 18.02
N SER B 501 5.27 -43.30 16.96
CA SER B 501 6.03 -42.76 15.85
C SER B 501 5.17 -41.78 15.05
N VAL B 502 5.85 -40.92 14.29
CA VAL B 502 5.15 -40.02 13.38
C VAL B 502 4.62 -40.83 12.20
N VAL B 503 3.36 -40.60 11.85
CA VAL B 503 2.71 -41.32 10.77
C VAL B 503 2.22 -40.31 9.74
N PHE B 504 2.49 -40.58 8.47
CA PHE B 504 2.15 -39.69 7.38
C PHE B 504 0.85 -40.19 6.75
N GLU B 505 -0.24 -39.48 7.01
CA GLU B 505 -1.53 -39.80 6.42
C GLU B 505 -1.79 -38.87 5.25
N GLU B 506 -2.26 -39.45 4.14
CA GLU B 506 -2.54 -38.67 2.94
C GLU B 506 -3.84 -37.89 3.13
N VAL B 507 -3.76 -36.57 2.99
CA VAL B 507 -4.91 -35.71 3.16
C VAL B 507 -5.24 -34.91 1.92
N GLY B 508 -4.44 -35.02 0.86
CA GLY B 508 -4.78 -34.24 -0.33
C GLY B 508 -4.08 -34.71 -1.57
N HIS B 509 -4.43 -34.07 -2.67
CA HIS B 509 -3.94 -34.40 -3.99
C HIS B 509 -3.60 -33.12 -4.74
N TYR B 510 -2.64 -33.22 -5.65
CA TYR B 510 -2.27 -32.10 -6.50
C TYR B 510 -2.01 -32.64 -7.89
N ASN B 511 -2.94 -32.38 -8.80
CA ASN B 511 -2.84 -32.80 -10.19
C ASN B 511 -2.24 -31.68 -11.01
N VAL B 512 -1.13 -31.99 -11.69
CA VAL B 512 -0.47 -30.98 -12.51
C VAL B 512 -1.04 -30.87 -13.92
N TYR B 513 -1.91 -31.80 -14.32
CA TYR B 513 -2.50 -31.77 -15.65
C TYR B 513 -3.72 -30.86 -15.74
N ALA B 514 -4.45 -30.66 -14.64
CA ALA B 514 -5.61 -29.79 -14.67
C ALA B 514 -5.17 -28.34 -14.90
N LYS B 515 -6.09 -27.54 -15.43
CA LYS B 515 -5.74 -26.17 -15.75
C LYS B 515 -5.54 -25.36 -14.47
N LYS B 516 -4.77 -24.29 -14.61
CA LYS B 516 -4.34 -23.49 -13.46
C LYS B 516 -5.54 -22.95 -12.69
N GLY B 517 -5.63 -23.34 -11.42
CA GLY B 517 -6.70 -22.90 -10.53
C GLY B 517 -7.48 -24.04 -9.89
N GLU B 518 -7.55 -25.18 -10.57
CA GLU B 518 -8.31 -26.33 -10.10
C GLU B 518 -7.40 -27.53 -9.94
N ARG B 519 -6.15 -27.29 -9.53
CA ARG B 519 -5.16 -28.34 -9.37
C ARG B 519 -5.15 -28.92 -7.96
N LEU B 520 -5.17 -28.06 -6.96
CA LEU B 520 -5.10 -28.50 -5.57
C LEU B 520 -6.44 -29.10 -5.12
N PHE B 521 -6.37 -30.10 -4.26
CA PHE B 521 -7.58 -30.63 -3.63
C PHE B 521 -7.21 -31.14 -2.25
N ILE B 522 -7.69 -30.46 -1.21
CA ILE B 522 -7.37 -30.81 0.17
C ILE B 522 -8.63 -31.33 0.84
N ASN B 523 -8.45 -32.23 1.80
CA ASN B 523 -9.56 -32.83 2.55
C ASN B 523 -9.45 -32.34 3.99
N GLU B 524 -10.12 -31.22 4.27
CA GLU B 524 -10.00 -30.54 5.55
C GLU B 524 -10.37 -31.42 6.75
N ASN B 525 -11.19 -32.45 6.57
CA ASN B 525 -11.67 -33.22 7.71
C ASN B 525 -10.57 -34.08 8.34
N LYS B 526 -9.48 -34.33 7.63
CA LYS B 526 -8.41 -35.16 8.16
C LYS B 526 -7.27 -34.37 8.77
N ILE B 527 -7.08 -33.12 8.36
CA ILE B 527 -6.03 -32.30 8.95
C ILE B 527 -6.38 -31.95 10.39
N LEU B 528 -5.42 -32.17 11.28
CA LEU B 528 -5.54 -31.72 12.66
C LEU B 528 -4.45 -30.70 12.94
N TRP B 529 -4.84 -29.57 13.53
CA TRP B 529 -3.94 -28.46 13.76
C TRP B 529 -3.49 -28.45 15.21
N SER B 530 -2.20 -28.27 15.43
CA SER B 530 -1.59 -28.15 16.75
C SER B 530 -1.89 -29.33 17.66
N GLY B 531 -2.37 -30.44 17.09
CA GLY B 531 -2.65 -31.64 17.87
C GLY B 531 -4.06 -31.72 18.43
N PHE B 532 -4.65 -30.59 18.79
CA PHE B 532 -5.95 -30.66 19.45
C PHE B 532 -7.06 -29.87 18.75
N SER B 533 -6.75 -28.68 18.24
CA SER B 533 -7.80 -27.85 17.66
C SER B 533 -8.20 -28.37 16.27
N LYS B 534 -9.33 -27.86 15.78
CA LYS B 534 -9.79 -28.25 14.45
C LYS B 534 -10.34 -27.05 13.69
N GLU B 535 -9.78 -25.87 13.89
CA GLU B 535 -10.01 -24.73 13.02
C GLU B 535 -8.67 -24.18 12.57
N VAL B 536 -8.61 -23.79 11.30
CA VAL B 536 -7.36 -23.31 10.69
C VAL B 536 -6.88 -22.07 11.43
N PRO B 537 -5.64 -22.09 11.95
CA PRO B 537 -5.14 -20.93 12.69
C PRO B 537 -5.09 -19.68 11.83
N PHE B 538 -4.99 -18.55 12.52
CA PHE B 538 -4.93 -17.23 11.89
C PHE B 538 -3.49 -16.80 11.78
N SER B 539 -3.05 -16.47 10.56
CA SER B 539 -1.67 -16.05 10.32
C SER B 539 -1.62 -14.87 9.37
N ASN B 540 -2.46 -13.87 9.59
CA ASN B 540 -2.43 -12.67 8.77
C ASN B 540 -1.63 -11.56 9.46
N CYS B 541 -1.14 -10.61 8.66
CA CYS B 541 -0.36 -9.51 9.21
C CYS B 541 -1.22 -8.62 10.09
N SER B 542 -2.46 -8.36 9.67
CA SER B 542 -3.39 -7.54 10.43
C SER B 542 -4.80 -8.11 10.33
N ARG B 543 -5.61 -7.87 11.35
CA ARG B 543 -7.00 -8.29 11.33
C ARG B 543 -7.76 -7.58 10.21
N ASP B 544 -8.90 -8.14 9.84
CA ASP B 544 -9.66 -7.67 8.68
C ASP B 544 -10.32 -6.32 8.98
N CYS B 545 -10.88 -5.74 7.92
CA CYS B 545 -11.59 -4.46 7.99
C CYS B 545 -13.09 -4.71 8.05
N LEU B 546 -13.71 -4.31 9.16
CA LEU B 546 -15.15 -4.44 9.30
C LEU B 546 -15.86 -3.39 8.43
N PRO B 547 -17.13 -3.62 8.11
CA PRO B 547 -17.88 -2.60 7.35
C PRO B 547 -17.97 -1.30 8.13
N GLY B 548 -17.89 -0.19 7.41
CA GLY B 548 -17.90 1.12 8.00
C GLY B 548 -16.53 1.75 8.15
N THR B 549 -15.48 0.95 8.06
CA THR B 549 -14.10 1.41 8.16
C THR B 549 -13.40 1.29 6.82
N ARG B 550 -12.12 1.64 6.82
CA ARG B 550 -11.29 1.53 5.63
C ARG B 550 -9.85 1.32 6.05
N LYS B 551 -9.05 0.84 5.10
CA LYS B 551 -7.65 0.54 5.36
C LYS B 551 -6.83 1.83 5.43
N GLY B 552 -5.82 1.80 6.29
CA GLY B 552 -4.92 2.93 6.47
C GLY B 552 -3.47 2.51 6.45
N ILE B 553 -2.65 3.25 5.71
CA ILE B 553 -1.26 2.88 5.51
C ILE B 553 -0.49 2.98 6.81
N ILE B 554 0.34 1.98 7.08
CA ILE B 554 1.46 2.11 7.99
C ILE B 554 2.70 2.33 7.14
N GLU B 555 3.49 3.34 7.50
CA GLU B 555 4.46 3.90 6.57
C GLU B 555 5.54 2.88 6.18
N GLY B 556 5.95 2.04 7.13
CA GLY B 556 7.08 1.16 6.87
C GLY B 556 6.71 -0.28 6.56
N GLU B 557 5.57 -0.74 7.07
CA GLU B 557 5.18 -2.12 6.90
C GLU B 557 4.83 -2.42 5.44
N PRO B 558 4.79 -3.70 5.06
CA PRO B 558 4.41 -4.05 3.69
C PRO B 558 2.94 -3.82 3.41
N THR B 559 2.49 -4.25 2.22
CA THR B 559 1.16 -3.88 1.75
C THR B 559 0.05 -4.61 2.50
N CYS B 560 0.36 -5.69 3.20
CA CYS B 560 -0.65 -6.62 3.68
C CYS B 560 -0.99 -6.44 5.16
N CYS B 561 -0.45 -5.42 5.82
CA CYS B 561 -0.87 -5.09 7.18
C CYS B 561 -0.99 -3.59 7.34
N PHE B 562 -2.16 -3.17 7.81
CA PHE B 562 -2.61 -1.79 7.75
C PHE B 562 -3.21 -1.45 9.11
N GLU B 563 -3.99 -0.37 9.13
CA GLU B 563 -4.81 -0.05 10.29
C GLU B 563 -6.24 0.19 9.83
N CYS B 564 -7.16 0.24 10.79
CA CYS B 564 -8.58 0.45 10.52
C CYS B 564 -8.95 1.87 10.92
N VAL B 565 -9.32 2.70 9.95
CA VAL B 565 -9.76 4.05 10.26
C VAL B 565 -11.22 4.18 9.86
N ASP B 566 -11.92 5.08 10.54
CA ASP B 566 -13.37 5.17 10.40
C ASP B 566 -13.76 6.04 9.21
N CYS B 567 -14.79 5.62 8.49
CA CYS B 567 -15.32 6.43 7.41
C CYS B 567 -16.00 7.67 7.99
N PRO B 568 -15.79 8.84 7.40
CA PRO B 568 -16.43 10.05 7.92
C PRO B 568 -17.92 10.05 7.62
N ASP B 569 -18.63 10.94 8.31
CA ASP B 569 -20.05 11.07 8.08
C ASP B 569 -20.31 11.66 6.71
N GLY B 570 -21.23 11.06 5.96
CA GLY B 570 -21.44 11.37 4.57
C GLY B 570 -20.87 10.34 3.62
N GLU B 571 -20.10 9.38 4.13
CA GLU B 571 -19.54 8.31 3.34
C GLU B 571 -19.78 6.99 4.04
N TYR B 572 -19.91 5.93 3.24
CA TYR B 572 -20.19 4.58 3.79
C TYR B 572 -19.27 3.56 3.13
N SER B 573 -19.14 2.39 3.77
CA SER B 573 -18.31 1.30 3.28
C SER B 573 -18.95 -0.01 3.73
N ASP B 574 -19.69 -0.64 2.81
CA ASP B 574 -20.34 -1.91 3.13
C ASP B 574 -19.39 -3.08 2.98
N GLU B 575 -18.55 -3.06 1.94
CA GLU B 575 -17.62 -4.14 1.68
C GLU B 575 -16.61 -4.26 2.82
N THR B 576 -16.21 -5.50 3.11
CA THR B 576 -15.12 -5.76 4.03
C THR B 576 -13.80 -5.65 3.29
N ASP B 577 -12.77 -5.20 4.02
CA ASP B 577 -11.47 -4.90 3.45
C ASP B 577 -11.60 -3.90 2.30
N ALA B 578 -12.14 -2.73 2.63
CA ALA B 578 -12.31 -1.67 1.65
C ALA B 578 -11.13 -0.71 1.71
N SER B 579 -10.70 -0.26 0.54
CA SER B 579 -9.55 0.65 0.45
C SER B 579 -9.94 2.11 0.59
N ALA B 580 -11.21 2.46 0.37
CA ALA B 580 -11.65 3.83 0.48
C ALA B 580 -13.15 3.86 0.68
N CYS B 581 -13.63 4.89 1.36
CA CYS B 581 -15.06 5.06 1.57
C CYS B 581 -15.71 5.68 0.33
N ASP B 582 -17.01 5.40 0.18
CA ASP B 582 -17.77 5.89 -0.96
C ASP B 582 -18.78 6.93 -0.50
N LYS B 583 -18.97 7.96 -1.32
CA LYS B 583 -19.95 9.00 -1.04
C LYS B 583 -21.28 8.68 -1.71
N CYS B 584 -22.34 8.58 -0.91
CA CYS B 584 -23.66 8.38 -1.47
C CYS B 584 -24.14 9.66 -2.16
N PRO B 585 -25.07 9.53 -3.13
CA PRO B 585 -25.43 10.68 -3.97
C PRO B 585 -26.22 11.76 -3.25
N GLU B 586 -26.65 12.74 -4.04
CA GLU B 586 -27.35 13.91 -3.53
C GLU B 586 -28.58 13.52 -2.71
N ASP B 587 -29.27 12.46 -3.10
CA ASP B 587 -30.52 12.10 -2.45
C ASP B 587 -30.32 11.42 -1.09
N TYR B 588 -29.13 10.90 -0.80
CA TYR B 588 -28.95 10.02 0.34
C TYR B 588 -27.91 10.57 1.30
N TRP B 589 -27.80 9.89 2.44
CA TRP B 589 -26.86 10.24 3.49
C TRP B 589 -26.43 8.97 4.21
N SER B 590 -25.25 9.02 4.83
CA SER B 590 -24.70 7.85 5.50
C SER B 590 -25.63 7.39 6.63
N ASN B 591 -25.49 6.11 6.99
CA ASN B 591 -26.19 5.55 8.14
C ASN B 591 -25.44 5.99 9.40
N GLU B 592 -25.83 5.44 10.55
CA GLU B 592 -25.05 5.69 11.76
C GLU B 592 -23.77 4.87 11.77
N ASN B 593 -23.83 3.60 11.39
CA ASN B 593 -22.67 2.75 11.31
C ASN B 593 -21.88 2.95 10.02
N HIS B 594 -22.25 3.93 9.21
CA HIS B 594 -21.60 4.20 7.93
C HIS B 594 -21.57 2.95 7.06
N THR B 595 -22.60 2.11 7.20
CA THR B 595 -22.68 0.85 6.48
C THR B 595 -23.35 0.99 5.13
N SER B 596 -24.56 1.53 5.09
CA SER B 596 -25.25 1.84 3.85
C SER B 596 -25.88 3.22 3.99
N CYS B 597 -26.10 3.93 2.88
CA CYS B 597 -26.79 5.20 3.08
C CYS B 597 -28.23 5.04 2.83
N ILE B 598 -28.92 5.97 3.45
CA ILE B 598 -30.34 6.07 3.38
C ILE B 598 -30.62 7.45 2.79
N PRO B 599 -31.79 7.58 2.14
CA PRO B 599 -32.19 8.84 1.50
C PRO B 599 -32.14 10.05 2.44
N LYS B 600 -31.76 11.20 1.90
CA LYS B 600 -31.69 12.44 2.66
C LYS B 600 -33.11 12.89 3.00
N GLN B 601 -33.30 13.57 4.12
CA GLN B 601 -34.72 13.99 4.51
C GLN B 601 -35.43 15.10 3.62
N ILE B 602 -36.63 14.94 3.01
CA ILE B 602 -37.17 16.06 2.27
C ILE B 602 -37.78 17.07 3.23
N GLU B 603 -37.86 18.32 2.79
CA GLU B 603 -38.28 19.42 3.64
C GLU B 603 -39.29 20.30 2.91
N PHE B 604 -40.52 20.32 3.44
CA PHE B 604 -41.59 21.15 2.92
C PHE B 604 -42.81 20.93 3.79
N LEU B 605 -43.77 21.84 3.69
CA LEU B 605 -45.00 21.71 4.47
C LEU B 605 -45.91 20.66 3.85
N SER B 606 -46.55 19.86 4.69
CA SER B 606 -47.44 18.80 4.25
C SER B 606 -48.84 19.05 4.77
N TRP B 607 -49.81 18.46 4.06
CA TRP B 607 -51.23 18.62 4.38
C TRP B 607 -51.67 17.78 5.56
N THR B 608 -51.20 16.54 5.65
CA THR B 608 -51.39 15.75 6.85
C THR B 608 -50.56 16.28 8.01
N GLU B 609 -49.65 17.21 7.75
CA GLU B 609 -48.82 17.79 8.79
C GLU B 609 -49.69 18.41 9.87
N PRO B 610 -49.32 18.29 11.13
CA PRO B 610 -50.15 18.86 12.20
C PRO B 610 -50.36 20.35 12.06
N PHE B 611 -49.27 21.12 12.06
CA PHE B 611 -49.39 22.56 11.96
C PHE B 611 -49.94 22.97 10.60
N GLY B 612 -49.61 22.23 9.55
CA GLY B 612 -50.31 22.40 8.29
C GLY B 612 -51.81 22.19 8.45
N ILE B 613 -52.19 21.23 9.30
CA ILE B 613 -53.60 21.02 9.59
C ILE B 613 -54.21 22.25 10.23
N ALA B 614 -53.53 22.80 11.23
CA ALA B 614 -54.02 24.01 11.90
C ALA B 614 -54.21 25.12 10.88
N LEU B 615 -53.20 25.36 10.04
CA LEU B 615 -53.30 26.40 9.04
C LEU B 615 -54.49 26.18 8.12
N THR B 616 -54.63 24.96 7.60
CA THR B 616 -55.69 24.70 6.63
C THR B 616 -57.07 24.86 7.26
N LEU B 617 -57.22 24.43 8.51
CA LEU B 617 -58.50 24.63 9.18
C LEU B 617 -58.77 26.12 9.38
N PHE B 618 -57.74 26.90 9.68
CA PHE B 618 -57.95 28.34 9.77
C PHE B 618 -58.45 28.89 8.45
N ALA B 619 -57.84 28.48 7.34
CA ALA B 619 -58.27 28.97 6.04
C ALA B 619 -59.73 28.62 5.79
N VAL B 620 -60.09 27.37 6.09
CA VAL B 620 -61.46 26.93 5.84
C VAL B 620 -62.43 27.73 6.70
N LEU B 621 -62.04 28.03 7.94
CA LEU B 621 -62.93 28.82 8.79
C LEU B 621 -63.10 30.22 8.25
N GLY B 622 -62.02 30.83 7.78
CA GLY B 622 -62.14 32.13 7.16
C GLY B 622 -63.13 32.12 6.02
N ILE B 623 -62.98 31.15 5.12
CA ILE B 623 -63.89 31.10 3.97
C ILE B 623 -65.32 30.87 4.44
N PHE B 624 -65.51 30.00 5.43
CA PHE B 624 -66.84 29.74 5.95
C PHE B 624 -67.49 31.02 6.44
N LEU B 625 -66.78 31.76 7.29
CA LEU B 625 -67.32 32.99 7.85
C LEU B 625 -67.70 33.95 6.74
N THR B 626 -66.79 34.17 5.80
CA THR B 626 -67.07 35.12 4.73
C THR B 626 -68.32 34.71 3.95
N SER B 627 -68.38 33.45 3.53
CA SER B 627 -69.50 33.01 2.68
C SER B 627 -70.81 33.04 3.46
N PHE B 628 -70.79 32.66 4.73
CA PHE B 628 -72.00 32.71 5.53
C PHE B 628 -72.51 34.14 5.67
N VAL B 629 -71.60 35.08 5.91
CA VAL B 629 -72.00 36.48 5.97
C VAL B 629 -72.55 36.93 4.63
N LEU B 630 -71.96 36.45 3.54
CA LEU B 630 -72.48 36.77 2.21
C LEU B 630 -73.93 36.32 2.09
N GLY B 631 -74.21 35.08 2.48
CA GLY B 631 -75.58 34.60 2.42
C GLY B 631 -76.52 35.41 3.30
N VAL B 632 -76.08 35.73 4.52
CA VAL B 632 -76.91 36.51 5.43
C VAL B 632 -77.28 37.85 4.79
N PHE B 633 -76.31 38.53 4.20
CA PHE B 633 -76.64 39.65 3.32
C PHE B 633 -77.72 39.24 2.33
N THR B 634 -77.49 38.13 1.63
CA THR B 634 -78.44 37.65 0.61
C THR B 634 -79.86 37.62 1.14
N LYS B 635 -80.04 37.41 2.44
CA LYS B 635 -81.36 37.64 3.04
C LYS B 635 -81.80 39.08 2.82
N PHE B 636 -81.03 40.03 3.38
CA PHE B 636 -81.31 41.45 3.21
C PHE B 636 -80.75 42.00 1.90
N ARG B 637 -80.38 41.12 0.97
CA ARG B 637 -79.60 41.56 -0.19
C ARG B 637 -80.38 42.50 -1.09
N ASN B 638 -81.69 42.59 -0.89
CA ASN B 638 -82.51 43.54 -1.65
C ASN B 638 -83.26 44.47 -0.71
N THR B 639 -82.77 44.63 0.51
CA THR B 639 -83.27 45.62 1.42
C THR B 639 -82.23 46.73 1.53
N PRO B 640 -82.22 47.70 0.61
CA PRO B 640 -81.15 48.71 0.61
C PRO B 640 -81.14 49.55 1.88
N ILE B 641 -82.01 49.19 2.82
CA ILE B 641 -82.04 49.79 4.15
C ILE B 641 -80.61 49.97 4.63
N VAL B 642 -79.82 48.91 4.54
CA VAL B 642 -78.38 48.99 4.76
C VAL B 642 -77.63 49.16 3.46
N LYS B 643 -78.21 48.77 2.33
CA LYS B 643 -77.57 48.87 1.04
C LYS B 643 -77.56 50.25 0.50
N ALA B 644 -77.84 51.26 1.33
CA ALA B 644 -77.58 52.64 0.91
C ALA B 644 -76.16 52.78 0.39
N THR B 645 -75.27 51.86 0.75
CA THR B 645 -73.93 51.82 0.22
C THR B 645 -73.96 51.29 -1.21
N ASN B 646 -72.79 51.02 -1.79
CA ASN B 646 -72.71 50.49 -3.14
C ASN B 646 -72.86 48.97 -3.10
N ARG B 647 -73.98 48.48 -3.62
CA ARG B 647 -74.20 47.03 -3.69
C ARG B 647 -73.02 46.33 -4.35
N GLU B 648 -72.76 46.67 -5.62
CA GLU B 648 -71.78 45.93 -6.40
C GLU B 648 -70.40 45.99 -5.76
N LEU B 649 -70.00 47.15 -5.24
CA LEU B 649 -68.75 47.22 -4.50
C LEU B 649 -68.76 46.26 -3.32
N SER B 650 -69.90 46.17 -2.64
CA SER B 650 -70.02 45.23 -1.53
C SER B 650 -69.70 43.81 -1.99
N TYR B 651 -70.43 43.34 -3.00
CA TYR B 651 -70.21 41.99 -3.48
C TYR B 651 -68.78 41.80 -3.95
N LEU B 652 -68.22 42.80 -4.63
CA LEU B 652 -66.87 42.69 -5.15
C LEU B 652 -65.86 42.51 -4.01
N LEU B 653 -65.97 43.34 -2.98
CA LEU B 653 -65.06 43.23 -1.86
C LEU B 653 -65.19 41.87 -1.19
N LEU B 654 -66.43 41.42 -0.96
CA LEU B 654 -66.61 40.13 -0.30
C LEU B 654 -65.98 39.00 -1.10
N PHE B 655 -66.17 39.02 -2.42
CA PHE B 655 -65.60 37.97 -3.26
C PHE B 655 -64.08 38.05 -3.28
N SER B 656 -63.54 39.27 -3.36
CA SER B 656 -62.10 39.43 -3.30
C SER B 656 -61.53 38.84 -2.02
N LEU B 657 -62.22 39.04 -0.90
CA LEU B 657 -61.72 38.49 0.36
C LEU B 657 -61.81 36.98 0.37
N LEU B 658 -62.93 36.44 -0.09
CA LEU B 658 -63.03 34.98 -0.17
C LEU B 658 -61.87 34.41 -0.98
N CYS B 659 -61.55 35.04 -2.11
CA CYS B 659 -60.52 34.48 -2.98
C CYS B 659 -59.13 34.66 -2.37
N CYS B 660 -58.85 35.81 -1.76
CA CYS B 660 -57.56 35.97 -1.11
C CYS B 660 -57.37 34.91 -0.05
N PHE B 661 -58.35 34.73 0.84
CA PHE B 661 -58.28 33.62 1.77
C PHE B 661 -57.95 32.33 1.04
N SER B 662 -58.82 31.93 0.10
CA SER B 662 -58.61 30.71 -0.64
C SER B 662 -57.18 30.59 -1.14
N SER B 663 -56.52 31.73 -1.38
CA SER B 663 -55.14 31.70 -1.85
C SER B 663 -54.28 30.78 -0.98
N SER B 664 -54.54 30.72 0.32
CA SER B 664 -53.74 29.90 1.21
C SER B 664 -53.63 28.46 0.73
N LEU B 665 -54.47 28.06 -0.22
CA LEU B 665 -54.39 26.72 -0.78
C LEU B 665 -52.98 26.35 -1.21
N PHE B 666 -52.10 27.35 -1.38
CA PHE B 666 -50.84 27.18 -2.07
C PHE B 666 -49.64 27.09 -1.13
N PHE B 667 -49.83 26.72 0.12
CA PHE B 667 -48.74 26.71 1.07
C PHE B 667 -48.79 25.48 1.95
N ILE B 668 -49.06 24.31 1.37
CA ILE B 668 -49.20 23.13 2.22
C ILE B 668 -48.45 21.93 1.66
N GLY B 669 -47.78 22.10 0.52
CA GLY B 669 -47.08 20.99 -0.09
C GLY B 669 -45.96 21.39 -1.02
N GLU B 670 -45.37 20.40 -1.69
CA GLU B 670 -44.21 20.66 -2.52
C GLU B 670 -44.56 21.66 -3.62
N PRO B 671 -43.68 22.59 -3.92
CA PRO B 671 -43.95 23.53 -5.00
C PRO B 671 -43.53 23.01 -6.37
N GLN B 672 -44.49 22.81 -7.26
CA GLN B 672 -44.18 22.77 -8.68
C GLN B 672 -44.30 24.19 -9.23
N ASN B 673 -43.56 24.46 -10.30
CA ASN B 673 -43.58 25.81 -10.87
C ASN B 673 -44.99 26.38 -10.88
N TRP B 674 -45.97 25.56 -11.28
CA TRP B 674 -47.36 25.94 -11.16
C TRP B 674 -47.63 26.56 -9.80
N THR B 675 -47.42 25.76 -8.74
CA THR B 675 -47.86 26.16 -7.41
C THR B 675 -47.21 27.46 -6.99
N CYS B 676 -45.89 27.53 -7.02
CA CYS B 676 -45.20 28.72 -6.51
C CYS B 676 -45.54 29.94 -7.36
N ARG B 677 -45.25 29.86 -8.66
CA ARG B 677 -45.39 31.02 -9.52
C ARG B 677 -46.84 31.43 -9.70
N LEU B 678 -47.79 30.63 -9.24
CA LEU B 678 -49.18 31.08 -9.18
C LEU B 678 -49.55 31.65 -7.81
N ARG B 679 -49.31 30.90 -6.75
CA ARG B 679 -49.64 31.35 -5.40
C ARG B 679 -49.13 32.76 -5.15
N GLN B 680 -47.84 32.98 -5.34
CA GLN B 680 -47.33 34.29 -4.90
C GLN B 680 -48.12 35.43 -5.55
N PRO B 681 -48.04 35.59 -6.86
CA PRO B 681 -48.87 36.60 -7.54
C PRO B 681 -50.34 36.41 -7.26
N ALA B 682 -50.76 35.20 -6.89
CA ALA B 682 -52.15 34.98 -6.52
C ALA B 682 -52.53 35.90 -5.37
N PHE B 683 -51.81 35.79 -4.25
CA PHE B 683 -52.05 36.74 -3.18
C PHE B 683 -51.99 38.15 -3.72
N GLY B 684 -50.95 38.43 -4.49
CA GLY B 684 -50.81 39.78 -5.00
C GLY B 684 -52.14 40.31 -5.49
N ILE B 685 -52.66 39.68 -6.55
CA ILE B 685 -53.85 40.24 -7.22
C ILE B 685 -55.05 40.20 -6.28
N SER B 686 -55.26 39.07 -5.59
CA SER B 686 -56.48 38.98 -4.79
C SER B 686 -56.51 40.11 -3.77
N PHE B 687 -55.49 40.21 -2.93
CA PHE B 687 -55.50 41.21 -1.90
C PHE B 687 -55.53 42.61 -2.49
N VAL B 688 -54.81 42.83 -3.59
CA VAL B 688 -54.78 44.18 -4.16
C VAL B 688 -56.18 44.58 -4.60
N LEU B 689 -56.91 43.66 -5.20
CA LEU B 689 -58.30 43.89 -5.52
C LEU B 689 -59.08 44.28 -4.27
N CYS B 690 -58.95 43.48 -3.22
CA CYS B 690 -59.71 43.76 -2.00
C CYS B 690 -59.42 45.17 -1.49
N ILE B 691 -58.13 45.51 -1.41
CA ILE B 691 -57.75 46.81 -0.87
C ILE B 691 -58.34 47.91 -1.72
N SER B 692 -58.13 47.86 -3.03
CA SER B 692 -58.65 48.92 -3.89
C SER B 692 -60.15 49.05 -3.70
N CYS B 693 -60.85 47.93 -3.55
CA CYS B 693 -62.30 47.99 -3.42
C CYS B 693 -62.68 48.72 -2.14
N ILE B 694 -62.23 48.23 -0.99
CA ILE B 694 -62.58 48.91 0.25
C ILE B 694 -62.17 50.38 0.19
N LEU B 695 -61.02 50.66 -0.42
CA LEU B 695 -60.56 52.04 -0.51
C LEU B 695 -61.57 52.90 -1.25
N VAL B 696 -61.86 52.56 -2.50
CA VAL B 696 -62.85 53.31 -3.27
C VAL B 696 -64.14 53.43 -2.47
N LYS B 697 -64.32 52.48 -1.55
CA LYS B 697 -65.54 52.35 -0.70
C LYS B 697 -65.76 53.66 0.05
N THR B 698 -64.67 54.33 0.45
CA THR B 698 -64.75 55.64 1.13
C THR B 698 -65.38 56.66 0.18
N ASN B 699 -66.14 57.63 0.71
CA ASN B 699 -66.89 58.61 -0.13
C ASN B 699 -65.91 59.31 -1.08
N ARG B 700 -66.32 59.41 -2.36
CA ARG B 700 -65.47 59.99 -3.42
C ARG B 700 -65.59 61.52 -3.43
N VAL B 701 -64.96 62.17 -2.45
CA VAL B 701 -64.84 63.65 -2.48
C VAL B 701 -64.01 63.97 -3.74
N LEU B 702 -63.11 63.05 -4.08
CA LEU B 702 -62.27 63.11 -5.30
C LEU B 702 -63.20 63.03 -6.51
N LEU B 703 -64.27 62.21 -6.42
CA LEU B 703 -65.27 62.05 -7.50
C LEU B 703 -65.94 63.40 -7.75
N VAL B 704 -66.27 64.12 -6.67
CA VAL B 704 -66.88 65.48 -6.78
C VAL B 704 -65.86 66.41 -7.45
N PHE B 705 -64.58 66.27 -7.07
CA PHE B 705 -63.49 67.09 -7.65
C PHE B 705 -63.37 66.83 -9.15
N GLU B 706 -63.53 65.57 -9.57
CA GLU B 706 -63.41 65.18 -11.00
C GLU B 706 -64.23 66.13 -11.89
N TRP B 718 -72.57 60.15 -17.31
CA TRP B 718 -72.76 58.87 -17.97
C TRP B 718 -72.52 57.71 -17.02
N GLY B 719 -73.41 57.58 -16.04
CA GLY B 719 -73.35 56.46 -15.12
C GLY B 719 -72.14 56.53 -14.20
N LEU B 720 -72.22 55.77 -13.11
CA LEU B 720 -71.15 55.71 -12.13
C LEU B 720 -70.00 54.81 -12.55
N ASN B 721 -69.93 54.41 -13.82
CA ASN B 721 -68.84 53.58 -14.32
C ASN B 721 -67.52 54.02 -13.71
N LEU B 722 -67.35 55.34 -13.56
CA LEU B 722 -66.13 55.90 -13.01
C LEU B 722 -65.58 55.04 -11.88
N GLN B 723 -66.41 54.78 -10.86
CA GLN B 723 -65.93 54.03 -9.71
C GLN B 723 -65.22 52.75 -10.16
N PHE B 724 -65.93 51.88 -10.86
CA PHE B 724 -65.30 50.71 -11.42
C PHE B 724 -64.02 51.11 -12.14
N LEU B 725 -64.15 51.93 -13.19
CA LEU B 725 -62.97 52.35 -13.94
C LEU B 725 -61.84 52.72 -13.00
N LEU B 726 -62.14 53.50 -11.97
CA LEU B 726 -61.11 53.91 -11.03
C LEU B 726 -60.26 52.71 -10.62
N VAL B 727 -60.88 51.74 -9.96
CA VAL B 727 -60.11 50.59 -9.48
C VAL B 727 -59.39 49.94 -10.65
N PHE B 728 -60.04 49.84 -11.78
CA PHE B 728 -59.46 49.07 -12.87
C PHE B 728 -58.36 49.77 -13.54
N LEU B 729 -57.83 50.83 -12.91
CA LEU B 729 -56.50 51.27 -13.24
C LEU B 729 -55.47 50.61 -12.33
N CYS B 730 -55.58 50.84 -11.02
CA CYS B 730 -54.55 50.41 -10.09
C CYS B 730 -54.22 48.93 -10.29
N THR B 731 -55.25 48.09 -10.28
CA THR B 731 -55.05 46.66 -10.47
C THR B 731 -54.05 46.37 -11.57
N PHE B 732 -54.32 46.90 -12.77
CA PHE B 732 -53.49 46.54 -13.91
C PHE B 732 -52.02 46.73 -13.61
N VAL B 733 -51.68 47.83 -12.93
CA VAL B 733 -50.29 48.15 -12.61
C VAL B 733 -49.60 46.89 -12.12
N GLN B 734 -50.17 46.29 -11.06
CA GLN B 734 -49.54 45.11 -10.47
C GLN B 734 -49.68 43.89 -11.37
N ILE B 735 -50.82 43.72 -12.03
CA ILE B 735 -50.88 42.70 -13.07
C ILE B 735 -49.75 42.92 -14.06
N VAL B 736 -49.44 44.19 -14.34
CA VAL B 736 -48.28 44.50 -15.17
C VAL B 736 -47.07 43.74 -14.65
N ILE B 737 -46.72 43.98 -13.39
CA ILE B 737 -45.51 43.37 -12.83
C ILE B 737 -45.55 41.87 -13.06
N CYS B 738 -46.70 41.23 -12.87
CA CYS B 738 -46.76 39.79 -13.03
C CYS B 738 -46.24 39.39 -14.40
N VAL B 739 -46.82 39.97 -15.44
CA VAL B 739 -46.45 39.60 -16.80
C VAL B 739 -44.95 39.74 -17.00
N ILE B 740 -44.33 40.72 -16.34
CA ILE B 740 -42.89 40.90 -16.50
C ILE B 740 -42.16 39.60 -16.16
N TRP B 741 -42.40 39.07 -14.96
CA TRP B 741 -41.72 37.82 -14.61
C TRP B 741 -42.25 36.69 -15.46
N LEU B 742 -43.47 36.84 -15.99
CA LEU B 742 -43.97 35.85 -16.93
C LEU B 742 -42.99 35.62 -18.06
N TYR B 743 -42.17 36.63 -18.39
CA TYR B 743 -41.23 36.48 -19.49
C TYR B 743 -39.87 37.12 -19.23
N THR B 744 -39.56 37.49 -17.98
CA THR B 744 -38.23 38.01 -17.65
C THR B 744 -37.50 37.08 -16.69
N ALA B 745 -38.09 36.78 -15.53
CA ALA B 745 -37.47 35.89 -14.56
C ALA B 745 -38.52 35.38 -13.58
N PRO B 746 -39.36 34.44 -13.98
CA PRO B 746 -40.36 33.90 -13.05
C PRO B 746 -39.69 33.09 -11.96
N PRO B 747 -40.26 33.07 -10.76
CA PRO B 747 -39.60 32.39 -9.65
C PRO B 747 -39.37 30.91 -9.94
N SER B 748 -38.36 30.35 -9.31
CA SER B 748 -37.89 29.01 -9.61
C SER B 748 -38.13 28.10 -8.41
N SER B 749 -39.00 27.10 -8.57
CA SER B 749 -39.28 26.12 -7.53
C SER B 749 -38.24 25.01 -7.64
N TYR B 750 -37.23 25.02 -6.77
CA TYR B 750 -36.13 24.08 -6.88
C TYR B 750 -35.76 23.54 -5.51
N ARG B 751 -34.86 22.56 -5.52
CA ARG B 751 -34.37 21.94 -4.30
C ARG B 751 -33.11 22.64 -3.80
N ASN B 752 -33.06 22.86 -2.50
CA ASN B 752 -31.88 23.44 -1.88
C ASN B 752 -31.58 22.67 -0.61
N HIS B 753 -30.31 22.33 -0.42
CA HIS B 753 -29.86 21.61 0.76
C HIS B 753 -28.57 22.14 1.34
N GLU B 754 -27.81 22.95 0.60
CA GLU B 754 -26.48 23.36 1.04
C GLU B 754 -26.47 23.94 2.44
N LEU B 755 -27.61 24.42 2.92
CA LEU B 755 -27.69 24.91 4.28
C LEU B 755 -28.09 23.84 5.28
N GLU B 756 -28.33 22.63 4.84
CA GLU B 756 -28.62 21.61 5.83
C GLU B 756 -27.74 20.37 5.67
N ASP B 757 -27.43 19.96 4.45
CA ASP B 757 -26.53 18.87 4.13
C ASP B 757 -27.09 17.52 4.56
N GLU B 758 -28.23 17.48 5.22
CA GLU B 758 -28.84 16.24 5.65
C GLU B 758 -30.25 16.06 5.12
N ILE B 759 -31.03 17.15 5.07
CA ILE B 759 -32.38 17.14 4.52
C ILE B 759 -32.46 18.21 3.44
N ILE B 760 -33.10 17.88 2.34
CA ILE B 760 -33.21 18.78 1.20
C ILE B 760 -34.51 19.56 1.31
N PHE B 761 -34.40 20.86 1.61
CA PHE B 761 -35.55 21.72 1.48
C PHE B 761 -35.97 21.79 0.02
N ILE B 762 -37.26 22.01 -0.22
CA ILE B 762 -37.76 22.29 -1.56
C ILE B 762 -38.32 23.70 -1.54
N THR B 763 -37.50 24.66 -1.95
CA THR B 763 -37.82 26.07 -1.82
C THR B 763 -38.17 26.65 -3.18
N CYS B 764 -38.38 27.96 -3.21
CA CYS B 764 -38.73 28.66 -4.44
C CYS B 764 -37.98 29.99 -4.47
N HIS B 765 -36.87 30.03 -5.19
CA HIS B 765 -36.10 31.26 -5.32
C HIS B 765 -36.92 32.30 -6.05
N GLU B 766 -36.89 33.53 -5.54
CA GLU B 766 -37.65 34.61 -6.14
C GLU B 766 -37.17 34.90 -7.56
N GLY B 767 -38.13 35.09 -8.48
CA GLY B 767 -37.77 35.31 -9.86
C GLY B 767 -37.00 36.61 -10.06
N SER B 768 -37.49 37.71 -9.51
CA SER B 768 -36.83 39.01 -9.62
C SER B 768 -37.13 39.79 -8.35
N LEU B 769 -36.14 39.87 -7.46
CA LEU B 769 -36.35 40.44 -6.13
C LEU B 769 -36.87 41.88 -6.20
N MET B 770 -36.05 42.79 -6.74
CA MET B 770 -36.44 44.20 -6.74
C MET B 770 -37.82 44.41 -7.35
N ALA B 771 -38.26 43.51 -8.23
CA ALA B 771 -39.59 43.66 -8.80
C ALA B 771 -40.67 43.23 -7.81
N LEU B 772 -40.42 42.19 -7.02
CA LEU B 772 -41.28 41.93 -5.86
C LEU B 772 -41.33 43.15 -4.96
N GLY B 773 -40.19 43.78 -4.72
CA GLY B 773 -40.19 44.99 -3.92
C GLY B 773 -41.10 46.05 -4.52
N PHE B 774 -41.01 46.24 -5.83
CA PHE B 774 -41.86 47.21 -6.51
C PHE B 774 -43.34 46.86 -6.32
N LEU B 775 -43.69 45.59 -6.53
CA LEU B 775 -45.07 45.14 -6.34
C LEU B 775 -45.57 45.43 -4.94
N ILE B 776 -44.83 44.93 -3.94
CA ILE B 776 -45.24 45.12 -2.55
C ILE B 776 -45.34 46.59 -2.23
N GLY B 777 -44.42 47.39 -2.77
CA GLY B 777 -44.46 48.82 -2.49
C GLY B 777 -45.68 49.48 -3.09
N TYR B 778 -46.03 49.12 -4.31
CA TYR B 778 -47.23 49.67 -4.91
C TYR B 778 -48.44 49.35 -4.05
N THR B 779 -48.54 48.09 -3.63
CA THR B 779 -49.67 47.68 -2.81
C THR B 779 -49.69 48.44 -1.49
N CYS B 780 -48.52 48.59 -0.87
CA CYS B 780 -48.48 49.26 0.41
C CYS B 780 -48.77 50.75 0.28
N LEU B 781 -48.42 51.36 -0.85
CA LEU B 781 -48.74 52.77 -1.04
C LEU B 781 -50.24 52.96 -1.26
N LEU B 782 -50.87 52.06 -2.01
CA LEU B 782 -52.32 52.09 -2.07
C LEU B 782 -52.92 52.03 -0.67
N ALA B 783 -52.50 51.04 0.10
CA ALA B 783 -52.99 50.92 1.47
C ALA B 783 -52.71 52.18 2.27
N ALA B 784 -51.55 52.80 2.06
CA ALA B 784 -51.14 53.95 2.86
C ALA B 784 -52.00 55.17 2.55
N ILE B 785 -52.30 55.39 1.27
CA ILE B 785 -53.20 56.48 0.92
C ILE B 785 -54.57 56.23 1.50
N CYS B 786 -55.04 54.98 1.45
CA CYS B 786 -56.31 54.66 2.10
C CYS B 786 -56.25 55.03 3.58
N PHE B 787 -55.12 54.74 4.23
CA PHE B 787 -54.96 55.03 5.64
C PHE B 787 -55.02 56.53 5.91
N PHE B 788 -54.20 57.29 5.20
CA PHE B 788 -54.16 58.73 5.40
C PHE B 788 -55.55 59.34 5.22
N PHE B 789 -56.23 58.99 4.12
CA PHE B 789 -57.52 59.59 3.85
C PHE B 789 -58.61 59.10 4.78
N ALA B 790 -58.47 57.89 5.34
CA ALA B 790 -59.48 57.45 6.28
C ALA B 790 -59.30 58.12 7.63
N PHE B 791 -58.07 58.37 8.04
CA PHE B 791 -57.87 59.06 9.32
C PHE B 791 -58.19 60.53 9.23
N LYS B 792 -57.48 61.25 8.36
CA LYS B 792 -57.63 62.70 8.30
C LYS B 792 -59.10 63.10 8.33
N SER B 793 -59.95 62.31 7.67
CA SER B 793 -61.40 62.45 7.78
C SER B 793 -62.00 61.39 8.68
N ARG B 794 -61.20 60.71 9.49
CA ARG B 794 -61.70 59.66 10.36
C ARG B 794 -62.66 60.18 11.41
N LYS B 795 -62.92 61.48 11.45
CA LYS B 795 -63.76 62.12 12.45
C LYS B 795 -64.99 62.72 11.80
N LEU B 796 -65.50 62.05 10.78
CA LEU B 796 -66.71 62.44 10.06
C LEU B 796 -67.70 61.29 10.19
N PRO B 797 -68.38 61.18 11.33
CA PRO B 797 -69.12 59.96 11.63
C PRO B 797 -70.33 59.76 10.74
N GLU B 798 -70.09 59.29 9.52
CA GLU B 798 -71.17 58.84 8.64
C GLU B 798 -71.36 57.34 8.82
N ASN B 799 -72.56 56.93 9.21
CA ASN B 799 -72.88 55.53 9.38
C ASN B 799 -71.78 54.82 10.16
N PHE B 800 -71.51 55.36 11.35
CA PHE B 800 -70.52 54.84 12.29
C PHE B 800 -69.08 55.12 11.90
N ASN B 801 -68.84 56.18 11.13
CA ASN B 801 -67.50 56.69 10.85
C ASN B 801 -66.51 55.56 10.60
N GLU B 802 -66.78 54.80 9.54
CA GLU B 802 -65.92 53.69 9.19
C GLU B 802 -64.52 54.14 8.78
N ALA B 803 -64.29 55.43 8.67
CA ALA B 803 -62.92 55.92 8.50
C ALA B 803 -62.01 55.35 9.57
N LYS B 804 -62.41 55.50 10.84
CA LYS B 804 -61.60 54.98 11.93
C LYS B 804 -61.42 53.48 11.82
N PHE B 805 -62.50 52.76 11.50
CA PHE B 805 -62.40 51.31 11.43
C PHE B 805 -61.38 50.88 10.39
N ILE B 806 -61.50 51.42 9.17
CA ILE B 806 -60.60 51.03 8.10
C ILE B 806 -59.18 51.49 8.38
N THR B 807 -59.03 52.62 9.07
CA THR B 807 -57.68 53.04 9.48
C THR B 807 -57.07 52.02 10.41
N PHE B 808 -57.78 51.67 11.49
CA PHE B 808 -57.28 50.65 12.41
C PHE B 808 -56.95 49.38 11.65
N SER B 809 -57.78 49.03 10.66
CA SER B 809 -57.51 47.87 9.82
C SER B 809 -56.17 47.99 9.13
N MET B 810 -56.03 48.99 8.26
CA MET B 810 -54.79 49.16 7.51
C MET B 810 -53.60 49.18 8.46
N LEU B 811 -53.78 49.69 9.67
CA LEU B 811 -52.68 49.72 10.61
C LEU B 811 -52.36 48.32 11.13
N ILE B 812 -53.39 47.50 11.38
CA ILE B 812 -53.09 46.11 11.75
C ILE B 812 -52.30 45.46 10.64
N PHE B 813 -52.71 45.70 9.40
CA PHE B 813 -52.02 45.14 8.25
C PHE B 813 -50.54 45.52 8.29
N PHE B 814 -50.29 46.83 8.42
CA PHE B 814 -48.94 47.35 8.54
C PHE B 814 -48.17 46.63 9.64
N ILE B 815 -48.71 46.64 10.85
CA ILE B 815 -48.01 46.11 12.01
C ILE B 815 -47.64 44.65 11.78
N VAL B 816 -48.61 43.86 11.30
CA VAL B 816 -48.35 42.44 11.09
C VAL B 816 -47.17 42.27 10.15
N TRP B 817 -47.22 42.93 9.00
CA TRP B 817 -46.12 42.76 8.06
C TRP B 817 -44.80 43.20 8.67
N ILE B 818 -44.83 44.33 9.37
CA ILE B 818 -43.62 44.84 9.99
C ILE B 818 -43.01 43.77 10.88
N SER B 819 -43.78 43.34 11.88
CA SER B 819 -43.24 42.43 12.86
C SER B 819 -42.87 41.08 12.26
N PHE B 820 -43.45 40.73 11.13
CA PHE B 820 -43.22 39.39 10.60
C PHE B 820 -42.05 39.38 9.62
N ILE B 821 -41.61 40.55 9.17
CA ILE B 821 -40.41 40.58 8.32
C ILE B 821 -39.25 39.79 8.94
N PRO B 822 -38.95 39.97 10.23
CA PRO B 822 -37.73 39.34 10.77
C PRO B 822 -37.66 37.84 10.50
N ALA B 823 -38.71 37.11 10.86
CA ALA B 823 -38.73 35.68 10.62
C ALA B 823 -38.35 35.37 9.18
N TYR B 824 -39.03 36.02 8.23
CA TYR B 824 -38.69 35.80 6.84
C TYR B 824 -37.22 36.09 6.58
N ALA B 825 -36.63 37.00 7.37
CA ALA B 825 -35.23 37.33 7.19
C ALA B 825 -34.29 36.31 7.82
N SER B 826 -34.76 35.50 8.76
CA SER B 826 -33.88 34.68 9.59
C SER B 826 -34.42 33.26 9.73
N THR B 827 -34.76 32.59 8.63
CA THR B 827 -35.26 31.23 8.76
C THR B 827 -35.03 30.46 7.47
N TYR B 828 -35.15 29.14 7.59
CA TYR B 828 -35.05 28.21 6.48
C TYR B 828 -36.37 28.16 5.72
N GLY B 829 -36.53 27.16 4.86
CA GLY B 829 -37.73 27.08 4.04
C GLY B 829 -39.02 26.82 4.79
N LYS B 830 -39.06 25.76 5.59
CA LYS B 830 -40.31 25.27 6.15
C LYS B 830 -41.05 26.33 6.94
N PHE B 831 -40.48 26.75 8.06
CA PHE B 831 -41.18 27.73 8.86
C PHE B 831 -41.28 29.07 8.15
N VAL B 832 -40.40 29.36 7.19
CA VAL B 832 -40.62 30.57 6.38
C VAL B 832 -41.99 30.53 5.74
N SER B 833 -42.25 29.48 4.96
CA SER B 833 -43.55 29.41 4.31
C SER B 833 -44.66 29.44 5.34
N ALA B 834 -44.49 28.73 6.45
CA ALA B 834 -45.56 28.67 7.44
C ALA B 834 -45.88 30.06 7.98
N VAL B 835 -44.85 30.83 8.32
CA VAL B 835 -45.08 32.16 8.84
C VAL B 835 -45.74 33.03 7.80
N GLU B 836 -45.29 32.92 6.55
CA GLU B 836 -45.90 33.73 5.50
C GLU B 836 -47.40 33.48 5.44
N VAL B 837 -47.79 32.21 5.41
CA VAL B 837 -49.21 31.91 5.28
C VAL B 837 -49.97 32.40 6.49
N ILE B 838 -49.44 32.19 7.69
CA ILE B 838 -50.11 32.70 8.88
C ILE B 838 -50.36 34.18 8.74
N ALA B 839 -49.30 34.93 8.41
CA ALA B 839 -49.42 36.36 8.26
C ALA B 839 -50.56 36.73 7.34
N ILE B 840 -50.51 36.25 6.10
CA ILE B 840 -51.54 36.62 5.14
C ILE B 840 -52.92 36.26 5.67
N LEU B 841 -53.17 34.96 5.83
CA LEU B 841 -54.48 34.51 6.28
C LEU B 841 -55.02 35.41 7.38
N ALA B 842 -54.24 35.57 8.44
CA ALA B 842 -54.76 36.29 9.60
C ALA B 842 -55.01 37.75 9.30
N ALA B 843 -54.14 38.38 8.51
CA ALA B 843 -54.32 39.80 8.23
C ALA B 843 -55.59 40.05 7.44
N SER B 844 -55.79 39.28 6.37
CA SER B 844 -57.02 39.44 5.62
C SER B 844 -58.23 39.16 6.49
N PHE B 845 -58.16 38.12 7.32
CA PHE B 845 -59.24 37.85 8.26
C PHE B 845 -59.57 39.08 9.09
N GLY B 846 -58.54 39.68 9.66
CA GLY B 846 -58.76 40.85 10.49
C GLY B 846 -59.39 41.99 9.71
N LEU B 847 -58.98 42.16 8.46
CA LEU B 847 -59.59 43.19 7.63
C LEU B 847 -61.09 42.98 7.52
N LEU B 848 -61.47 41.80 7.04
CA LEU B 848 -62.89 41.46 6.94
C LEU B 848 -63.61 41.75 8.26
N ALA B 849 -63.06 41.25 9.36
CA ALA B 849 -63.71 41.44 10.65
C ALA B 849 -63.89 42.92 10.95
N CYS B 850 -62.80 43.67 10.99
CA CYS B 850 -62.89 45.09 11.33
C CYS B 850 -63.89 45.82 10.44
N ILE B 851 -64.09 45.35 9.21
CA ILE B 851 -65.03 46.05 8.35
C ILE B 851 -66.48 45.62 8.57
N PHE B 852 -66.71 44.41 9.09
CA PHE B 852 -68.09 43.94 9.15
C PHE B 852 -68.65 43.74 10.55
N PHE B 853 -67.82 43.34 11.51
CA PHE B 853 -68.28 43.02 12.87
C PHE B 853 -69.39 43.96 13.33
N ASN B 854 -69.15 45.27 13.27
CA ASN B 854 -70.11 46.23 13.79
C ASN B 854 -71.41 46.20 12.99
N LYS B 855 -71.30 46.26 11.65
CA LYS B 855 -72.49 46.36 10.82
C LYS B 855 -73.34 45.11 10.92
N VAL B 856 -72.71 43.95 10.78
CA VAL B 856 -73.41 42.69 11.00
C VAL B 856 -74.07 42.70 12.37
N TYR B 857 -73.35 43.15 13.39
CA TYR B 857 -73.90 43.15 14.74
C TYR B 857 -75.19 43.97 14.78
N ILE B 858 -75.16 45.18 14.24
CA ILE B 858 -76.31 46.05 14.35
C ILE B 858 -77.48 45.48 13.56
N ILE B 859 -77.24 45.01 12.34
CA ILE B 859 -78.34 44.54 11.50
C ILE B 859 -78.76 43.13 11.84
N LEU B 860 -78.10 42.49 12.80
CA LEU B 860 -78.62 41.27 13.40
C LEU B 860 -79.27 41.51 14.75
N PHE B 861 -78.92 42.60 15.41
CA PHE B 861 -79.27 42.88 16.79
C PHE B 861 -80.11 44.14 16.93
N LYS B 862 -79.69 45.24 16.31
CA LYS B 862 -80.38 46.51 16.41
C LYS B 862 -80.90 46.93 15.05
N PRO B 863 -82.02 46.37 14.60
CA PRO B 863 -82.52 46.71 13.26
C PRO B 863 -83.04 48.13 13.19
N SER B 864 -82.20 49.08 13.60
CA SER B 864 -82.55 50.50 13.60
C SER B 864 -81.91 51.13 12.38
N ARG B 865 -82.58 50.99 11.23
CA ARG B 865 -82.09 51.50 9.95
C ARG B 865 -83.17 52.41 9.37
N ASN B 866 -83.15 53.69 9.77
CA ASN B 866 -84.08 54.67 9.23
C ASN B 866 -83.35 55.91 8.75
N THR B 867 -82.21 56.22 9.36
CA THR B 867 -81.41 57.37 8.97
C THR B 867 -80.10 56.92 8.33
#